data_2ZAG
#
_entry.id   2ZAG
#
_cell.length_a   137.402
_cell.length_b   266.397
_cell.length_c   73.982
_cell.angle_alpha   90.00
_cell.angle_beta   90.00
_cell.angle_gamma   90.00
#
_symmetry.space_group_name_H-M   'P 21 21 2'
#
loop_
_entity.id
_entity.type
_entity.pdbx_description
1 polymer 'Oligosaccharyl transferase stt3 subunit related protein'
2 non-polymer 'CALCIUM ION'
3 non-polymer 'CHLORIDE ION'
#
_entity_poly.entity_id   1
_entity_poly.type   'polypeptide(L)'
_entity_poly.pdbx_seq_one_letter_code
;GPLLAQSAKS(MSE)RTTEIETSGWEDALKWLRENTPEYSTATSWWDYGYWIESSLLGQRRASADGGHARDRDHILALFL
ARDGNISEVDFESWELNYFLVYLNDWAKFNAISYLGGAITRREYNGDESGRGAVTTLLPLPRYGEKYVNLYAKVIVDVSN
SSVKVTVGDRECDPL(MSE)VTFTPSGKTIKGTGTCSDGNAFPYVLHLTPTIGVLAYYKVATANFIKLAFGVPASTIPGF
SDKLFSNFEPVYESGNVIVYRFTPFGIYKIEENINGTWKQVYNLTPGKHELKLYISAFGRDIENATLYIYAINNEKIIEK
IKIAEISH(MSE)DYLNEYPIAVNVTLPNATSYRFVLVQKGPIGVLLDAPKVNGEIRSPTNILREGESGEIELKVGVDKD
YTADLYLRATFIYLVRKSGKDNEDYDAAFEPQ(MSE)DVFFITKIGENIQLKEGENTVKVRAELPEGVISSYKDELQRKY
GDKLIIRGIRVEPVFIAEKEYL(MSE)LEVSASAPHH
;
_entity_poly.pdbx_strand_id   A,B,C,D
#
loop_
_chem_comp.id
_chem_comp.type
_chem_comp.name
_chem_comp.formula
CA non-polymer 'CALCIUM ION' 'Ca 2'
CL non-polymer 'CHLORIDE ION' 'Cl -1'
#
# COMPACT_ATOMS: atom_id res chain seq x y z
N GLU A 17 21.36 -30.03 -30.91
CA GLU A 17 21.20 -28.63 -30.42
C GLU A 17 19.78 -28.42 -29.91
N THR A 18 18.99 -29.49 -29.98
CA THR A 18 17.60 -29.46 -29.52
C THR A 18 17.51 -29.37 -27.99
N SER A 19 16.44 -28.73 -27.51
CA SER A 19 16.22 -28.57 -26.09
C SER A 19 15.29 -29.65 -25.58
N GLY A 20 15.27 -30.78 -26.27
CA GLY A 20 14.40 -31.88 -25.91
C GLY A 20 13.19 -31.94 -26.85
N TRP A 21 13.07 -30.93 -27.70
CA TRP A 21 11.98 -30.83 -28.65
C TRP A 21 11.83 -32.06 -29.54
N GLU A 22 12.92 -32.56 -30.10
CA GLU A 22 12.79 -33.72 -30.96
C GLU A 22 12.43 -34.96 -30.15
N ASP A 23 12.97 -35.09 -28.94
CA ASP A 23 12.66 -36.24 -28.09
C ASP A 23 11.20 -36.25 -27.73
N ALA A 24 10.65 -35.08 -27.47
CA ALA A 24 9.26 -34.97 -27.08
C ALA A 24 8.33 -35.20 -28.27
N LEU A 25 8.60 -34.53 -29.38
CA LEU A 25 7.78 -34.68 -30.58
C LEU A 25 7.86 -36.12 -31.05
N LYS A 26 9.08 -36.60 -31.24
CA LYS A 26 9.28 -37.96 -31.68
C LYS A 26 8.63 -38.95 -30.74
N TRP A 27 8.34 -38.53 -29.51
CA TRP A 27 7.68 -39.41 -28.53
C TRP A 27 6.18 -39.44 -28.80
N LEU A 28 5.63 -38.27 -29.13
CA LEU A 28 4.21 -38.13 -29.41
C LEU A 28 3.78 -38.97 -30.60
N ARG A 29 4.55 -38.87 -31.69
CA ARG A 29 4.25 -39.62 -32.89
C ARG A 29 4.22 -41.12 -32.59
N GLU A 30 5.05 -41.55 -31.65
CA GLU A 30 5.09 -42.96 -31.32
C GLU A 30 4.28 -43.37 -30.11
N ASN A 31 3.50 -42.47 -29.52
CA ASN A 31 2.72 -42.85 -28.35
C ASN A 31 1.31 -42.26 -28.27
N THR A 32 0.85 -41.64 -29.34
CA THR A 32 -0.48 -41.06 -29.33
C THR A 32 -1.18 -41.35 -30.65
N PRO A 33 -2.53 -41.40 -30.61
CA PRO A 33 -3.33 -41.65 -31.81
C PRO A 33 -2.82 -40.87 -33.00
N GLU A 34 -3.11 -41.39 -34.20
CA GLU A 34 -2.68 -40.79 -35.45
C GLU A 34 -3.32 -39.42 -35.68
N TYR A 35 -4.52 -39.21 -35.15
CA TYR A 35 -5.21 -37.95 -35.33
C TYR A 35 -5.34 -37.13 -34.03
N SER A 36 -4.27 -37.11 -33.24
CA SER A 36 -4.25 -36.34 -32.01
C SER A 36 -3.94 -34.89 -32.39
N THR A 37 -3.96 -34.01 -31.40
CA THR A 37 -3.69 -32.60 -31.67
C THR A 37 -2.92 -32.06 -30.48
N ALA A 38 -1.80 -31.41 -30.77
CA ALA A 38 -0.99 -30.85 -29.71
C ALA A 38 -0.76 -29.36 -29.96
N THR A 39 -0.37 -28.64 -28.90
CA THR A 39 -0.06 -27.23 -29.02
C THR A 39 1.15 -26.90 -28.18
N SER A 40 1.78 -25.79 -28.54
CA SER A 40 2.96 -25.32 -27.86
C SER A 40 2.87 -23.82 -27.99
N TRP A 41 3.45 -23.08 -27.07
CA TRP A 41 3.39 -21.64 -27.21
C TRP A 41 4.21 -21.26 -28.43
N TRP A 42 3.62 -20.41 -29.28
CA TRP A 42 4.26 -19.92 -30.49
C TRP A 42 4.54 -21.00 -31.53
N ASP A 43 3.84 -22.13 -31.42
CA ASP A 43 3.97 -23.21 -32.37
C ASP A 43 5.35 -23.83 -32.56
N TYR A 44 6.18 -23.82 -31.52
CA TYR A 44 7.51 -24.43 -31.65
C TYR A 44 7.38 -25.90 -32.05
N GLY A 45 6.28 -26.52 -31.64
CA GLY A 45 6.07 -27.91 -31.97
C GLY A 45 5.97 -28.12 -33.45
N TYR A 46 5.03 -27.43 -34.08
CA TYR A 46 4.82 -27.55 -35.51
C TYR A 46 6.08 -27.18 -36.28
N TRP A 47 6.64 -26.01 -35.94
CA TRP A 47 7.84 -25.52 -36.59
C TRP A 47 9.01 -26.50 -36.48
N ILE A 48 9.23 -27.09 -35.31
CA ILE A 48 10.33 -28.03 -35.16
C ILE A 48 10.15 -29.21 -36.09
N GLU A 49 8.96 -29.82 -36.03
CA GLU A 49 8.63 -30.98 -36.85
C GLU A 49 8.56 -30.67 -38.33
N SER A 50 7.85 -29.62 -38.71
CA SER A 50 7.74 -29.31 -40.12
C SER A 50 9.00 -28.67 -40.71
N SER A 51 9.22 -27.39 -40.43
CA SER A 51 10.38 -26.65 -40.96
C SER A 51 11.79 -27.18 -40.69
N LEU A 52 12.02 -27.77 -39.52
CA LEU A 52 13.35 -28.29 -39.22
C LEU A 52 13.57 -29.76 -39.58
N LEU A 53 12.57 -30.61 -39.33
CA LEU A 53 12.69 -32.05 -39.62
C LEU A 53 11.83 -32.58 -40.79
N GLY A 54 11.10 -31.69 -41.48
CA GLY A 54 10.25 -32.09 -42.60
C GLY A 54 9.14 -33.08 -42.26
N GLN A 55 7.89 -32.61 -42.16
CA GLN A 55 6.76 -33.48 -41.83
C GLN A 55 5.36 -32.86 -42.02
N ARG A 56 4.38 -33.75 -42.23
CA ARG A 56 2.96 -33.41 -42.42
C ARG A 56 2.10 -34.66 -42.19
N ARG A 57 0.92 -34.48 -41.60
CA ARG A 57 0.04 -35.61 -41.30
C ARG A 57 -1.45 -35.23 -41.40
N ALA A 58 -1.70 -33.93 -41.45
CA ALA A 58 -3.04 -33.39 -41.55
C ALA A 58 -2.85 -31.92 -41.95
N SER A 59 -3.93 -31.25 -42.36
CA SER A 59 -3.82 -29.83 -42.75
C SER A 59 -3.36 -28.98 -41.56
N ALA A 60 -3.31 -29.62 -40.40
CA ALA A 60 -2.88 -28.99 -39.16
C ALA A 60 -2.43 -30.15 -38.24
N ASP A 61 -1.55 -29.83 -37.30
CA ASP A 61 -1.03 -30.81 -36.34
C ASP A 61 -1.21 -30.24 -34.93
N GLY A 62 -1.44 -28.92 -34.87
CA GLY A 62 -1.66 -28.21 -33.62
C GLY A 62 -2.37 -26.90 -33.89
N GLY A 63 -2.49 -26.06 -32.85
CA GLY A 63 -3.13 -24.75 -33.01
C GLY A 63 -2.15 -23.80 -33.70
N HIS A 64 -2.67 -22.76 -34.33
CA HIS A 64 -1.84 -21.79 -35.05
C HIS A 64 -2.48 -20.40 -34.91
N ALA A 65 -2.15 -19.52 -35.85
CA ALA A 65 -2.70 -18.17 -35.92
C ALA A 65 -2.70 -17.30 -34.68
N ARG A 66 -2.50 -16.00 -34.94
CA ARG A 66 -2.44 -14.92 -33.95
C ARG A 66 -3.63 -14.72 -32.99
N ASP A 67 -4.72 -15.46 -33.20
CA ASP A 67 -5.88 -15.34 -32.31
C ASP A 67 -5.75 -16.41 -31.20
N ARG A 68 -5.08 -17.51 -31.52
CA ARG A 68 -4.84 -18.57 -30.56
C ARG A 68 -3.64 -18.14 -29.72
N ASP A 69 -2.72 -17.37 -30.33
CA ASP A 69 -1.59 -16.90 -29.57
C ASP A 69 -2.14 -16.15 -28.37
N HIS A 70 -3.19 -15.36 -28.59
CA HIS A 70 -3.83 -14.64 -27.50
C HIS A 70 -4.47 -15.57 -26.49
N ILE A 71 -5.19 -16.59 -26.94
CA ILE A 71 -5.87 -17.45 -25.98
C ILE A 71 -4.92 -18.44 -25.31
N LEU A 72 -3.84 -18.80 -25.99
CA LEU A 72 -2.84 -19.70 -25.41
C LEU A 72 -2.17 -18.96 -24.24
N ALA A 73 -1.86 -17.69 -24.46
CA ALA A 73 -1.25 -16.83 -23.46
C ALA A 73 -2.21 -16.61 -22.30
N LEU A 74 -3.48 -16.40 -22.60
CA LEU A 74 -4.47 -16.20 -21.54
C LEU A 74 -4.40 -17.35 -20.56
N PHE A 75 -4.10 -18.54 -21.05
CA PHE A 75 -4.02 -19.69 -20.17
C PHE A 75 -2.70 -19.74 -19.42
N LEU A 76 -1.61 -19.62 -20.17
CA LEU A 76 -0.26 -19.67 -19.64
C LEU A 76 0.09 -18.56 -18.63
N ALA A 77 -0.37 -17.35 -18.93
CA ALA A 77 -0.08 -16.20 -18.10
C ALA A 77 -1.03 -15.93 -16.94
N ARG A 78 -2.20 -16.56 -16.93
CA ARG A 78 -3.15 -16.31 -15.84
C ARG A 78 -3.34 -17.47 -14.86
N ASP A 79 -4.30 -17.30 -13.96
CA ASP A 79 -4.59 -18.30 -12.95
C ASP A 79 -6.00 -18.02 -12.46
N GLY A 80 -6.68 -19.04 -11.93
CA GLY A 80 -8.04 -18.85 -11.47
C GLY A 80 -9.05 -18.85 -12.61
N ASN A 81 -10.30 -18.55 -12.28
CA ASN A 81 -11.38 -18.53 -13.27
C ASN A 81 -11.02 -18.04 -14.65
N ILE A 82 -10.49 -16.82 -14.76
CA ILE A 82 -10.20 -16.31 -16.09
C ILE A 82 -9.16 -17.07 -16.94
N SER A 83 -8.51 -18.09 -16.36
CA SER A 83 -7.52 -18.85 -17.11
C SER A 83 -8.09 -20.15 -17.62
N GLU A 84 -9.30 -20.51 -17.18
CA GLU A 84 -9.92 -21.75 -17.62
C GLU A 84 -10.39 -21.52 -19.08
N VAL A 85 -9.45 -21.71 -20.00
CA VAL A 85 -9.67 -21.52 -21.41
C VAL A 85 -10.27 -22.82 -21.97
N ASP A 86 -11.18 -22.71 -22.93
CA ASP A 86 -11.82 -23.90 -23.48
C ASP A 86 -11.00 -24.68 -24.50
N PHE A 87 -9.99 -25.39 -24.04
CA PHE A 87 -9.16 -26.15 -24.95
C PHE A 87 -9.90 -27.28 -25.68
N GLU A 88 -10.99 -27.77 -25.08
CA GLU A 88 -11.76 -28.85 -25.70
C GLU A 88 -12.35 -28.42 -27.05
N SER A 89 -12.79 -27.17 -27.13
CA SER A 89 -13.34 -26.65 -28.35
C SER A 89 -12.35 -26.74 -29.51
N TRP A 90 -11.09 -27.06 -29.20
CA TRP A 90 -10.06 -27.19 -30.23
C TRP A 90 -9.77 -28.68 -30.44
N GLU A 91 -10.47 -29.53 -29.70
CA GLU A 91 -10.25 -30.97 -29.76
C GLU A 91 -8.74 -31.12 -29.45
N LEU A 92 -8.31 -30.54 -28.33
CA LEU A 92 -6.91 -30.58 -27.92
C LEU A 92 -6.60 -31.85 -27.12
N ASN A 93 -5.44 -32.43 -27.35
CA ASN A 93 -5.07 -33.67 -26.66
C ASN A 93 -3.78 -33.54 -25.85
N TYR A 94 -2.83 -32.80 -26.41
CA TYR A 94 -1.54 -32.61 -25.75
C TYR A 94 -1.05 -31.17 -25.75
N PHE A 95 -0.37 -30.81 -24.66
CA PHE A 95 0.17 -29.47 -24.51
C PHE A 95 1.67 -29.60 -24.19
N LEU A 96 2.52 -28.95 -24.96
CA LEU A 96 3.95 -29.03 -24.66
C LEU A 96 4.45 -27.68 -24.11
N VAL A 97 4.74 -27.63 -22.81
CA VAL A 97 5.27 -26.42 -22.20
C VAL A 97 6.79 -26.45 -22.38
N TYR A 98 7.35 -25.31 -22.73
CA TYR A 98 8.79 -25.17 -22.96
C TYR A 98 9.42 -24.23 -21.92
N LEU A 99 10.19 -24.78 -20.99
CA LEU A 99 10.83 -23.95 -19.95
C LEU A 99 11.46 -22.67 -20.50
N ASN A 100 12.19 -22.78 -21.60
CA ASN A 100 12.84 -21.62 -22.19
C ASN A 100 11.90 -20.48 -22.49
N ASP A 101 10.61 -20.78 -22.59
CA ASP A 101 9.63 -19.73 -22.88
C ASP A 101 9.59 -18.66 -21.79
N TRP A 102 10.30 -18.89 -20.69
CA TRP A 102 10.30 -17.89 -19.63
C TRP A 102 10.87 -16.60 -20.23
N ALA A 103 11.81 -16.76 -21.16
CA ALA A 103 12.43 -15.60 -21.80
C ALA A 103 11.45 -14.74 -22.60
N LYS A 104 10.31 -15.31 -22.97
CA LYS A 104 9.32 -14.59 -23.76
C LYS A 104 8.10 -14.26 -22.92
N PHE A 105 8.13 -14.68 -21.66
CA PHE A 105 6.98 -14.46 -20.80
C PHE A 105 6.51 -13.02 -20.72
N ASN A 106 7.35 -12.09 -21.11
CA ASN A 106 6.89 -10.74 -21.05
C ASN A 106 5.82 -10.53 -22.11
N ALA A 107 6.05 -11.07 -23.31
CA ALA A 107 5.09 -10.98 -24.40
C ALA A 107 3.91 -11.89 -24.05
N ILE A 108 4.20 -13.11 -23.60
CA ILE A 108 3.12 -14.01 -23.22
C ILE A 108 2.18 -13.34 -22.20
N SER A 109 2.76 -12.65 -21.23
CA SER A 109 1.95 -11.99 -20.21
C SER A 109 1.18 -10.84 -20.78
N TYR A 110 1.74 -10.21 -21.80
CA TYR A 110 1.07 -9.08 -22.42
C TYR A 110 -0.14 -9.53 -23.28
N LEU A 111 0.10 -10.52 -24.15
CA LEU A 111 -0.96 -11.08 -25.00
C LEU A 111 -2.04 -11.71 -24.15
N GLY A 112 -1.63 -12.24 -22.98
CA GLY A 112 -2.55 -12.87 -22.05
C GLY A 112 -3.30 -11.86 -21.20
N GLY A 113 -3.05 -10.57 -21.42
CA GLY A 113 -3.73 -9.54 -20.64
C GLY A 113 -3.41 -9.47 -19.15
N ALA A 114 -2.23 -9.97 -18.77
CA ALA A 114 -1.82 -9.98 -17.40
C ALA A 114 -1.16 -8.64 -17.00
N ILE A 115 -0.31 -8.11 -17.87
CA ILE A 115 0.38 -6.86 -17.59
C ILE A 115 -0.05 -5.77 -18.58
N THR A 116 0.41 -4.53 -18.36
CA THR A 116 0.05 -3.42 -19.24
C THR A 116 1.12 -3.20 -20.29
N ARG A 117 0.85 -2.31 -21.23
CA ARG A 117 1.84 -2.07 -22.28
C ARG A 117 3.16 -1.56 -21.70
N ARG A 118 3.06 -0.74 -20.66
CA ARG A 118 4.25 -0.17 -20.02
C ARG A 118 5.11 -1.23 -19.32
N GLU A 119 4.45 -2.11 -18.57
CA GLU A 119 5.17 -3.15 -17.85
C GLU A 119 5.74 -4.13 -18.85
N TYR A 120 5.18 -4.09 -20.05
CA TYR A 120 5.60 -5.01 -21.09
C TYR A 120 6.95 -4.59 -21.69
N ASN A 121 7.07 -3.32 -22.08
CA ASN A 121 8.30 -2.84 -22.69
C ASN A 121 8.60 -1.36 -22.49
N GLY A 122 8.09 -0.80 -21.40
CA GLY A 122 8.32 0.61 -21.08
C GLY A 122 7.57 1.59 -21.93
N ASP A 123 7.38 2.80 -21.40
CA ASP A 123 6.65 3.85 -22.11
C ASP A 123 7.53 4.64 -23.07
N GLU A 124 7.02 5.75 -23.56
CA GLU A 124 7.75 6.57 -24.54
C GLU A 124 9.13 7.01 -24.06
N SER A 125 9.28 7.18 -22.75
CA SER A 125 10.55 7.61 -22.16
C SER A 125 11.32 6.43 -21.60
N GLY A 126 11.17 5.28 -22.23
CA GLY A 126 11.86 4.08 -21.79
C GLY A 126 11.81 3.72 -20.31
N ARG A 127 10.71 4.01 -19.62
CA ARG A 127 10.62 3.67 -18.21
C ARG A 127 9.38 2.82 -17.88
N GLY A 128 9.51 1.91 -16.92
CA GLY A 128 8.36 1.11 -16.51
C GLY A 128 8.39 -0.38 -16.76
N ALA A 129 9.05 -0.78 -17.84
CA ALA A 129 9.11 -2.19 -18.21
C ALA A 129 9.40 -3.01 -16.97
N VAL A 130 9.01 -4.27 -16.98
CA VAL A 130 9.21 -5.14 -15.82
C VAL A 130 9.74 -6.46 -16.30
N THR A 131 10.17 -7.31 -15.37
CA THR A 131 10.66 -8.62 -15.73
C THR A 131 9.71 -9.63 -15.12
N THR A 132 8.66 -9.96 -15.84
CA THR A 132 7.66 -10.89 -15.36
C THR A 132 8.17 -12.18 -14.74
N LEU A 133 9.05 -12.90 -15.42
CA LEU A 133 9.56 -14.15 -14.86
C LEU A 133 11.05 -14.25 -15.00
N LEU A 134 11.68 -14.82 -13.99
CA LEU A 134 13.11 -15.01 -13.98
C LEU A 134 13.41 -16.30 -13.25
N PRO A 135 14.03 -17.25 -13.93
CA PRO A 135 14.34 -18.53 -13.29
C PRO A 135 15.71 -18.51 -12.56
N LEU A 136 15.77 -19.12 -11.40
CA LEU A 136 16.99 -19.11 -10.63
C LEU A 136 17.46 -20.51 -10.31
N PRO A 137 18.32 -21.08 -11.15
CA PRO A 137 18.80 -22.44 -10.89
C PRO A 137 19.63 -22.40 -9.62
N ARG A 138 19.74 -23.55 -8.95
CA ARG A 138 20.53 -23.63 -7.72
C ARG A 138 22.02 -23.42 -7.96
N TYR A 139 22.76 -23.31 -6.86
CA TYR A 139 24.20 -23.18 -6.88
C TYR A 139 24.76 -23.85 -5.62
N GLY A 140 23.90 -23.97 -4.62
CA GLY A 140 24.27 -24.59 -3.36
C GLY A 140 23.93 -23.59 -2.28
N GLU A 141 22.74 -23.74 -1.69
CA GLU A 141 22.30 -22.83 -0.63
C GLU A 141 22.12 -21.42 -1.19
N LYS A 142 22.38 -21.31 -2.49
CA LYS A 142 22.24 -20.07 -3.22
C LYS A 142 21.48 -20.36 -4.53
N TYR A 143 20.57 -19.47 -4.90
CA TYR A 143 19.84 -19.61 -6.15
C TYR A 143 20.27 -18.40 -6.96
N VAL A 144 20.74 -18.59 -8.19
CA VAL A 144 21.17 -17.41 -8.93
C VAL A 144 20.98 -17.40 -10.46
N ASN A 145 20.44 -16.29 -10.97
CA ASN A 145 20.27 -16.11 -12.40
C ASN A 145 21.45 -15.24 -12.81
N LEU A 146 22.50 -15.91 -13.26
CA LEU A 146 23.73 -15.25 -13.67
C LEU A 146 23.49 -14.08 -14.62
N TYR A 147 22.77 -14.36 -15.70
CA TYR A 147 22.46 -13.36 -16.70
C TYR A 147 21.79 -12.08 -16.16
N ALA A 148 21.04 -12.17 -15.07
CA ALA A 148 20.33 -11.01 -14.55
C ALA A 148 20.96 -10.41 -13.31
N LYS A 149 22.05 -11.03 -12.85
CA LYS A 149 22.72 -10.55 -11.67
C LYS A 149 21.83 -10.64 -10.45
N VAL A 150 21.11 -11.76 -10.29
CA VAL A 150 20.25 -11.94 -9.13
C VAL A 150 20.73 -13.11 -8.28
N ILE A 151 20.77 -12.91 -6.97
CA ILE A 151 21.24 -13.97 -6.07
C ILE A 151 20.27 -14.08 -4.94
N VAL A 152 19.93 -15.30 -4.59
CA VAL A 152 19.02 -15.53 -3.48
C VAL A 152 19.79 -16.37 -2.51
N ASP A 153 19.93 -15.83 -1.30
CA ASP A 153 20.65 -16.50 -0.23
C ASP A 153 19.64 -16.83 0.85
N VAL A 154 19.46 -18.13 1.07
CA VAL A 154 18.50 -18.59 2.07
C VAL A 154 19.20 -19.03 3.34
N SER A 155 20.24 -19.86 3.15
CA SER A 155 21.04 -20.41 4.24
C SER A 155 21.10 -19.54 5.52
N ASN A 156 20.32 -19.97 6.52
CA ASN A 156 20.15 -19.34 7.84
C ASN A 156 18.64 -19.21 8.06
N SER A 157 17.89 -19.43 6.98
CA SER A 157 16.44 -19.36 6.97
C SER A 157 15.98 -17.93 7.20
N SER A 158 16.28 -17.07 6.23
CA SER A 158 15.92 -15.65 6.31
C SER A 158 15.70 -15.11 4.89
N VAL A 159 16.43 -15.66 3.92
CA VAL A 159 16.31 -15.25 2.53
C VAL A 159 16.79 -13.84 2.21
N LYS A 160 17.93 -13.76 1.54
CA LYS A 160 18.50 -12.50 1.13
C LYS A 160 18.47 -12.45 -0.40
N VAL A 161 17.83 -11.43 -0.96
CA VAL A 161 17.77 -11.32 -2.41
C VAL A 161 18.56 -10.14 -2.92
N THR A 162 19.53 -10.44 -3.77
CA THR A 162 20.38 -9.41 -4.34
C THR A 162 20.04 -9.26 -5.82
N VAL A 163 19.72 -8.04 -6.20
CA VAL A 163 19.40 -7.73 -7.57
C VAL A 163 20.33 -6.64 -8.02
N GLY A 164 21.43 -7.03 -8.66
CA GLY A 164 22.39 -6.05 -9.12
C GLY A 164 23.17 -5.60 -7.90
N ASP A 165 23.18 -4.31 -7.62
CA ASP A 165 23.87 -3.83 -6.45
C ASP A 165 22.89 -3.89 -5.29
N ARG A 166 21.64 -3.50 -5.55
CA ARG A 166 20.58 -3.46 -4.55
C ARG A 166 20.27 -4.75 -3.80
N GLU A 167 19.57 -4.60 -2.69
CA GLU A 167 19.16 -5.72 -1.87
C GLU A 167 17.65 -5.58 -1.83
N CYS A 168 16.94 -6.57 -2.32
CA CYS A 168 15.49 -6.48 -2.35
C CYS A 168 14.79 -7.56 -1.58
N ASP A 169 13.61 -7.21 -1.06
CA ASP A 169 12.80 -8.10 -0.26
C ASP A 169 11.47 -8.40 -0.95
N PRO A 170 11.26 -9.67 -1.33
CA PRO A 170 10.03 -10.10 -1.99
C PRO A 170 8.77 -9.63 -1.25
N LEU A 171 7.62 -9.77 -1.91
CA LEU A 171 6.34 -9.44 -1.33
C LEU A 171 6.02 -10.72 -0.60
N MSE A 172 6.72 -11.77 -1.00
CA MSE A 172 6.50 -13.09 -0.40
C MSE A 172 7.44 -14.13 -1.00
O MSE A 172 7.84 -14.04 -2.15
CB MSE A 172 5.07 -13.50 -0.67
CG MSE A 172 4.68 -14.78 -0.03
SE MSE A 172 2.94 -15.32 -0.68
CE MSE A 172 1.91 -13.74 -0.16
N VAL A 173 7.77 -15.13 -0.20
CA VAL A 173 8.66 -16.20 -0.64
C VAL A 173 7.98 -17.51 -0.31
N THR A 174 8.08 -18.50 -1.19
CA THR A 174 7.44 -19.79 -0.92
C THR A 174 8.39 -20.96 -1.10
N PHE A 175 8.15 -22.00 -0.31
CA PHE A 175 8.96 -23.21 -0.39
C PHE A 175 8.05 -24.36 -0.77
N THR A 176 8.57 -25.26 -1.58
CA THR A 176 7.82 -26.40 -2.07
C THR A 176 8.83 -27.51 -2.33
N PRO A 177 8.57 -28.73 -1.84
CA PRO A 177 7.45 -29.32 -1.08
C PRO A 177 7.02 -28.63 0.21
N SER A 178 7.99 -28.12 0.97
CA SER A 178 7.72 -27.45 2.25
C SER A 178 6.34 -26.80 2.44
N GLY A 179 6.05 -25.78 1.64
CA GLY A 179 4.79 -25.09 1.78
C GLY A 179 4.94 -23.93 2.73
N LYS A 180 6.16 -23.70 3.21
CA LYS A 180 6.40 -22.58 4.13
C LYS A 180 6.25 -21.30 3.32
N THR A 181 5.96 -20.18 3.99
CA THR A 181 5.75 -18.95 3.25
C THR A 181 6.11 -17.66 4.00
N ILE A 182 7.35 -17.22 3.88
CA ILE A 182 7.76 -15.99 4.55
C ILE A 182 7.07 -14.81 3.84
N LYS A 183 6.66 -13.83 4.62
CA LYS A 183 5.96 -12.67 4.09
C LYS A 183 6.87 -11.45 3.96
N GLY A 184 7.41 -11.23 2.77
CA GLY A 184 8.28 -10.09 2.56
C GLY A 184 7.63 -8.73 2.69
N THR A 185 8.33 -7.71 2.22
CA THR A 185 7.87 -6.33 2.27
C THR A 185 7.77 -5.73 0.88
N GLY A 186 8.22 -6.51 -0.11
CA GLY A 186 8.16 -6.05 -1.48
C GLY A 186 8.82 -4.70 -1.70
N THR A 187 10.01 -4.53 -1.15
CA THR A 187 10.76 -3.29 -1.30
C THR A 187 12.23 -3.57 -1.46
N CYS A 188 12.96 -2.60 -1.99
CA CYS A 188 14.39 -2.74 -2.15
C CYS A 188 15.08 -1.77 -1.21
N SER A 189 16.36 -2.04 -0.95
CA SER A 189 17.20 -1.20 -0.09
C SER A 189 17.35 0.10 -0.83
N ASP A 190 16.97 0.07 -2.09
CA ASP A 190 17.03 1.22 -2.95
C ASP A 190 15.93 2.13 -2.43
N GLY A 191 15.04 1.53 -1.65
CA GLY A 191 13.91 2.23 -1.10
C GLY A 191 12.71 1.92 -1.98
N ASN A 192 13.00 1.64 -3.26
CA ASN A 192 12.01 1.31 -4.30
C ASN A 192 11.14 0.10 -3.97
N ALA A 193 10.02 0.01 -4.72
CA ALA A 193 9.09 -1.09 -4.57
C ALA A 193 9.61 -2.25 -5.40
N PHE A 194 9.46 -3.44 -4.84
CA PHE A 194 9.91 -4.65 -5.49
C PHE A 194 8.70 -5.58 -5.40
N PRO A 195 7.69 -5.32 -6.23
CA PRO A 195 6.50 -6.17 -6.17
C PRO A 195 6.71 -7.55 -6.79
N TYR A 196 7.61 -8.34 -6.23
CA TYR A 196 7.90 -9.65 -6.77
C TYR A 196 7.64 -10.75 -5.78
N VAL A 197 7.48 -11.95 -6.27
CA VAL A 197 7.23 -13.09 -5.41
C VAL A 197 8.32 -14.05 -5.77
N LEU A 198 8.83 -14.77 -4.78
CA LEU A 198 9.88 -15.70 -5.08
C LEU A 198 9.42 -17.09 -4.67
N HIS A 199 9.43 -18.02 -5.63
CA HIS A 199 9.01 -19.38 -5.35
C HIS A 199 10.30 -20.16 -5.39
N LEU A 200 10.57 -20.91 -4.33
CA LEU A 200 11.80 -21.71 -4.28
C LEU A 200 11.49 -23.18 -4.18
N THR A 201 12.23 -23.97 -4.95
CA THR A 201 12.08 -25.42 -4.95
C THR A 201 13.48 -26.00 -5.03
N PRO A 202 13.70 -27.16 -4.41
CA PRO A 202 15.00 -27.82 -4.42
C PRO A 202 15.94 -27.55 -5.59
N THR A 203 15.48 -27.77 -6.82
CA THR A 203 16.34 -27.59 -7.98
C THR A 203 16.36 -26.23 -8.66
N ILE A 204 15.34 -25.42 -8.38
CA ILE A 204 15.29 -24.12 -9.01
C ILE A 204 14.34 -23.20 -8.27
N GLY A 205 14.50 -21.91 -8.52
CA GLY A 205 13.64 -20.93 -7.90
C GLY A 205 13.18 -20.04 -9.03
N VAL A 206 12.07 -19.34 -8.82
CA VAL A 206 11.57 -18.45 -9.84
C VAL A 206 11.07 -17.17 -9.18
N LEU A 207 11.53 -16.05 -9.74
CA LEU A 207 11.18 -14.72 -9.25
C LEU A 207 10.14 -14.21 -10.24
N ALA A 208 8.95 -13.89 -9.75
CA ALA A 208 7.87 -13.46 -10.62
C ALA A 208 7.12 -12.21 -10.23
N TYR A 209 6.98 -11.29 -11.17
CA TYR A 209 6.24 -10.05 -10.95
C TYR A 209 4.87 -10.45 -10.36
N TYR A 210 4.27 -9.62 -9.52
CA TYR A 210 3.02 -10.03 -8.88
C TYR A 210 1.85 -10.38 -9.78
N LYS A 211 1.72 -9.68 -10.89
CA LYS A 211 0.64 -9.90 -11.83
C LYS A 211 0.70 -11.29 -12.46
N VAL A 212 1.84 -11.95 -12.34
CA VAL A 212 1.94 -13.29 -12.90
C VAL A 212 2.57 -14.29 -11.93
N ALA A 213 2.45 -14.01 -10.64
CA ALA A 213 3.03 -14.88 -9.64
C ALA A 213 2.40 -16.27 -9.62
N THR A 214 1.10 -16.35 -9.88
CA THR A 214 0.42 -17.64 -9.88
C THR A 214 0.21 -18.20 -11.30
N ALA A 215 0.87 -17.60 -12.29
CA ALA A 215 0.79 -18.01 -13.68
C ALA A 215 0.85 -19.52 -13.86
N ASN A 216 -0.10 -20.04 -14.65
CA ASN A 216 -0.19 -21.49 -14.92
C ASN A 216 1.06 -22.01 -15.57
N PHE A 217 1.72 -21.17 -16.38
CA PHE A 217 2.96 -21.61 -16.99
C PHE A 217 3.98 -21.97 -15.87
N ILE A 218 3.96 -21.23 -14.76
CA ILE A 218 4.87 -21.51 -13.65
C ILE A 218 4.50 -22.87 -13.09
N LYS A 219 3.19 -23.11 -12.99
CA LYS A 219 2.67 -24.38 -12.48
C LYS A 219 3.09 -25.55 -13.36
N LEU A 220 3.05 -25.36 -14.67
CA LEU A 220 3.41 -26.46 -15.56
C LEU A 220 4.88 -26.62 -15.79
N ALA A 221 5.58 -25.52 -16.02
CA ALA A 221 7.00 -25.57 -16.32
C ALA A 221 7.97 -25.84 -15.17
N PHE A 222 7.85 -25.06 -14.09
CA PHE A 222 8.74 -25.17 -12.94
C PHE A 222 8.29 -25.95 -11.73
N GLY A 223 7.18 -26.66 -11.88
CA GLY A 223 6.68 -27.46 -10.77
C GLY A 223 6.35 -26.71 -9.49
N VAL A 224 5.71 -25.55 -9.59
CA VAL A 224 5.33 -24.77 -8.42
C VAL A 224 3.80 -24.62 -8.40
N PRO A 225 3.11 -25.31 -7.48
CA PRO A 225 1.65 -25.29 -7.30
C PRO A 225 1.05 -23.88 -7.10
N ALA A 226 1.72 -22.90 -7.66
CA ALA A 226 1.32 -21.52 -7.51
C ALA A 226 -0.14 -21.10 -7.75
N SER A 227 -1.02 -21.17 -6.76
CA SER A 227 -2.37 -20.67 -7.03
C SER A 227 -3.05 -19.82 -5.96
N THR A 228 -3.43 -18.61 -6.35
CA THR A 228 -4.08 -17.70 -5.43
C THR A 228 -5.53 -18.09 -5.14
N ILE A 229 -5.92 -19.27 -5.63
CA ILE A 229 -7.27 -19.80 -5.46
C ILE A 229 -7.21 -21.22 -4.93
N PRO A 230 -7.74 -21.45 -3.71
CA PRO A 230 -7.72 -22.80 -3.13
C PRO A 230 -8.38 -23.88 -4.02
N GLY A 231 -7.70 -25.01 -4.18
CA GLY A 231 -8.25 -26.09 -4.98
C GLY A 231 -7.84 -26.07 -6.45
N PHE A 232 -7.85 -24.88 -7.04
CA PHE A 232 -7.49 -24.73 -8.43
C PHE A 232 -6.28 -25.57 -8.80
N SER A 233 -5.16 -25.36 -8.15
CA SER A 233 -3.97 -26.10 -8.51
C SER A 233 -4.15 -27.63 -8.54
N ASP A 234 -4.92 -28.18 -7.60
CA ASP A 234 -5.15 -29.62 -7.59
C ASP A 234 -5.97 -30.02 -8.80
N LYS A 235 -7.05 -29.28 -9.02
CA LYS A 235 -7.88 -29.52 -10.16
C LYS A 235 -7.07 -29.45 -11.45
N LEU A 236 -6.34 -28.37 -11.65
CA LEU A 236 -5.57 -28.24 -12.89
C LEU A 236 -4.65 -29.42 -13.19
N PHE A 237 -4.00 -29.99 -12.19
CA PHE A 237 -3.11 -31.10 -12.49
C PHE A 237 -3.89 -32.38 -12.76
N SER A 238 -5.22 -32.29 -12.73
CA SER A 238 -6.05 -33.44 -13.03
C SER A 238 -6.50 -33.31 -14.48
N ASN A 239 -6.38 -32.09 -15.03
CA ASN A 239 -6.76 -31.80 -16.42
C ASN A 239 -5.54 -31.79 -17.33
N PHE A 240 -4.37 -31.62 -16.73
CA PHE A 240 -3.13 -31.63 -17.49
C PHE A 240 -2.24 -32.65 -16.81
N GLU A 241 -2.05 -33.78 -17.46
CA GLU A 241 -1.21 -34.79 -16.86
C GLU A 241 0.09 -34.93 -17.61
N PRO A 242 1.22 -34.75 -16.90
CA PRO A 242 2.52 -34.86 -17.56
C PRO A 242 2.68 -36.33 -17.94
N VAL A 243 3.06 -36.59 -19.18
CA VAL A 243 3.22 -37.96 -19.63
C VAL A 243 4.62 -38.21 -20.17
N TYR A 244 5.39 -37.14 -20.30
CA TYR A 244 6.77 -37.27 -20.76
C TYR A 244 7.50 -35.92 -20.74
N GLU A 245 8.81 -35.99 -20.58
CA GLU A 245 9.66 -34.79 -20.56
C GLU A 245 11.07 -35.10 -21.03
N SER A 246 11.66 -34.18 -21.75
CA SER A 246 13.02 -34.40 -22.22
C SER A 246 13.94 -33.37 -21.57
N GLY A 247 14.22 -32.29 -22.29
CA GLY A 247 15.08 -31.28 -21.73
C GLY A 247 14.20 -30.28 -21.01
N ASN A 248 13.87 -29.22 -21.73
CA ASN A 248 13.04 -28.18 -21.18
C ASN A 248 11.65 -28.29 -21.75
N VAL A 249 11.31 -29.49 -22.19
CA VAL A 249 9.99 -29.74 -22.78
C VAL A 249 9.25 -30.79 -21.99
N ILE A 250 8.04 -30.47 -21.56
CA ILE A 250 7.22 -31.43 -20.82
C ILE A 250 5.96 -31.53 -21.64
N VAL A 251 5.56 -32.75 -21.97
CA VAL A 251 4.35 -32.93 -22.74
C VAL A 251 3.22 -33.34 -21.81
N TYR A 252 2.19 -32.51 -21.75
CA TYR A 252 1.03 -32.80 -20.91
C TYR A 252 -0.11 -33.29 -21.78
N ARG A 253 -0.90 -34.19 -21.22
CA ARG A 253 -2.05 -34.78 -21.88
C ARG A 253 -3.26 -34.04 -21.32
N PHE A 254 -3.96 -33.27 -22.15
CA PHE A 254 -5.11 -32.51 -21.67
C PHE A 254 -6.38 -33.37 -21.57
N THR A 255 -7.38 -32.85 -20.86
CA THR A 255 -8.66 -33.54 -20.69
C THR A 255 -9.50 -32.56 -19.94
N PRO A 256 -10.53 -32.02 -20.59
CA PRO A 256 -11.37 -31.05 -19.90
C PRO A 256 -12.11 -31.62 -18.69
N PHE A 257 -11.95 -32.91 -18.42
CA PHE A 257 -12.61 -33.51 -17.26
C PHE A 257 -11.71 -34.55 -16.62
N GLY A 258 -11.41 -34.33 -15.34
CA GLY A 258 -10.55 -35.24 -14.61
C GLY A 258 -10.96 -35.34 -13.16
N ILE A 259 -10.21 -36.12 -12.40
CA ILE A 259 -10.52 -36.28 -10.98
C ILE A 259 -9.27 -35.99 -10.18
N TYR A 260 -9.32 -34.94 -9.35
CA TYR A 260 -8.17 -34.57 -8.54
C TYR A 260 -8.12 -35.22 -7.17
N LYS A 261 -9.23 -35.82 -6.75
CA LYS A 261 -9.26 -36.48 -5.44
C LYS A 261 -10.39 -37.50 -5.34
N ILE A 262 -10.03 -38.70 -4.89
CA ILE A 262 -11.02 -39.76 -4.69
C ILE A 262 -11.07 -40.03 -3.20
N GLU A 263 -12.24 -39.82 -2.59
CA GLU A 263 -12.40 -40.08 -1.17
C GLU A 263 -13.20 -41.37 -1.00
N GLU A 264 -12.79 -42.18 -0.03
CA GLU A 264 -13.44 -43.45 0.23
C GLU A 264 -13.94 -43.44 1.65
N ASN A 265 -15.12 -43.98 1.86
CA ASN A 265 -15.70 -44.02 3.18
C ASN A 265 -15.10 -45.15 4.01
N ILE A 266 -14.27 -44.77 4.98
CA ILE A 266 -13.62 -45.75 5.85
C ILE A 266 -14.02 -45.46 7.29
N ASN A 267 -15.05 -46.17 7.75
CA ASN A 267 -15.59 -46.03 9.10
C ASN A 267 -16.38 -44.73 9.29
N GLY A 268 -17.29 -44.45 8.36
CA GLY A 268 -18.06 -43.23 8.46
C GLY A 268 -17.18 -42.00 8.32
N THR A 269 -15.91 -42.21 8.02
CA THR A 269 -14.98 -41.10 7.83
C THR A 269 -14.47 -41.08 6.40
N TRP A 270 -14.55 -39.91 5.77
CA TRP A 270 -14.08 -39.75 4.40
C TRP A 270 -12.57 -39.54 4.45
N LYS A 271 -11.86 -40.41 3.76
CA LYS A 271 -10.41 -40.35 3.71
C LYS A 271 -10.02 -40.33 2.24
N GLN A 272 -8.83 -39.81 1.94
CA GLN A 272 -8.39 -39.76 0.55
C GLN A 272 -7.59 -41.02 0.20
N VAL A 273 -8.04 -41.70 -0.87
CA VAL A 273 -7.38 -42.90 -1.34
C VAL A 273 -6.72 -42.58 -2.68
N TYR A 274 -5.77 -43.41 -3.09
CA TYR A 274 -5.05 -43.19 -4.32
C TYR A 274 -5.08 -44.37 -5.30
N ASN A 275 -5.89 -45.36 -4.97
CA ASN A 275 -6.09 -46.53 -5.80
C ASN A 275 -7.18 -47.37 -5.15
N LEU A 276 -7.83 -48.20 -5.94
CA LEU A 276 -8.92 -49.01 -5.45
C LEU A 276 -8.65 -50.49 -5.50
N THR A 277 -9.31 -51.21 -4.62
CA THR A 277 -9.15 -52.64 -4.51
C THR A 277 -10.44 -53.30 -5.01
N PRO A 278 -10.34 -54.52 -5.55
CA PRO A 278 -11.57 -55.13 -6.02
C PRO A 278 -12.61 -55.22 -4.89
N GLY A 279 -13.88 -55.17 -5.26
CA GLY A 279 -14.94 -55.26 -4.26
C GLY A 279 -15.85 -54.06 -4.22
N LYS A 280 -16.76 -54.05 -3.25
CA LYS A 280 -17.69 -52.95 -3.09
C LYS A 280 -16.96 -51.77 -2.47
N HIS A 281 -17.39 -50.57 -2.84
CA HIS A 281 -16.81 -49.34 -2.32
C HIS A 281 -17.86 -48.27 -2.27
N GLU A 282 -17.73 -47.38 -1.29
CA GLU A 282 -18.62 -46.25 -1.14
C GLU A 282 -17.63 -45.11 -1.38
N LEU A 283 -17.75 -44.46 -2.54
CA LEU A 283 -16.82 -43.39 -2.88
C LEU A 283 -17.41 -42.00 -3.09
N LYS A 284 -16.51 -41.04 -3.09
CA LYS A 284 -16.83 -39.64 -3.29
C LYS A 284 -15.82 -39.17 -4.34
N LEU A 285 -16.32 -38.67 -5.46
CA LEU A 285 -15.44 -38.21 -6.55
C LEU A 285 -15.34 -36.69 -6.68
N TYR A 286 -14.11 -36.21 -6.91
CA TYR A 286 -13.84 -34.79 -7.07
C TYR A 286 -13.37 -34.50 -8.49
N ILE A 287 -14.27 -33.93 -9.28
CA ILE A 287 -13.97 -33.67 -10.69
C ILE A 287 -13.59 -32.24 -11.00
N SER A 288 -12.64 -32.06 -11.91
CA SER A 288 -12.26 -30.73 -12.34
C SER A 288 -12.82 -30.52 -13.74
N ALA A 289 -13.58 -29.46 -13.92
CA ALA A 289 -14.14 -29.17 -15.22
C ALA A 289 -13.34 -28.02 -15.81
N PHE A 290 -12.37 -28.34 -16.66
CA PHE A 290 -11.57 -27.28 -17.23
C PHE A 290 -12.07 -26.65 -18.52
N GLY A 291 -12.63 -25.45 -18.43
CA GLY A 291 -13.06 -24.74 -19.63
C GLY A 291 -14.49 -24.81 -20.11
N ARG A 292 -15.16 -25.92 -19.84
CA ARG A 292 -16.54 -26.10 -20.27
C ARG A 292 -17.30 -26.94 -19.26
N ASP A 293 -18.61 -26.77 -19.23
CA ASP A 293 -19.47 -27.52 -18.31
C ASP A 293 -19.59 -28.97 -18.72
N ILE A 294 -20.01 -29.80 -17.77
CA ILE A 294 -20.27 -31.21 -18.02
C ILE A 294 -21.75 -31.14 -18.41
N GLU A 295 -22.08 -31.61 -19.63
CA GLU A 295 -23.45 -31.57 -20.13
C GLU A 295 -24.00 -32.95 -20.45
N ASN A 296 -24.94 -33.43 -19.63
CA ASN A 296 -25.58 -34.72 -19.86
C ASN A 296 -24.56 -35.80 -20.17
N ALA A 297 -23.73 -36.11 -19.21
CA ALA A 297 -22.72 -37.12 -19.42
C ALA A 297 -23.05 -38.35 -18.60
N THR A 298 -22.28 -39.41 -18.82
CA THR A 298 -22.46 -40.65 -18.11
C THR A 298 -21.05 -40.99 -17.67
N LEU A 299 -20.88 -41.43 -16.44
CA LEU A 299 -19.53 -41.79 -15.97
C LEU A 299 -19.43 -43.31 -15.87
N TYR A 300 -18.26 -43.84 -16.15
CA TYR A 300 -18.04 -45.27 -16.05
C TYR A 300 -16.68 -45.55 -15.46
N ILE A 301 -16.49 -46.77 -14.99
CA ILE A 301 -15.21 -47.19 -14.49
C ILE A 301 -14.97 -48.35 -15.46
N TYR A 302 -13.79 -48.42 -16.06
CA TYR A 302 -13.46 -49.49 -16.99
C TYR A 302 -12.43 -50.37 -16.33
N ALA A 303 -12.82 -51.58 -15.94
CA ALA A 303 -11.84 -52.48 -15.32
C ALA A 303 -10.82 -52.79 -16.41
N ILE A 304 -9.54 -52.62 -16.09
CA ILE A 304 -8.48 -52.87 -17.07
C ILE A 304 -7.58 -53.98 -16.57
N ASN A 305 -7.37 -55.02 -17.38
CA ASN A 305 -6.49 -56.10 -16.96
C ASN A 305 -5.11 -55.93 -17.60
N ASN A 306 -4.90 -56.60 -18.72
CA ASN A 306 -3.62 -56.50 -19.42
C ASN A 306 -3.80 -55.42 -20.48
N GLU A 307 -4.02 -54.20 -20.01
CA GLU A 307 -4.27 -53.06 -20.91
C GLU A 307 -5.44 -53.48 -21.80
N LYS A 308 -6.35 -54.24 -21.21
CA LYS A 308 -7.53 -54.72 -21.93
C LYS A 308 -8.74 -54.43 -21.07
N ILE A 309 -9.69 -53.67 -21.62
CA ILE A 309 -10.90 -53.36 -20.88
C ILE A 309 -11.62 -54.70 -20.70
N ILE A 310 -11.95 -55.05 -19.47
CA ILE A 310 -12.63 -56.31 -19.24
C ILE A 310 -14.04 -56.07 -18.73
N GLU A 311 -14.45 -54.81 -18.64
CA GLU A 311 -15.78 -54.49 -18.17
C GLU A 311 -15.99 -52.97 -18.10
N LYS A 312 -17.22 -52.53 -18.40
CA LYS A 312 -17.55 -51.11 -18.36
C LYS A 312 -18.70 -50.95 -17.38
N ILE A 313 -18.42 -50.32 -16.26
CA ILE A 313 -19.42 -50.13 -15.23
C ILE A 313 -19.94 -48.70 -15.13
N LYS A 314 -21.15 -48.47 -15.59
CA LYS A 314 -21.77 -47.15 -15.51
C LYS A 314 -21.85 -46.88 -14.01
N ILE A 315 -21.45 -45.70 -13.58
CA ILE A 315 -21.46 -45.40 -12.16
C ILE A 315 -22.28 -44.19 -11.79
N ALA A 316 -22.60 -43.37 -12.79
CA ALA A 316 -23.38 -42.18 -12.50
C ALA A 316 -23.78 -41.40 -13.73
N GLU A 317 -24.63 -40.42 -13.51
CA GLU A 317 -25.11 -39.57 -14.59
C GLU A 317 -25.18 -38.14 -14.09
N ILE A 318 -24.40 -37.27 -14.72
CA ILE A 318 -24.38 -35.87 -14.37
C ILE A 318 -25.06 -35.10 -15.49
N SER A 319 -26.18 -34.45 -15.17
CA SER A 319 -26.91 -33.70 -16.18
C SER A 319 -26.15 -32.43 -16.48
N HIS A 320 -25.56 -31.85 -15.43
CA HIS A 320 -24.82 -30.61 -15.58
C HIS A 320 -23.92 -30.28 -14.40
N MSE A 321 -22.80 -29.60 -14.69
CA MSE A 321 -21.86 -29.17 -13.66
C MSE A 321 -21.15 -27.93 -14.14
O MSE A 321 -20.53 -27.95 -15.20
CB MSE A 321 -20.81 -30.22 -13.33
CG MSE A 321 -20.03 -29.85 -12.07
SE MSE A 321 -18.59 -31.02 -11.55
CE MSE A 321 -19.55 -32.40 -10.61
N ASP A 322 -21.25 -26.85 -13.36
CA ASP A 322 -20.61 -25.58 -13.68
C ASP A 322 -19.10 -25.81 -13.76
N TYR A 323 -18.43 -25.25 -14.78
CA TYR A 323 -16.99 -25.47 -14.92
C TYR A 323 -16.15 -24.57 -14.02
N LEU A 324 -16.77 -23.58 -13.39
CA LEU A 324 -16.09 -22.70 -12.46
C LEU A 324 -16.64 -22.93 -11.05
N ASN A 325 -17.46 -23.96 -10.90
CA ASN A 325 -18.06 -24.26 -9.61
C ASN A 325 -18.45 -25.73 -9.45
N GLU A 326 -17.46 -26.62 -9.53
CA GLU A 326 -17.72 -28.03 -9.41
C GLU A 326 -18.34 -28.40 -8.07
N TYR A 327 -18.37 -29.69 -7.80
CA TYR A 327 -18.91 -30.27 -6.56
C TYR A 327 -18.60 -31.76 -6.63
N PRO A 328 -18.50 -32.41 -5.47
CA PRO A 328 -18.20 -33.84 -5.46
C PRO A 328 -19.40 -34.71 -5.83
N ILE A 329 -19.13 -35.88 -6.41
CA ILE A 329 -20.17 -36.81 -6.83
C ILE A 329 -20.12 -38.06 -5.95
N ALA A 330 -21.27 -38.40 -5.36
CA ALA A 330 -21.37 -39.56 -4.48
C ALA A 330 -21.59 -40.80 -5.32
N VAL A 331 -20.93 -41.90 -5.00
CA VAL A 331 -21.14 -43.08 -5.83
C VAL A 331 -20.70 -44.37 -5.15
N ASN A 332 -21.57 -45.39 -5.22
CA ASN A 332 -21.27 -46.69 -4.63
C ASN A 332 -21.04 -47.64 -5.81
N VAL A 333 -19.93 -48.36 -5.79
CA VAL A 333 -19.61 -49.25 -6.89
C VAL A 333 -18.98 -50.56 -6.45
N THR A 334 -19.31 -51.64 -7.14
CA THR A 334 -18.72 -52.95 -6.86
C THR A 334 -17.74 -53.09 -8.02
N LEU A 335 -16.48 -53.39 -7.73
CA LEU A 335 -15.51 -53.50 -8.80
C LEU A 335 -14.96 -54.91 -8.95
N PRO A 336 -14.81 -55.38 -10.20
CA PRO A 336 -14.26 -56.72 -10.47
C PRO A 336 -12.79 -56.75 -10.08
N ASN A 337 -11.98 -57.55 -10.77
CA ASN A 337 -10.57 -57.61 -10.42
C ASN A 337 -9.73 -56.63 -11.24
N ALA A 338 -9.06 -57.12 -12.27
CA ALA A 338 -8.23 -56.27 -13.12
C ALA A 338 -7.05 -55.60 -12.40
N THR A 339 -6.13 -55.06 -13.18
CA THR A 339 -4.94 -54.40 -12.68
C THR A 339 -5.14 -52.91 -12.37
N SER A 340 -6.04 -52.26 -13.10
CA SER A 340 -6.30 -50.83 -12.92
C SER A 340 -7.73 -50.44 -13.32
N TYR A 341 -8.16 -49.25 -12.92
CA TYR A 341 -9.50 -48.78 -13.25
C TYR A 341 -9.49 -47.41 -13.93
N ARG A 342 -10.37 -47.24 -14.91
CA ARG A 342 -10.44 -45.97 -15.63
C ARG A 342 -11.76 -45.26 -15.47
N PHE A 343 -11.75 -44.09 -14.86
CA PHE A 343 -12.96 -43.33 -14.73
C PHE A 343 -13.12 -42.60 -16.05
N VAL A 344 -14.23 -42.84 -16.72
CA VAL A 344 -14.45 -42.22 -18.01
C VAL A 344 -15.76 -41.46 -18.03
N LEU A 345 -15.75 -40.32 -18.68
CA LEU A 345 -16.97 -39.54 -18.79
C LEU A 345 -17.23 -39.48 -20.29
N VAL A 346 -18.49 -39.59 -20.66
CA VAL A 346 -18.83 -39.55 -22.07
C VAL A 346 -19.90 -38.53 -22.29
N GLN A 347 -19.67 -37.63 -23.23
CA GLN A 347 -20.65 -36.63 -23.52
C GLN A 347 -20.29 -36.00 -24.86
N LYS A 348 -21.19 -35.17 -25.38
CA LYS A 348 -20.99 -34.54 -26.67
C LYS A 348 -19.73 -33.68 -26.72
N GLY A 349 -18.94 -33.84 -27.77
CA GLY A 349 -17.74 -33.06 -27.90
C GLY A 349 -17.25 -33.05 -29.33
N PRO A 350 -16.19 -32.31 -29.67
CA PRO A 350 -15.73 -32.32 -31.06
C PRO A 350 -14.86 -33.52 -31.38
N ILE A 351 -14.91 -33.95 -32.64
CA ILE A 351 -14.11 -35.06 -33.14
C ILE A 351 -13.78 -34.72 -34.59
N GLY A 352 -12.82 -35.45 -35.15
CA GLY A 352 -12.43 -35.22 -36.53
C GLY A 352 -11.25 -34.30 -36.70
N VAL A 353 -10.46 -34.56 -37.74
CA VAL A 353 -9.28 -33.77 -38.06
C VAL A 353 -9.20 -33.64 -39.59
N LEU A 354 -9.66 -32.52 -40.13
CA LEU A 354 -9.61 -32.32 -41.59
C LEU A 354 -8.23 -32.73 -42.09
N LEU A 355 -8.22 -33.51 -43.17
CA LEU A 355 -6.98 -34.00 -43.75
C LEU A 355 -6.63 -33.26 -45.02
N ASP A 356 -7.50 -32.35 -45.42
CA ASP A 356 -7.27 -31.56 -46.61
C ASP A 356 -8.04 -30.27 -46.55
N ALA A 357 -7.74 -29.39 -47.48
CA ALA A 357 -8.43 -28.11 -47.54
C ALA A 357 -9.87 -28.41 -47.89
N PRO A 358 -10.80 -28.00 -47.04
CA PRO A 358 -12.19 -28.27 -47.38
C PRO A 358 -12.50 -27.58 -48.70
N LYS A 359 -13.35 -28.21 -49.50
CA LYS A 359 -13.76 -27.65 -50.80
C LYS A 359 -15.20 -27.16 -50.72
N VAL A 360 -15.48 -26.07 -51.43
CA VAL A 360 -16.83 -25.55 -51.45
C VAL A 360 -17.22 -25.24 -52.90
N ASN A 361 -18.30 -25.89 -53.36
CA ASN A 361 -18.76 -25.75 -54.73
C ASN A 361 -17.58 -26.01 -55.67
N GLY A 362 -16.79 -27.01 -55.32
CA GLY A 362 -15.65 -27.38 -56.14
C GLY A 362 -14.33 -26.73 -55.81
N GLU A 363 -14.36 -25.49 -55.34
CA GLU A 363 -13.13 -24.77 -55.01
C GLU A 363 -12.60 -25.03 -53.61
N ILE A 364 -11.35 -24.62 -53.43
CA ILE A 364 -10.62 -24.80 -52.19
C ILE A 364 -10.88 -23.62 -51.23
N ARG A 365 -11.03 -23.92 -49.93
CA ARG A 365 -11.31 -22.90 -48.91
C ARG A 365 -10.49 -23.06 -47.63
N SER A 366 -10.58 -22.08 -46.74
CA SER A 366 -9.86 -22.15 -45.47
C SER A 366 -10.73 -22.87 -44.43
N PRO A 367 -10.19 -23.92 -43.80
CA PRO A 367 -10.94 -24.67 -42.81
C PRO A 367 -11.32 -23.88 -41.57
N THR A 368 -11.25 -22.55 -41.68
CA THR A 368 -11.57 -21.66 -40.55
C THR A 368 -12.54 -20.58 -40.95
N ASN A 369 -12.86 -20.52 -42.24
CA ASN A 369 -13.81 -19.54 -42.79
C ASN A 369 -14.40 -20.20 -44.01
N ILE A 370 -14.85 -21.44 -43.80
CA ILE A 370 -15.42 -22.29 -44.84
C ILE A 370 -16.53 -21.64 -45.67
N LEU A 371 -17.30 -20.76 -45.06
CA LEU A 371 -18.37 -20.09 -45.77
C LEU A 371 -18.51 -18.66 -45.31
N ARG A 372 -18.85 -17.76 -46.23
CA ARG A 372 -19.04 -16.37 -45.85
C ARG A 372 -20.46 -16.16 -45.34
N GLU A 373 -20.68 -15.03 -44.69
CA GLU A 373 -21.98 -14.71 -44.11
C GLU A 373 -22.99 -14.61 -45.24
N GLY A 374 -24.04 -15.43 -45.19
CA GLY A 374 -25.06 -15.43 -46.23
C GLY A 374 -24.84 -16.46 -47.34
N GLU A 375 -23.59 -16.72 -47.68
CA GLU A 375 -23.24 -17.69 -48.72
C GLU A 375 -23.60 -19.14 -48.40
N SER A 376 -24.04 -19.87 -49.43
CA SER A 376 -24.41 -21.29 -49.30
C SER A 376 -23.62 -22.08 -50.34
N GLY A 377 -23.52 -23.39 -50.16
CA GLY A 377 -22.76 -24.17 -51.12
C GLY A 377 -22.59 -25.62 -50.75
N GLU A 378 -21.99 -26.39 -51.66
CA GLU A 378 -21.75 -27.79 -51.40
C GLU A 378 -20.35 -27.92 -50.81
N ILE A 379 -20.31 -28.38 -49.56
CA ILE A 379 -19.05 -28.56 -48.86
C ILE A 379 -18.57 -29.99 -48.92
N GLU A 380 -17.28 -30.18 -49.18
CA GLU A 380 -16.69 -31.52 -49.18
C GLU A 380 -15.54 -31.53 -48.15
N LEU A 381 -15.41 -32.60 -47.37
CA LEU A 381 -14.37 -32.69 -46.34
C LEU A 381 -13.73 -34.05 -46.18
N LYS A 382 -12.40 -34.12 -46.12
CA LYS A 382 -11.77 -35.41 -45.88
C LYS A 382 -11.59 -35.38 -44.36
N VAL A 383 -12.19 -36.33 -43.66
CA VAL A 383 -12.15 -36.34 -42.20
C VAL A 383 -11.52 -37.58 -41.59
N GLY A 384 -10.51 -37.37 -40.76
CA GLY A 384 -9.86 -38.50 -40.11
C GLY A 384 -10.21 -38.63 -38.64
N VAL A 385 -10.44 -39.85 -38.17
CA VAL A 385 -10.76 -40.11 -36.78
C VAL A 385 -10.13 -41.44 -36.33
N ASP A 386 -9.85 -41.55 -35.04
CA ASP A 386 -9.22 -42.75 -34.48
C ASP A 386 -10.21 -43.76 -33.95
N LYS A 387 -11.49 -43.55 -34.23
CA LYS A 387 -12.51 -44.46 -33.74
C LYS A 387 -13.81 -44.31 -34.53
N ASP A 388 -14.68 -45.29 -34.40
CA ASP A 388 -15.96 -45.26 -35.07
C ASP A 388 -16.88 -44.28 -34.36
N TYR A 389 -17.32 -43.26 -35.09
CA TYR A 389 -18.22 -42.28 -34.51
C TYR A 389 -19.49 -42.06 -35.34
N THR A 390 -20.57 -41.71 -34.65
CA THR A 390 -21.85 -41.38 -35.30
C THR A 390 -22.01 -39.94 -34.86
N ALA A 391 -21.90 -39.01 -35.79
CA ALA A 391 -21.96 -37.61 -35.41
C ALA A 391 -22.81 -36.68 -36.24
N ASP A 392 -23.15 -35.53 -35.65
CA ASP A 392 -23.88 -34.51 -36.36
C ASP A 392 -22.76 -33.64 -36.88
N LEU A 393 -23.08 -32.62 -37.67
CA LEU A 393 -22.07 -31.73 -38.23
C LEU A 393 -22.59 -30.31 -38.21
N TYR A 394 -21.83 -29.38 -37.65
CA TYR A 394 -22.31 -28.01 -37.61
C TYR A 394 -21.34 -27.04 -38.21
N LEU A 395 -21.82 -25.81 -38.32
CA LEU A 395 -21.02 -24.70 -38.76
C LEU A 395 -20.96 -23.92 -37.44
N ARG A 396 -19.76 -23.88 -36.85
CA ARG A 396 -19.57 -23.22 -35.57
C ARG A 396 -18.68 -21.99 -35.70
N ALA A 397 -19.16 -20.87 -35.18
CA ALA A 397 -18.40 -19.62 -35.21
C ALA A 397 -17.56 -19.51 -33.94
N THR A 398 -16.45 -18.78 -34.03
CA THR A 398 -15.57 -18.62 -32.90
C THR A 398 -14.92 -17.26 -32.92
N PHE A 399 -15.45 -16.33 -32.13
CA PHE A 399 -14.86 -15.00 -32.06
C PHE A 399 -13.75 -14.91 -31.01
N ILE A 400 -12.61 -14.38 -31.42
CA ILE A 400 -11.47 -14.16 -30.54
C ILE A 400 -11.15 -12.67 -30.60
N TYR A 401 -11.30 -11.97 -29.48
CA TYR A 401 -11.05 -10.53 -29.49
C TYR A 401 -10.56 -10.02 -28.15
N LEU A 402 -9.98 -8.82 -28.16
CA LEU A 402 -9.45 -8.17 -26.96
C LEU A 402 -10.38 -7.09 -26.42
N VAL A 403 -10.36 -6.92 -25.10
CA VAL A 403 -11.16 -5.86 -24.47
C VAL A 403 -10.25 -5.08 -23.50
N ARG A 404 -9.85 -3.88 -23.89
CA ARG A 404 -8.98 -3.04 -23.07
C ARG A 404 -9.60 -2.81 -21.69
N LYS A 405 -8.91 -3.27 -20.64
CA LYS A 405 -9.44 -3.11 -19.29
C LYS A 405 -8.90 -1.93 -18.49
N SER A 406 -7.99 -1.17 -19.08
CA SER A 406 -7.40 -0.04 -18.40
C SER A 406 -6.91 0.95 -19.46
N GLY A 407 -6.58 2.18 -19.05
CA GLY A 407 -6.08 3.14 -20.02
C GLY A 407 -7.20 3.98 -20.60
N LYS A 408 -6.85 5.15 -21.12
CA LYS A 408 -7.83 6.08 -21.70
C LYS A 408 -8.20 5.67 -23.10
N ASP A 409 -7.31 4.91 -23.72
CA ASP A 409 -7.51 4.43 -25.09
C ASP A 409 -6.50 3.33 -25.41
N ASN A 410 -6.53 2.85 -26.65
CA ASN A 410 -5.65 1.77 -27.04
C ASN A 410 -4.17 2.07 -27.11
N GLU A 411 -3.81 3.35 -27.13
CA GLU A 411 -2.40 3.70 -27.18
C GLU A 411 -1.83 4.04 -25.82
N ASP A 412 -2.72 4.33 -24.87
CA ASP A 412 -2.33 4.67 -23.50
C ASP A 412 -1.47 3.55 -22.98
N TYR A 413 -0.27 3.87 -22.48
CA TYR A 413 0.61 2.82 -21.96
C TYR A 413 0.05 2.15 -20.71
N ASP A 414 -1.05 2.68 -20.19
CA ASP A 414 -1.69 2.11 -19.01
C ASP A 414 -2.52 0.93 -19.46
N ALA A 415 -2.84 0.92 -20.74
CA ALA A 415 -3.66 -0.12 -21.36
C ALA A 415 -3.16 -1.55 -21.25
N ALA A 416 -4.08 -2.41 -20.88
CA ALA A 416 -3.85 -3.83 -20.78
C ALA A 416 -5.06 -4.36 -21.57
N PHE A 417 -4.86 -5.40 -22.37
CA PHE A 417 -5.95 -5.93 -23.18
C PHE A 417 -6.34 -7.37 -22.85
N GLU A 418 -7.48 -7.51 -22.19
CA GLU A 418 -8.02 -8.79 -21.75
C GLU A 418 -8.60 -9.62 -22.94
N PRO A 419 -7.98 -10.76 -23.30
CA PRO A 419 -8.47 -11.59 -24.41
C PRO A 419 -9.69 -12.47 -24.09
N GLN A 420 -10.64 -12.50 -25.03
CA GLN A 420 -11.88 -13.29 -24.90
C GLN A 420 -12.05 -14.27 -26.06
N MSE A 421 -12.82 -15.33 -25.83
CA MSE A 421 -13.10 -16.32 -26.85
C MSE A 421 -14.54 -16.77 -26.81
O MSE A 421 -14.89 -17.61 -25.98
CB MSE A 421 -12.20 -17.53 -26.69
CG MSE A 421 -12.35 -18.49 -27.83
SE MSE A 421 -11.46 -20.14 -27.56
CE MSE A 421 -10.06 -19.91 -28.88
N ASP A 422 -15.35 -16.24 -27.71
CA ASP A 422 -16.76 -16.62 -27.77
C ASP A 422 -17.00 -17.60 -28.90
N VAL A 423 -17.68 -18.70 -28.58
CA VAL A 423 -17.97 -19.75 -29.54
C VAL A 423 -19.41 -20.23 -29.52
N PHE A 424 -20.10 -20.02 -30.63
CA PHE A 424 -21.47 -20.49 -30.77
C PHE A 424 -21.71 -21.25 -32.07
N PHE A 425 -22.58 -22.26 -31.99
CA PHE A 425 -22.94 -23.04 -33.16
C PHE A 425 -24.00 -22.28 -33.92
N ILE A 426 -23.92 -22.30 -35.25
CA ILE A 426 -24.86 -21.56 -36.07
C ILE A 426 -26.01 -22.37 -36.65
N THR A 427 -25.70 -23.49 -37.30
CA THR A 427 -26.69 -24.38 -37.91
C THR A 427 -26.16 -25.79 -38.07
N LYS A 428 -27.04 -26.76 -37.92
CA LYS A 428 -26.65 -28.16 -38.11
C LYS A 428 -26.76 -28.40 -39.61
N ILE A 429 -25.71 -28.93 -40.23
CA ILE A 429 -25.76 -29.19 -41.67
C ILE A 429 -25.46 -30.67 -41.94
N GLY A 430 -25.08 -31.36 -40.88
CA GLY A 430 -24.77 -32.77 -40.97
C GLY A 430 -25.85 -33.43 -40.17
N GLU A 431 -25.88 -34.75 -40.13
CA GLU A 431 -26.94 -35.43 -39.40
C GLU A 431 -26.65 -36.93 -39.36
N ASN A 432 -26.54 -37.45 -38.15
CA ASN A 432 -26.27 -38.84 -37.92
C ASN A 432 -25.20 -39.47 -38.84
N ILE A 433 -24.23 -38.68 -39.28
CA ILE A 433 -23.15 -39.15 -40.15
C ILE A 433 -22.38 -40.30 -39.49
N GLN A 434 -22.20 -41.40 -40.21
CA GLN A 434 -21.48 -42.55 -39.66
C GLN A 434 -20.00 -42.49 -39.99
N LEU A 435 -19.24 -41.70 -39.26
CA LEU A 435 -17.79 -41.60 -39.51
C LEU A 435 -17.13 -42.88 -39.04
N LYS A 436 -16.37 -43.51 -39.92
CA LYS A 436 -15.70 -44.74 -39.56
C LYS A 436 -14.21 -44.50 -39.45
N GLU A 437 -13.58 -45.21 -38.52
CA GLU A 437 -12.16 -45.11 -38.26
C GLU A 437 -11.38 -44.88 -39.54
N GLY A 438 -10.28 -44.14 -39.44
CA GLY A 438 -9.46 -43.85 -40.60
C GLY A 438 -10.02 -42.66 -41.36
N GLU A 439 -9.62 -42.49 -42.61
CA GLU A 439 -10.08 -41.38 -43.45
C GLU A 439 -11.56 -41.48 -43.82
N ASN A 440 -12.19 -40.34 -44.08
CA ASN A 440 -13.60 -40.31 -44.46
C ASN A 440 -13.79 -39.16 -45.42
N THR A 441 -14.95 -39.10 -46.05
CA THR A 441 -15.30 -38.02 -46.99
C THR A 441 -16.74 -37.60 -46.69
N VAL A 442 -16.97 -36.31 -46.56
CA VAL A 442 -18.32 -35.85 -46.29
C VAL A 442 -18.75 -34.69 -47.16
N LYS A 443 -19.66 -34.98 -48.08
CA LYS A 443 -20.21 -33.95 -48.96
C LYS A 443 -21.55 -33.61 -48.34
N VAL A 444 -21.86 -32.32 -48.25
CA VAL A 444 -23.09 -31.87 -47.66
C VAL A 444 -23.44 -30.46 -48.13
N ARG A 445 -24.73 -30.15 -48.18
CA ARG A 445 -25.16 -28.83 -48.59
C ARG A 445 -25.19 -28.03 -47.30
N ALA A 446 -24.80 -26.77 -47.38
CA ALA A 446 -24.81 -25.90 -46.22
C ALA A 446 -25.00 -24.45 -46.64
N GLU A 447 -25.47 -23.66 -45.69
CA GLU A 447 -25.68 -22.23 -45.87
C GLU A 447 -25.47 -21.56 -44.53
N LEU A 448 -24.85 -20.38 -44.54
CA LEU A 448 -24.60 -19.65 -43.32
C LEU A 448 -25.62 -18.53 -43.33
N PRO A 449 -26.56 -18.54 -42.38
CA PRO A 449 -27.58 -17.50 -42.31
C PRO A 449 -27.09 -16.13 -42.67
N GLU A 450 -28.00 -15.30 -43.15
CA GLU A 450 -27.67 -13.94 -43.52
C GLU A 450 -27.65 -13.13 -42.23
N GLY A 451 -26.50 -12.54 -41.91
CA GLY A 451 -26.40 -11.74 -40.70
C GLY A 451 -25.73 -12.33 -39.46
N VAL A 452 -25.73 -13.65 -39.29
CA VAL A 452 -25.13 -14.27 -38.10
C VAL A 452 -23.79 -13.72 -37.63
N ILE A 453 -22.86 -13.43 -38.55
CA ILE A 453 -21.57 -12.91 -38.13
C ILE A 453 -21.61 -11.42 -37.76
N SER A 454 -22.10 -10.58 -38.67
CA SER A 454 -22.19 -9.16 -38.40
C SER A 454 -23.12 -8.89 -37.23
N SER A 455 -24.06 -9.79 -37.00
CA SER A 455 -25.00 -9.62 -35.90
C SER A 455 -24.21 -9.62 -34.60
N TYR A 456 -23.44 -10.68 -34.38
CA TYR A 456 -22.63 -10.79 -33.17
C TYR A 456 -21.61 -9.66 -33.07
N LYS A 457 -20.87 -9.44 -34.16
CA LYS A 457 -19.87 -8.38 -34.18
C LYS A 457 -20.48 -7.04 -33.78
N ASP A 458 -21.80 -6.93 -33.89
CA ASP A 458 -22.48 -5.69 -33.53
C ASP A 458 -22.84 -5.70 -32.07
N GLU A 459 -23.07 -6.89 -31.56
CA GLU A 459 -23.42 -7.03 -30.16
C GLU A 459 -22.16 -6.80 -29.32
N LEU A 460 -21.01 -7.18 -29.85
CA LEU A 460 -19.76 -6.96 -29.14
C LEU A 460 -19.56 -5.45 -29.09
N GLN A 461 -19.59 -4.80 -30.25
CA GLN A 461 -19.42 -3.36 -30.29
C GLN A 461 -20.35 -2.61 -29.35
N ARG A 462 -21.53 -3.18 -29.15
CA ARG A 462 -22.54 -2.57 -28.28
C ARG A 462 -22.19 -2.77 -26.81
N LYS A 463 -21.52 -3.89 -26.52
CA LYS A 463 -21.12 -4.19 -25.16
C LYS A 463 -19.84 -3.49 -24.76
N TYR A 464 -18.87 -3.42 -25.68
CA TYR A 464 -17.59 -2.85 -25.36
C TYR A 464 -17.11 -1.55 -26.00
N GLY A 465 -17.88 -0.98 -26.92
CA GLY A 465 -17.43 0.26 -27.53
C GLY A 465 -15.99 0.21 -27.99
N ASP A 466 -15.26 1.32 -27.87
CA ASP A 466 -13.87 1.35 -28.33
C ASP A 466 -12.90 0.46 -27.54
N LYS A 467 -13.36 -0.19 -26.48
CA LYS A 467 -12.47 -1.06 -25.72
C LYS A 467 -12.28 -2.36 -26.48
N LEU A 468 -13.02 -2.52 -27.58
CA LEU A 468 -12.98 -3.75 -28.37
C LEU A 468 -11.93 -3.80 -29.46
N ILE A 469 -11.52 -5.02 -29.78
CA ILE A 469 -10.54 -5.26 -30.83
C ILE A 469 -10.68 -6.70 -31.29
N ILE A 470 -11.35 -6.86 -32.43
CA ILE A 470 -11.57 -8.19 -32.97
C ILE A 470 -10.21 -8.66 -33.48
N ARG A 471 -9.82 -9.86 -33.07
CA ARG A 471 -8.54 -10.42 -33.49
C ARG A 471 -8.74 -11.56 -34.47
N GLY A 472 -9.91 -12.17 -34.47
CA GLY A 472 -10.16 -13.25 -35.39
C GLY A 472 -11.55 -13.84 -35.30
N ILE A 473 -12.23 -13.86 -36.45
CA ILE A 473 -13.55 -14.46 -36.51
C ILE A 473 -13.40 -15.73 -37.34
N ARG A 474 -13.87 -16.83 -36.80
CA ARG A 474 -13.79 -18.11 -37.49
C ARG A 474 -15.15 -18.73 -37.72
N VAL A 475 -15.33 -19.32 -38.91
CA VAL A 475 -16.56 -20.04 -39.25
C VAL A 475 -16.10 -21.38 -39.79
N GLU A 476 -16.15 -22.40 -38.94
CA GLU A 476 -15.67 -23.72 -39.32
C GLU A 476 -16.66 -24.86 -39.14
N PRO A 477 -16.38 -26.00 -39.79
CA PRO A 477 -17.23 -27.19 -39.71
C PRO A 477 -16.79 -28.11 -38.59
N VAL A 478 -17.70 -28.50 -37.70
CA VAL A 478 -17.32 -29.35 -36.59
C VAL A 478 -18.22 -30.57 -36.39
N PHE A 479 -17.62 -31.75 -36.34
CA PHE A 479 -18.39 -32.96 -36.12
C PHE A 479 -18.50 -33.19 -34.62
N ILE A 480 -19.71 -33.24 -34.10
CA ILE A 480 -19.91 -33.48 -32.67
C ILE A 480 -20.49 -34.85 -32.41
N ALA A 481 -19.80 -35.65 -31.61
CA ALA A 481 -20.26 -36.99 -31.27
C ALA A 481 -20.17 -37.21 -29.77
N GLU A 482 -20.60 -38.37 -29.30
CA GLU A 482 -20.48 -38.67 -27.90
C GLU A 482 -19.06 -39.21 -27.87
N LYS A 483 -18.22 -38.62 -27.03
CA LYS A 483 -16.83 -39.05 -26.94
C LYS A 483 -16.41 -39.38 -25.52
N GLU A 484 -15.50 -40.33 -25.39
CA GLU A 484 -15.02 -40.74 -24.09
C GLU A 484 -13.89 -39.83 -23.60
N TYR A 485 -14.00 -39.38 -22.36
CA TYR A 485 -12.95 -38.55 -21.80
C TYR A 485 -12.35 -39.33 -20.64
N LEU A 486 -11.02 -39.51 -20.67
CA LEU A 486 -10.33 -40.21 -19.60
C LEU A 486 -10.13 -39.21 -18.43
N MSE A 487 -10.78 -39.45 -17.31
CA MSE A 487 -10.68 -38.53 -16.18
C MSE A 487 -9.57 -38.92 -15.22
O MSE A 487 -8.99 -38.05 -14.57
CB MSE A 487 -11.97 -38.52 -15.38
CG MSE A 487 -13.18 -38.08 -16.12
SE MSE A 487 -14.63 -37.98 -14.85
CE MSE A 487 -14.84 -39.88 -14.53
N LEU A 488 -9.28 -40.21 -15.13
CA LEU A 488 -8.25 -40.68 -14.24
C LEU A 488 -8.14 -42.19 -14.23
N GLU A 489 -6.94 -42.70 -14.12
CA GLU A 489 -6.77 -44.14 -14.06
C GLU A 489 -6.01 -44.49 -12.78
N VAL A 490 -6.62 -45.31 -11.93
CA VAL A 490 -6.00 -45.74 -10.68
C VAL A 490 -5.55 -47.19 -10.82
N SER A 491 -4.94 -47.73 -9.77
CA SER A 491 -4.44 -49.11 -9.80
C SER A 491 -5.12 -49.99 -8.75
N ALA A 492 -5.33 -51.25 -9.09
CA ALA A 492 -5.95 -52.17 -8.15
C ALA A 492 -4.95 -52.41 -7.01
N SER A 493 -5.44 -52.39 -5.78
CA SER A 493 -4.57 -52.59 -4.62
C SER A 493 -5.06 -53.75 -3.72
N ALA A 494 -4.23 -54.14 -2.74
CA ALA A 494 -4.55 -55.25 -1.81
C ALA A 494 -5.61 -54.94 -0.73
N THR B 18 27.52 -21.16 -13.55
CA THR B 18 28.46 -20.29 -14.30
C THR B 18 28.73 -20.83 -15.72
N SER B 19 28.90 -19.90 -16.67
CA SER B 19 29.15 -20.27 -18.06
C SER B 19 30.64 -20.18 -18.32
N GLY B 20 31.43 -20.76 -17.43
CA GLY B 20 32.87 -20.70 -17.57
C GLY B 20 33.42 -19.53 -16.79
N TRP B 21 32.52 -18.65 -16.33
CA TRP B 21 32.92 -17.48 -15.56
C TRP B 21 33.80 -17.88 -14.37
N GLU B 22 33.38 -18.90 -13.65
CA GLU B 22 34.11 -19.36 -12.49
C GLU B 22 35.55 -19.71 -12.84
N ASP B 23 35.73 -20.63 -13.79
CA ASP B 23 37.07 -21.04 -14.18
C ASP B 23 37.89 -19.83 -14.62
N ALA B 24 37.26 -18.98 -15.42
CA ALA B 24 37.90 -17.78 -15.95
C ALA B 24 38.48 -16.91 -14.86
N LEU B 25 37.61 -16.42 -13.99
CA LEU B 25 38.04 -15.56 -12.90
C LEU B 25 39.15 -16.25 -12.10
N LYS B 26 38.92 -17.52 -11.78
CA LYS B 26 39.90 -18.31 -11.03
C LYS B 26 41.22 -18.27 -11.77
N TRP B 27 41.20 -18.66 -13.04
CA TRP B 27 42.40 -18.66 -13.86
C TRP B 27 43.13 -17.32 -13.73
N LEU B 28 42.38 -16.22 -13.81
CA LEU B 28 42.98 -14.89 -13.70
C LEU B 28 43.79 -14.71 -12.43
N ARG B 29 43.14 -14.92 -11.28
CA ARG B 29 43.81 -14.76 -9.99
C ARG B 29 44.84 -15.86 -9.72
N GLU B 30 45.18 -16.63 -10.75
CA GLU B 30 46.17 -17.67 -10.59
C GLU B 30 47.13 -17.71 -11.78
N ASN B 31 47.07 -16.69 -12.62
CA ASN B 31 47.94 -16.64 -13.78
C ASN B 31 48.20 -15.19 -14.22
N THR B 32 47.79 -14.24 -13.40
CA THR B 32 48.02 -12.83 -13.73
C THR B 32 48.43 -12.02 -12.51
N PRO B 33 49.20 -10.94 -12.73
CA PRO B 33 49.67 -10.08 -11.65
C PRO B 33 48.57 -9.74 -10.64
N GLU B 34 48.96 -9.70 -9.37
CA GLU B 34 48.05 -9.41 -8.26
C GLU B 34 47.45 -8.02 -8.34
N TYR B 35 47.93 -7.19 -9.26
CA TYR B 35 47.41 -5.84 -9.37
C TYR B 35 46.84 -5.56 -10.75
N SER B 36 46.59 -6.61 -11.52
CA SER B 36 46.03 -6.48 -12.86
C SER B 36 44.57 -6.06 -12.85
N THR B 37 44.22 -5.15 -13.76
CA THR B 37 42.85 -4.67 -13.87
C THR B 37 42.12 -5.43 -14.99
N ALA B 38 40.98 -6.04 -14.67
CA ALA B 38 40.19 -6.75 -15.67
C ALA B 38 38.94 -5.93 -15.97
N THR B 39 38.20 -6.30 -17.00
CA THR B 39 36.96 -5.61 -17.37
C THR B 39 36.06 -6.53 -18.16
N SER B 40 34.77 -6.21 -18.11
CA SER B 40 33.77 -6.98 -18.83
C SER B 40 32.54 -6.09 -19.01
N TRP B 41 31.76 -6.38 -20.05
CA TRP B 41 30.55 -5.61 -20.29
C TRP B 41 29.64 -5.75 -19.07
N TRP B 42 29.01 -4.65 -18.66
CA TRP B 42 28.10 -4.66 -17.54
C TRP B 42 28.72 -5.26 -16.28
N ASP B 43 30.05 -5.33 -16.29
CA ASP B 43 30.86 -5.80 -15.17
C ASP B 43 30.41 -7.07 -14.49
N TYR B 44 30.18 -8.12 -15.26
CA TYR B 44 29.76 -9.40 -14.70
C TYR B 44 30.93 -9.97 -13.94
N GLY B 45 32.10 -9.90 -14.57
CA GLY B 45 33.30 -10.42 -13.95
C GLY B 45 33.43 -9.90 -12.54
N TYR B 46 33.29 -8.60 -12.36
CA TYR B 46 33.37 -8.04 -11.03
C TYR B 46 32.32 -8.70 -10.17
N TRP B 47 31.06 -8.39 -10.46
CA TRP B 47 29.91 -8.92 -9.73
C TRP B 47 30.02 -10.39 -9.31
N ILE B 48 30.58 -11.23 -10.15
CA ILE B 48 30.70 -12.64 -9.83
C ILE B 48 31.73 -12.92 -8.76
N GLU B 49 32.88 -12.24 -8.85
CA GLU B 49 33.94 -12.42 -7.86
C GLU B 49 33.46 -11.71 -6.60
N SER B 50 33.10 -10.44 -6.77
CA SER B 50 32.61 -9.59 -5.71
C SER B 50 31.51 -10.32 -4.93
N SER B 51 30.29 -10.35 -5.49
CA SER B 51 29.14 -11.03 -4.87
C SER B 51 29.32 -12.53 -5.18
N LEU B 52 28.25 -13.31 -5.05
CA LEU B 52 28.32 -14.73 -5.36
C LEU B 52 29.52 -15.50 -4.74
N LEU B 53 30.68 -15.48 -5.41
CA LEU B 53 31.89 -16.16 -4.94
C LEU B 53 32.48 -15.52 -3.68
N GLY B 54 32.45 -14.19 -3.63
CA GLY B 54 32.91 -13.44 -2.47
C GLY B 54 34.36 -13.33 -2.03
N GLN B 55 35.03 -12.25 -2.44
CA GLN B 55 36.42 -11.93 -2.06
C GLN B 55 36.96 -10.74 -2.86
N ARG B 56 37.40 -9.71 -2.14
CA ARG B 56 37.93 -8.47 -2.73
C ARG B 56 39.40 -8.64 -3.17
N ARG B 57 40.04 -7.52 -3.55
CA ARG B 57 41.45 -7.54 -3.97
C ARG B 57 42.17 -6.19 -3.71
N ALA B 58 41.53 -5.09 -4.13
CA ALA B 58 42.06 -3.73 -3.97
C ALA B 58 40.88 -2.76 -3.85
N SER B 59 40.19 -2.55 -4.96
CA SER B 59 39.02 -1.68 -5.05
C SER B 59 38.73 -1.46 -6.54
N ALA B 60 39.82 -1.35 -7.31
CA ALA B 60 39.76 -1.17 -8.76
C ALA B 60 40.36 -2.45 -9.41
N ASP B 61 39.74 -3.59 -9.10
CA ASP B 61 40.13 -4.92 -9.62
C ASP B 61 39.75 -4.96 -11.10
N GLY B 62 38.70 -4.18 -11.42
CA GLY B 62 38.19 -4.05 -12.78
C GLY B 62 37.59 -2.67 -12.92
N GLY B 63 37.42 -2.20 -14.16
CA GLY B 63 36.86 -0.88 -14.38
C GLY B 63 35.35 -0.84 -14.59
N HIS B 64 34.56 -0.67 -13.52
CA HIS B 64 33.11 -0.63 -13.67
C HIS B 64 32.49 0.76 -13.84
N ALA B 65 31.22 0.92 -13.46
CA ALA B 65 30.47 2.19 -13.53
C ALA B 65 30.07 2.75 -14.91
N ARG B 66 28.94 3.46 -14.87
CA ARG B 66 28.22 4.12 -15.99
C ARG B 66 28.97 4.84 -17.12
N ASP B 67 30.13 5.43 -16.80
CA ASP B 67 30.91 6.15 -17.81
C ASP B 67 31.43 5.14 -18.86
N ARG B 68 32.09 4.10 -18.33
CA ARG B 68 32.71 3.01 -19.08
C ARG B 68 31.76 2.22 -19.97
N ASP B 69 30.51 2.03 -19.53
CA ASP B 69 29.58 1.29 -20.35
C ASP B 69 29.48 1.89 -21.73
N HIS B 70 29.34 3.21 -21.81
CA HIS B 70 29.29 3.85 -23.10
C HIS B 70 30.58 3.57 -23.88
N ILE B 71 31.72 3.69 -23.22
CA ILE B 71 32.98 3.44 -23.90
C ILE B 71 33.19 1.96 -24.22
N LEU B 72 32.85 1.07 -23.28
CA LEU B 72 32.99 -0.35 -23.57
C LEU B 72 32.10 -0.68 -24.75
N ALA B 73 30.91 -0.07 -24.77
CA ALA B 73 29.97 -0.32 -25.86
C ALA B 73 30.64 0.09 -27.14
N LEU B 74 30.93 1.38 -27.26
CA LEU B 74 31.56 1.92 -28.44
C LEU B 74 32.62 1.00 -29.02
N PHE B 75 33.32 0.26 -28.17
CA PHE B 75 34.35 -0.63 -28.66
C PHE B 75 33.78 -1.92 -29.19
N LEU B 76 32.86 -2.51 -28.41
CA LEU B 76 32.22 -3.78 -28.74
C LEU B 76 31.25 -3.70 -29.92
N ALA B 77 30.50 -2.61 -30.01
CA ALA B 77 29.50 -2.43 -31.06
C ALA B 77 30.01 -1.82 -32.35
N ARG B 78 31.19 -1.23 -32.34
CA ARG B 78 31.66 -0.62 -33.57
C ARG B 78 32.83 -1.34 -34.19
N ASP B 79 33.35 -0.75 -35.25
CA ASP B 79 34.47 -1.32 -35.99
C ASP B 79 35.24 -0.14 -36.56
N GLY B 80 36.54 -0.33 -36.75
CA GLY B 80 37.35 0.72 -37.32
C GLY B 80 37.89 1.78 -36.37
N ASN B 81 38.32 2.89 -36.94
CA ASN B 81 38.90 3.98 -36.18
C ASN B 81 38.12 4.38 -34.94
N ILE B 82 36.85 4.75 -35.11
CA ILE B 82 36.05 5.18 -33.97
C ILE B 82 35.89 4.11 -32.87
N SER B 83 36.26 2.87 -33.17
CA SER B 83 36.11 1.81 -32.17
C SER B 83 37.37 1.67 -31.32
N GLU B 84 38.42 2.37 -31.71
CA GLU B 84 39.66 2.29 -30.95
C GLU B 84 39.60 3.19 -29.72
N VAL B 85 39.01 2.71 -28.63
CA VAL B 85 38.96 3.53 -27.43
C VAL B 85 40.30 3.36 -26.72
N ASP B 86 40.67 4.33 -25.90
CA ASP B 86 41.93 4.20 -25.21
C ASP B 86 41.73 3.45 -23.92
N PHE B 87 41.87 2.14 -23.99
CA PHE B 87 41.73 1.31 -22.82
C PHE B 87 42.93 1.46 -21.89
N GLU B 88 44.07 1.82 -22.46
CA GLU B 88 45.28 1.99 -21.65
C GLU B 88 45.10 3.02 -20.56
N SER B 89 44.30 4.05 -20.84
CA SER B 89 44.05 5.10 -19.87
C SER B 89 43.43 4.51 -18.61
N TRP B 90 42.92 3.29 -18.71
CA TRP B 90 42.27 2.61 -17.59
C TRP B 90 43.20 1.64 -16.88
N GLU B 91 44.44 1.53 -17.34
CA GLU B 91 45.37 0.58 -16.72
C GLU B 91 44.76 -0.81 -16.96
N LEU B 92 44.09 -0.97 -18.10
CA LEU B 92 43.42 -2.23 -18.44
C LEU B 92 44.38 -3.34 -18.85
N ASN B 93 44.32 -4.45 -18.14
CA ASN B 93 45.20 -5.58 -18.40
C ASN B 93 44.50 -6.67 -19.21
N TYR B 94 43.30 -7.05 -18.76
CA TYR B 94 42.53 -8.11 -19.43
C TYR B 94 41.09 -7.77 -19.66
N PHE B 95 40.60 -8.17 -20.84
CA PHE B 95 39.20 -7.97 -21.22
C PHE B 95 38.54 -9.33 -21.27
N LEU B 96 37.39 -9.46 -20.60
CA LEU B 96 36.65 -10.71 -20.59
C LEU B 96 35.41 -10.57 -21.47
N VAL B 97 35.38 -11.30 -22.58
CA VAL B 97 34.22 -11.25 -23.48
C VAL B 97 33.34 -12.46 -23.17
N TYR B 98 32.05 -12.19 -23.01
CA TYR B 98 31.06 -13.20 -22.67
C TYR B 98 30.12 -13.37 -23.86
N LEU B 99 30.17 -14.54 -24.50
CA LEU B 99 29.34 -14.81 -25.66
C LEU B 99 27.87 -14.47 -25.44
N ASN B 100 27.29 -14.88 -24.32
CA ASN B 100 25.89 -14.61 -24.05
C ASN B 100 25.47 -13.16 -24.15
N ASP B 101 26.43 -12.24 -24.21
CA ASP B 101 26.07 -10.83 -24.27
C ASP B 101 25.36 -10.46 -25.56
N TRP B 102 25.43 -11.35 -26.55
CA TRP B 102 24.74 -11.08 -27.81
C TRP B 102 23.27 -10.82 -27.48
N ALA B 103 22.76 -11.58 -26.51
CA ALA B 103 21.39 -11.46 -26.08
C ALA B 103 21.04 -10.05 -25.68
N LYS B 104 22.03 -9.30 -25.18
CA LYS B 104 21.76 -7.92 -24.80
C LYS B 104 22.53 -6.92 -25.66
N PHE B 105 22.85 -7.34 -26.87
CA PHE B 105 23.59 -6.51 -27.81
C PHE B 105 22.76 -5.34 -28.36
N ASN B 106 21.47 -5.30 -28.08
CA ASN B 106 20.69 -4.17 -28.59
C ASN B 106 21.02 -2.98 -27.74
N ALA B 107 21.35 -3.24 -26.47
CA ALA B 107 21.75 -2.21 -25.51
C ALA B 107 23.14 -1.74 -25.91
N ILE B 108 24.08 -2.66 -25.89
CA ILE B 108 25.44 -2.37 -26.30
C ILE B 108 25.45 -1.58 -27.61
N SER B 109 24.63 -1.99 -28.57
CA SER B 109 24.61 -1.29 -29.86
C SER B 109 24.11 0.14 -29.74
N TYR B 110 23.05 0.33 -28.97
CA TYR B 110 22.51 1.65 -28.79
C TYR B 110 23.49 2.54 -28.01
N LEU B 111 24.01 2.03 -26.89
CA LEU B 111 24.96 2.77 -26.06
C LEU B 111 26.23 3.13 -26.82
N GLY B 112 26.67 2.18 -27.66
CA GLY B 112 27.86 2.40 -28.45
C GLY B 112 27.58 3.31 -29.62
N GLY B 113 26.34 3.79 -29.70
CA GLY B 113 25.96 4.68 -30.78
C GLY B 113 26.00 4.08 -32.18
N ALA B 114 25.71 2.78 -32.28
CA ALA B 114 25.71 2.05 -33.53
C ALA B 114 24.32 2.06 -34.20
N ILE B 115 23.26 2.02 -33.39
CA ILE B 115 21.90 2.01 -33.89
C ILE B 115 21.18 3.19 -33.27
N THR B 116 19.91 3.38 -33.61
CA THR B 116 19.14 4.50 -33.06
C THR B 116 18.24 4.01 -31.96
N ARG B 117 17.55 4.94 -31.32
CA ARG B 117 16.66 4.58 -30.22
C ARG B 117 15.55 3.68 -30.73
N ARG B 118 15.08 3.99 -31.94
CA ARG B 118 14.03 3.20 -32.57
C ARG B 118 14.51 1.78 -32.82
N GLU B 119 15.63 1.65 -33.51
CA GLU B 119 16.18 0.35 -33.80
C GLU B 119 16.52 -0.37 -32.51
N TYR B 120 16.66 0.38 -31.44
CA TYR B 120 17.00 -0.18 -30.15
C TYR B 120 15.85 -0.90 -29.49
N ASN B 121 14.72 -0.22 -29.35
CA ASN B 121 13.57 -0.84 -28.71
C ASN B 121 12.19 -0.37 -29.24
N GLY B 122 12.14 0.02 -30.51
CA GLY B 122 10.88 0.43 -31.14
C GLY B 122 10.34 1.80 -30.76
N ASP B 123 9.57 2.40 -31.65
CA ASP B 123 8.99 3.71 -31.41
C ASP B 123 7.74 3.67 -30.53
N GLU B 124 7.18 4.83 -30.24
CA GLU B 124 6.01 4.94 -29.38
C GLU B 124 4.80 4.13 -29.83
N SER B 125 4.97 3.35 -30.88
CA SER B 125 3.90 2.52 -31.39
C SER B 125 4.47 1.13 -31.61
N GLY B 126 5.49 0.81 -30.82
CA GLY B 126 6.14 -0.49 -30.87
C GLY B 126 6.68 -1.00 -32.19
N ARG B 127 7.27 -0.11 -32.98
CA ARG B 127 7.82 -0.56 -34.25
C ARG B 127 9.23 0.00 -34.46
N GLY B 128 10.00 -0.67 -35.29
CA GLY B 128 11.34 -0.20 -35.58
C GLY B 128 12.38 -1.12 -34.97
N ALA B 129 11.98 -1.80 -33.90
CA ALA B 129 12.86 -2.71 -33.18
C ALA B 129 13.60 -3.60 -34.16
N VAL B 130 14.87 -3.82 -33.85
CA VAL B 130 15.73 -4.63 -34.68
C VAL B 130 16.41 -5.67 -33.81
N THR B 131 16.85 -6.77 -34.40
CA THR B 131 17.56 -7.78 -33.66
C THR B 131 18.98 -7.60 -34.15
N THR B 132 19.79 -6.94 -33.36
CA THR B 132 21.16 -6.69 -33.79
C THR B 132 22.04 -7.92 -33.93
N LEU B 133 21.80 -8.94 -33.13
CA LEU B 133 22.66 -10.11 -33.24
C LEU B 133 21.95 -11.37 -32.88
N LEU B 134 22.28 -12.45 -33.59
CA LEU B 134 21.67 -13.73 -33.34
C LEU B 134 22.68 -14.77 -33.73
N PRO B 135 23.09 -15.62 -32.78
CA PRO B 135 24.07 -16.65 -33.11
C PRO B 135 23.37 -17.91 -33.62
N LEU B 136 23.88 -18.45 -34.71
CA LEU B 136 23.29 -19.63 -35.30
C LEU B 136 24.26 -20.78 -35.20
N PRO B 137 24.09 -21.64 -34.19
CA PRO B 137 24.95 -22.80 -33.98
C PRO B 137 24.85 -23.81 -35.14
N ARG B 138 25.91 -24.59 -35.35
CA ARG B 138 25.91 -25.59 -36.41
C ARG B 138 24.99 -26.77 -36.07
N TYR B 139 24.21 -27.20 -37.06
CA TYR B 139 23.27 -28.30 -36.89
C TYR B 139 23.35 -29.13 -38.15
N GLY B 140 24.28 -30.09 -38.19
CA GLY B 140 24.44 -30.89 -39.38
C GLY B 140 24.98 -30.01 -40.49
N GLU B 141 24.22 -29.85 -41.57
CA GLU B 141 24.67 -29.02 -42.68
C GLU B 141 23.81 -27.75 -42.65
N LYS B 142 23.20 -27.52 -41.50
CA LYS B 142 22.36 -26.35 -41.30
C LYS B 142 22.84 -25.55 -40.09
N TYR B 143 22.41 -24.29 -40.03
CA TYR B 143 22.74 -23.42 -38.90
C TYR B 143 21.42 -23.05 -38.29
N VAL B 144 21.21 -23.38 -37.01
CA VAL B 144 19.93 -23.03 -36.43
C VAL B 144 19.90 -22.43 -35.03
N ASN B 145 19.08 -21.40 -34.89
CA ASN B 145 18.86 -20.72 -33.62
C ASN B 145 17.42 -21.06 -33.26
N LEU B 146 17.26 -21.98 -32.32
CA LEU B 146 15.94 -22.43 -31.90
C LEU B 146 15.06 -21.31 -31.35
N TYR B 147 15.64 -20.49 -30.49
CA TYR B 147 14.93 -19.39 -29.86
C TYR B 147 14.35 -18.41 -30.89
N ALA B 148 15.08 -18.18 -31.98
CA ALA B 148 14.62 -17.25 -32.98
C ALA B 148 13.86 -17.89 -34.13
N LYS B 149 13.82 -19.23 -34.13
CA LYS B 149 13.16 -19.97 -35.21
C LYS B 149 13.86 -19.59 -36.50
N VAL B 150 15.19 -19.59 -36.50
CA VAL B 150 15.90 -19.23 -37.70
C VAL B 150 16.74 -20.38 -38.23
N ILE B 151 16.54 -20.70 -39.50
CA ILE B 151 17.33 -21.77 -40.11
C ILE B 151 18.03 -21.27 -41.35
N VAL B 152 19.24 -21.77 -41.56
CA VAL B 152 20.04 -21.39 -42.71
C VAL B 152 20.51 -22.67 -43.38
N ASP B 153 20.01 -22.92 -44.59
CA ASP B 153 20.39 -24.13 -45.32
C ASP B 153 21.38 -23.79 -46.41
N VAL B 154 22.50 -24.51 -46.46
CA VAL B 154 23.52 -24.28 -47.47
C VAL B 154 23.53 -25.38 -48.53
N SER B 155 22.97 -25.07 -49.69
CA SER B 155 22.89 -26.04 -50.80
C SER B 155 23.34 -25.45 -52.13
N ASN B 156 24.25 -26.17 -52.80
CA ASN B 156 24.80 -25.77 -54.10
C ASN B 156 25.42 -24.38 -54.05
N SER B 157 26.35 -24.19 -53.13
CA SER B 157 27.03 -22.90 -52.99
C SER B 157 26.11 -21.74 -52.59
N SER B 158 24.79 -21.94 -52.70
CA SER B 158 23.80 -20.91 -52.34
C SER B 158 23.04 -21.24 -51.04
N VAL B 159 22.63 -20.21 -50.31
CA VAL B 159 21.95 -20.43 -49.03
C VAL B 159 20.51 -19.92 -48.91
N LYS B 160 19.69 -20.69 -48.21
CA LYS B 160 18.29 -20.34 -47.99
C LYS B 160 18.11 -20.04 -46.51
N VAL B 161 17.65 -18.85 -46.21
CA VAL B 161 17.45 -18.44 -44.84
C VAL B 161 15.99 -18.27 -44.49
N THR B 162 15.53 -18.98 -43.46
CA THR B 162 14.14 -18.87 -43.01
C THR B 162 14.10 -18.30 -41.59
N VAL B 163 13.13 -17.43 -41.37
CA VAL B 163 12.95 -16.78 -40.08
C VAL B 163 11.49 -16.94 -39.72
N GLY B 164 11.18 -17.99 -38.97
CA GLY B 164 9.80 -18.24 -38.60
C GLY B 164 9.15 -18.92 -39.80
N ASP B 165 8.10 -18.30 -40.35
CA ASP B 165 7.40 -18.85 -41.50
C ASP B 165 7.64 -17.92 -42.68
N ARG B 166 8.88 -17.51 -42.86
CA ARG B 166 9.26 -16.61 -43.94
C ARG B 166 10.63 -16.99 -44.49
N GLU B 167 10.89 -16.62 -45.72
CA GLU B 167 12.17 -16.90 -46.34
C GLU B 167 12.78 -15.54 -46.65
N CYS B 168 13.97 -15.28 -46.10
CA CYS B 168 14.62 -13.99 -46.31
C CYS B 168 15.97 -14.11 -46.98
N ASP B 169 16.31 -13.10 -47.76
CA ASP B 169 17.59 -13.06 -48.46
C ASP B 169 18.40 -11.92 -47.85
N PRO B 170 19.50 -12.26 -47.14
CA PRO B 170 20.33 -11.23 -46.52
C PRO B 170 21.08 -10.36 -47.53
N LEU B 171 21.20 -9.09 -47.20
CA LEU B 171 21.90 -8.12 -48.02
C LEU B 171 23.24 -8.69 -48.45
N MSE B 172 23.75 -9.66 -47.68
CA MSE B 172 25.01 -10.25 -48.00
C MSE B 172 25.36 -11.40 -47.08
O MSE B 172 25.10 -11.35 -45.88
CB MSE B 172 26.10 -9.19 -47.88
CG MSE B 172 27.49 -9.69 -48.14
SE MSE B 172 28.71 -8.20 -48.35
CE MSE B 172 28.08 -7.54 -50.08
N VAL B 173 25.94 -12.45 -47.65
CA VAL B 173 26.35 -13.62 -46.88
C VAL B 173 27.86 -13.73 -46.99
N THR B 174 28.52 -14.02 -45.88
CA THR B 174 29.96 -14.09 -45.91
C THR B 174 30.50 -15.37 -45.32
N PHE B 175 31.31 -16.07 -46.09
CA PHE B 175 31.91 -17.31 -45.61
C PHE B 175 33.32 -17.03 -45.14
N THR B 176 33.75 -17.79 -44.16
CA THR B 176 35.08 -17.64 -43.58
C THR B 176 35.38 -18.99 -42.95
N PRO B 177 36.58 -19.55 -43.16
CA PRO B 177 37.78 -19.10 -43.92
C PRO B 177 37.63 -18.72 -45.41
N SER B 178 36.72 -19.38 -46.13
CA SER B 178 36.50 -19.12 -47.56
C SER B 178 36.69 -17.68 -48.04
N GLY B 179 35.98 -16.75 -47.43
CA GLY B 179 36.10 -15.36 -47.84
C GLY B 179 35.13 -15.01 -48.95
N LYS B 180 34.41 -16.02 -49.43
CA LYS B 180 33.45 -15.81 -50.52
C LYS B 180 32.27 -14.95 -50.09
N THR B 181 31.76 -14.14 -51.01
CA THR B 181 30.65 -13.24 -50.71
C THR B 181 29.48 -13.33 -51.68
N ILE B 182 28.27 -13.46 -51.13
CA ILE B 182 27.04 -13.53 -51.91
C ILE B 182 26.19 -12.31 -51.61
N LYS B 183 25.80 -11.55 -52.63
CA LYS B 183 24.94 -10.41 -52.34
C LYS B 183 23.50 -10.92 -52.37
N GLY B 184 22.64 -10.31 -51.57
CA GLY B 184 21.25 -10.71 -51.52
C GLY B 184 20.42 -9.47 -51.70
N THR B 185 19.10 -9.59 -51.54
CA THR B 185 18.20 -8.46 -51.71
C THR B 185 17.82 -7.76 -50.41
N GLY B 186 18.10 -8.40 -49.28
CA GLY B 186 17.76 -7.80 -48.02
C GLY B 186 16.26 -7.64 -47.87
N THR B 187 15.54 -8.73 -48.17
CA THR B 187 14.08 -8.76 -48.07
C THR B 187 13.60 -10.16 -47.75
N CYS B 188 12.34 -10.27 -47.32
CA CYS B 188 11.76 -11.58 -46.98
C CYS B 188 10.63 -12.03 -47.89
N SER B 189 10.10 -13.21 -47.59
CA SER B 189 9.00 -13.81 -48.35
C SER B 189 7.83 -12.83 -48.40
N ASP B 190 7.46 -12.28 -47.25
CA ASP B 190 6.38 -11.30 -47.17
C ASP B 190 6.94 -10.02 -47.79
N GLY B 191 6.30 -8.90 -47.53
CA GLY B 191 6.77 -7.66 -48.12
C GLY B 191 7.72 -6.83 -47.26
N ASN B 192 8.61 -7.49 -46.53
CA ASN B 192 9.51 -6.75 -45.67
C ASN B 192 10.97 -6.75 -46.03
N ALA B 193 11.65 -5.71 -45.54
CA ALA B 193 13.06 -5.55 -45.74
C ALA B 193 13.75 -6.41 -44.69
N PHE B 194 14.94 -6.86 -45.02
CA PHE B 194 15.72 -7.72 -44.14
C PHE B 194 17.09 -7.07 -44.20
N PRO B 195 17.28 -5.98 -43.43
CA PRO B 195 18.58 -5.30 -43.46
C PRO B 195 19.57 -6.07 -42.61
N TYR B 196 19.89 -7.29 -43.01
CA TYR B 196 20.80 -8.10 -42.22
C TYR B 196 21.91 -8.67 -43.05
N VAL B 197 22.99 -9.04 -42.37
CA VAL B 197 24.13 -9.62 -43.03
C VAL B 197 24.21 -10.98 -42.41
N LEU B 198 24.91 -11.90 -43.04
CA LEU B 198 25.04 -13.24 -42.49
C LEU B 198 26.48 -13.68 -42.60
N HIS B 199 27.07 -14.05 -41.47
CA HIS B 199 28.47 -14.49 -41.44
C HIS B 199 28.46 -15.96 -41.09
N LEU B 200 29.16 -16.77 -41.89
CA LEU B 200 29.22 -18.20 -41.64
C LEU B 200 30.62 -18.72 -41.28
N THR B 201 30.67 -19.54 -40.23
CA THR B 201 31.90 -20.15 -39.74
C THR B 201 31.67 -21.65 -39.72
N PRO B 202 32.70 -22.45 -40.02
CA PRO B 202 32.48 -23.90 -39.99
C PRO B 202 31.93 -24.39 -38.64
N THR B 203 31.88 -23.52 -37.65
CA THR B 203 31.39 -23.92 -36.33
C THR B 203 30.15 -23.16 -35.85
N ILE B 204 29.91 -21.98 -36.41
CA ILE B 204 28.76 -21.21 -36.01
C ILE B 204 28.48 -20.06 -36.97
N GLY B 205 27.26 -19.54 -36.92
CA GLY B 205 26.93 -18.46 -37.80
C GLY B 205 26.39 -17.30 -37.01
N VAL B 206 26.40 -16.13 -37.63
CA VAL B 206 25.91 -14.94 -36.97
C VAL B 206 25.07 -14.10 -37.92
N LEU B 207 23.82 -13.86 -37.55
CA LEU B 207 22.93 -13.04 -38.36
C LEU B 207 22.96 -11.66 -37.69
N ALA B 208 23.67 -10.73 -38.31
CA ALA B 208 23.80 -9.39 -37.75
C ALA B 208 23.02 -8.30 -38.46
N TYR B 209 22.58 -7.31 -37.70
CA TYR B 209 21.87 -6.20 -38.31
C TYR B 209 22.96 -5.58 -39.17
N TYR B 210 22.61 -4.78 -40.16
CA TYR B 210 23.63 -4.23 -41.05
C TYR B 210 24.56 -3.21 -40.40
N LYS B 211 24.00 -2.42 -39.47
CA LYS B 211 24.75 -1.40 -38.77
C LYS B 211 25.81 -1.96 -37.82
N VAL B 212 25.68 -3.20 -37.40
CA VAL B 212 26.71 -3.77 -36.55
C VAL B 212 27.28 -4.98 -37.25
N ALA B 213 27.23 -4.92 -38.57
CA ALA B 213 27.71 -6.01 -39.39
C ALA B 213 29.15 -6.38 -39.08
N THR B 214 29.96 -5.38 -38.78
CA THR B 214 31.36 -5.66 -38.51
C THR B 214 31.80 -5.36 -37.06
N ALA B 215 30.84 -5.30 -36.14
CA ALA B 215 31.10 -5.02 -34.72
C ALA B 215 32.25 -5.81 -34.09
N ASN B 216 33.11 -5.13 -33.33
CA ASN B 216 34.26 -5.80 -32.71
C ASN B 216 33.83 -6.97 -31.84
N PHE B 217 32.62 -6.89 -31.31
CA PHE B 217 32.13 -7.97 -30.46
C PHE B 217 32.06 -9.25 -31.28
N ILE B 218 31.64 -9.13 -32.54
CA ILE B 218 31.54 -10.28 -33.41
C ILE B 218 32.91 -10.93 -33.61
N LYS B 219 33.95 -10.10 -33.68
CA LYS B 219 35.30 -10.63 -33.88
C LYS B 219 35.76 -11.38 -32.64
N LEU B 220 35.69 -10.71 -31.50
CA LEU B 220 36.14 -11.31 -30.24
C LEU B 220 35.34 -12.50 -29.73
N ALA B 221 34.03 -12.50 -29.97
CA ALA B 221 33.16 -13.58 -29.48
C ALA B 221 32.96 -14.76 -30.42
N PHE B 222 32.68 -14.48 -31.69
CA PHE B 222 32.44 -15.55 -32.63
C PHE B 222 33.49 -15.79 -33.71
N GLY B 223 34.61 -15.08 -33.63
CA GLY B 223 35.63 -15.29 -34.62
C GLY B 223 35.30 -14.93 -36.05
N VAL B 224 34.51 -13.88 -36.25
CA VAL B 224 34.19 -13.44 -37.60
C VAL B 224 34.98 -12.15 -37.74
N PRO B 225 36.21 -12.26 -38.26
CA PRO B 225 37.16 -11.17 -38.47
C PRO B 225 36.77 -10.06 -39.44
N ALA B 226 35.74 -10.27 -40.23
CA ALA B 226 35.33 -9.25 -41.21
C ALA B 226 35.34 -7.83 -40.65
N SER B 227 35.97 -6.91 -41.38
CA SER B 227 36.05 -5.51 -41.00
C SER B 227 36.05 -4.61 -42.23
N THR B 228 35.47 -3.43 -42.10
CA THR B 228 35.41 -2.49 -43.21
C THR B 228 36.82 -1.97 -43.47
N ILE B 229 37.49 -1.52 -42.40
CA ILE B 229 38.84 -1.01 -42.54
C ILE B 229 39.77 -2.20 -42.82
N PRO B 230 40.46 -2.18 -43.97
CA PRO B 230 41.35 -3.31 -44.28
C PRO B 230 42.57 -3.29 -43.35
N GLY B 231 42.99 -4.48 -42.92
CA GLY B 231 44.13 -4.60 -42.04
C GLY B 231 43.74 -4.43 -40.58
N PHE B 232 42.57 -3.86 -40.34
CA PHE B 232 42.09 -3.60 -38.98
C PHE B 232 41.98 -4.84 -38.09
N SER B 233 41.42 -5.91 -38.64
CA SER B 233 41.20 -7.13 -37.87
C SER B 233 42.47 -7.85 -37.46
N ASP B 234 43.43 -8.01 -38.37
CA ASP B 234 44.68 -8.68 -38.03
C ASP B 234 45.29 -7.90 -36.89
N LYS B 235 45.27 -6.58 -37.05
CA LYS B 235 45.79 -5.68 -36.04
C LYS B 235 45.13 -5.93 -34.70
N LEU B 236 43.83 -5.69 -34.63
CA LEU B 236 43.07 -5.88 -33.41
C LEU B 236 43.48 -7.09 -32.56
N PHE B 237 43.73 -8.23 -33.20
CA PHE B 237 44.09 -9.43 -32.45
C PHE B 237 45.47 -9.47 -31.83
N SER B 238 46.32 -8.52 -32.24
CA SER B 238 47.65 -8.44 -31.68
C SER B 238 47.52 -7.62 -30.40
N ASN B 239 46.42 -6.88 -30.30
CA ASN B 239 46.13 -6.03 -29.15
C ASN B 239 45.29 -6.75 -28.10
N PHE B 240 44.43 -7.63 -28.57
CA PHE B 240 43.60 -8.42 -27.65
C PHE B 240 43.95 -9.86 -27.91
N GLU B 241 44.83 -10.39 -27.06
CA GLU B 241 45.27 -11.78 -27.20
C GLU B 241 44.44 -12.71 -26.37
N PRO B 242 43.82 -13.69 -27.03
CA PRO B 242 42.98 -14.67 -26.34
C PRO B 242 43.91 -15.60 -25.58
N VAL B 243 43.84 -15.56 -24.25
CA VAL B 243 44.70 -16.42 -23.45
C VAL B 243 43.99 -17.62 -22.83
N TYR B 244 42.70 -17.50 -22.55
CA TYR B 244 41.99 -18.63 -21.95
C TYR B 244 40.49 -18.61 -22.20
N GLU B 245 39.95 -19.79 -22.50
CA GLU B 245 38.53 -19.95 -22.74
C GLU B 245 37.97 -20.87 -21.67
N SER B 246 36.66 -20.98 -21.67
CA SER B 246 35.95 -21.86 -20.77
C SER B 246 34.55 -21.97 -21.34
N GLY B 247 33.55 -21.51 -20.61
CA GLY B 247 32.21 -21.62 -21.13
C GLY B 247 32.02 -20.69 -22.32
N ASN B 248 31.27 -19.63 -22.07
CA ASN B 248 30.98 -18.62 -23.08
C ASN B 248 31.87 -17.45 -22.77
N VAL B 249 32.90 -17.70 -21.96
CA VAL B 249 33.82 -16.66 -21.56
C VAL B 249 35.18 -16.86 -22.19
N ILE B 250 35.76 -15.76 -22.66
CA ILE B 250 37.10 -15.75 -23.25
C ILE B 250 37.87 -14.61 -22.58
N VAL B 251 39.05 -14.91 -22.06
CA VAL B 251 39.85 -13.88 -21.41
C VAL B 251 40.99 -13.38 -22.30
N TYR B 252 40.94 -12.09 -22.64
CA TYR B 252 41.95 -11.46 -23.50
C TYR B 252 42.96 -10.59 -22.77
N ARG B 253 44.23 -10.71 -23.15
CA ARG B 253 45.27 -9.86 -22.56
C ARG B 253 45.28 -8.62 -23.43
N PHE B 254 45.09 -7.47 -22.83
CA PHE B 254 45.10 -6.26 -23.63
C PHE B 254 46.49 -5.66 -23.64
N THR B 255 46.78 -4.87 -24.66
CA THR B 255 48.05 -4.19 -24.80
C THR B 255 47.86 -3.20 -25.91
N PRO B 256 47.99 -1.91 -25.59
CA PRO B 256 47.82 -0.89 -26.62
C PRO B 256 48.82 -0.98 -27.77
N PHE B 257 49.92 -1.71 -27.57
CA PHE B 257 50.89 -1.83 -28.65
C PHE B 257 51.32 -3.26 -28.85
N GLY B 258 50.98 -3.82 -30.00
CA GLY B 258 51.34 -5.19 -30.28
C GLY B 258 51.86 -5.35 -31.69
N ILE B 259 52.34 -6.56 -31.99
CA ILE B 259 52.84 -6.87 -33.31
C ILE B 259 51.92 -7.89 -33.95
N TYR B 260 51.31 -7.52 -35.06
CA TYR B 260 50.38 -8.42 -35.72
C TYR B 260 51.01 -9.18 -36.87
N LYS B 261 52.26 -8.87 -37.18
CA LYS B 261 52.97 -9.54 -38.26
C LYS B 261 54.47 -9.31 -38.25
N ILE B 262 55.24 -10.36 -38.43
CA ILE B 262 56.68 -10.24 -38.51
C ILE B 262 57.10 -10.87 -39.84
N GLU B 263 57.77 -10.09 -40.67
CA GLU B 263 58.24 -10.55 -41.96
C GLU B 263 59.76 -10.54 -41.92
N GLU B 264 60.39 -11.51 -42.61
CA GLU B 264 61.84 -11.58 -42.65
C GLU B 264 62.33 -11.52 -44.10
N ASN B 265 63.39 -10.74 -44.34
CA ASN B 265 63.93 -10.65 -45.68
C ASN B 265 64.59 -11.95 -46.07
N ILE B 266 63.94 -12.69 -46.95
CA ILE B 266 64.48 -13.94 -47.46
C ILE B 266 64.98 -13.66 -48.87
N ASN B 267 66.19 -13.11 -48.93
CA ASN B 267 66.88 -12.72 -50.15
C ASN B 267 66.02 -11.93 -51.14
N GLY B 268 65.97 -10.62 -50.92
CA GLY B 268 65.21 -9.73 -51.77
C GLY B 268 63.70 -9.67 -51.53
N THR B 269 63.14 -10.77 -51.01
CA THR B 269 61.70 -10.82 -50.76
C THR B 269 61.31 -10.93 -49.29
N TRP B 270 60.39 -10.07 -48.86
CA TRP B 270 59.92 -10.12 -47.49
C TRP B 270 58.91 -11.24 -47.40
N LYS B 271 58.99 -12.03 -46.34
CA LYS B 271 58.08 -13.15 -46.14
C LYS B 271 57.70 -13.24 -44.67
N GLN B 272 56.44 -13.54 -44.39
CA GLN B 272 55.99 -13.65 -43.01
C GLN B 272 56.47 -14.89 -42.30
N VAL B 273 56.92 -14.69 -41.07
CA VAL B 273 57.40 -15.76 -40.21
C VAL B 273 56.57 -15.69 -38.93
N TYR B 274 56.51 -16.79 -38.18
CA TYR B 274 55.72 -16.80 -36.96
C TYR B 274 56.58 -17.21 -35.78
N ASN B 275 57.82 -17.57 -36.06
CA ASN B 275 58.78 -17.96 -35.03
C ASN B 275 60.18 -17.63 -35.56
N LEU B 276 61.02 -17.08 -34.68
CA LEU B 276 62.38 -16.71 -35.04
C LEU B 276 63.38 -17.74 -34.52
N THR B 277 64.59 -17.70 -35.07
CA THR B 277 65.66 -18.61 -34.68
C THR B 277 66.77 -17.77 -34.06
N PRO B 278 67.78 -18.42 -33.44
CA PRO B 278 68.85 -17.60 -32.85
C PRO B 278 69.82 -17.17 -33.95
N GLY B 279 70.37 -15.97 -33.84
CA GLY B 279 71.31 -15.52 -34.85
C GLY B 279 70.94 -14.23 -35.55
N LYS B 280 71.64 -13.94 -36.64
CA LYS B 280 71.41 -12.73 -37.43
C LYS B 280 70.10 -12.80 -38.21
N HIS B 281 69.32 -11.72 -38.14
CA HIS B 281 68.04 -11.62 -38.83
C HIS B 281 67.80 -10.24 -39.41
N GLU B 282 66.83 -10.17 -40.32
CA GLU B 282 66.45 -8.90 -40.91
C GLU B 282 64.92 -8.94 -40.87
N LEU B 283 64.33 -8.22 -39.92
CA LEU B 283 62.88 -8.25 -39.78
C LEU B 283 62.14 -6.96 -40.07
N LYS B 284 60.84 -7.12 -40.29
CA LYS B 284 59.92 -6.02 -40.56
C LYS B 284 58.76 -6.28 -39.61
N LEU B 285 58.63 -5.42 -38.61
CA LEU B 285 57.58 -5.56 -37.60
C LEU B 285 56.36 -4.73 -37.96
N TYR B 286 55.17 -5.32 -37.86
CA TYR B 286 53.95 -4.58 -38.15
C TYR B 286 53.29 -4.25 -36.82
N ILE B 287 53.45 -3.00 -36.40
CA ILE B 287 52.94 -2.52 -35.13
C ILE B 287 51.46 -2.14 -35.17
N SER B 288 50.77 -2.40 -34.06
CA SER B 288 49.36 -2.04 -33.93
C SER B 288 49.21 -1.26 -32.64
N ALA B 289 48.78 -0.01 -32.77
CA ALA B 289 48.59 0.83 -31.60
C ALA B 289 47.09 1.09 -31.42
N PHE B 290 46.52 0.51 -30.37
CA PHE B 290 45.09 0.66 -30.09
C PHE B 290 44.72 1.79 -29.14
N GLY B 291 44.21 2.89 -29.67
CA GLY B 291 43.75 3.98 -28.81
C GLY B 291 44.67 5.11 -28.40
N ARG B 292 45.97 4.97 -28.65
CA ARG B 292 46.93 6.02 -28.32
C ARG B 292 48.21 5.88 -29.14
N ASP B 293 48.84 7.02 -29.43
CA ASP B 293 50.08 7.06 -30.20
C ASP B 293 51.23 6.47 -29.39
N ILE B 294 52.29 6.06 -30.10
CA ILE B 294 53.50 5.59 -29.41
C ILE B 294 54.28 6.89 -29.34
N GLU B 295 54.67 7.29 -28.12
CA GLU B 295 55.41 8.54 -27.92
C GLU B 295 56.78 8.34 -27.30
N ASN B 296 57.82 8.78 -27.99
CA ASN B 296 59.17 8.67 -27.45
C ASN B 296 59.38 7.35 -26.76
N ALA B 297 59.42 6.27 -27.53
CA ALA B 297 59.61 4.99 -26.90
C ALA B 297 60.80 4.28 -27.49
N THR B 298 61.06 3.11 -26.92
CA THR B 298 62.15 2.26 -27.35
C THR B 298 61.62 0.85 -27.24
N LEU B 299 61.87 0.03 -28.26
CA LEU B 299 61.42 -1.34 -28.18
C LEU B 299 62.60 -2.28 -28.26
N TYR B 300 62.61 -3.26 -27.37
CA TYR B 300 63.68 -4.23 -27.31
C TYR B 300 63.12 -5.62 -27.50
N ILE B 301 64.03 -6.59 -27.65
CA ILE B 301 63.66 -7.97 -27.77
C ILE B 301 64.27 -8.61 -26.53
N TYR B 302 63.49 -9.43 -25.82
CA TYR B 302 63.98 -10.08 -24.62
C TYR B 302 64.23 -11.57 -24.89
N ALA B 303 65.49 -11.99 -24.93
CA ALA B 303 65.75 -13.40 -25.14
C ALA B 303 65.24 -14.01 -23.84
N ILE B 304 64.37 -15.02 -23.95
CA ILE B 304 63.81 -15.69 -22.78
C ILE B 304 64.19 -17.15 -22.85
N ASN B 305 64.81 -17.65 -21.79
CA ASN B 305 65.20 -19.06 -21.73
C ASN B 305 64.64 -19.61 -20.42
N ASN B 306 64.15 -20.85 -20.46
CA ASN B 306 63.57 -21.45 -19.26
C ASN B 306 62.31 -20.64 -18.96
N GLU B 307 62.50 -19.42 -18.47
CA GLU B 307 61.41 -18.50 -18.16
C GLU B 307 62.02 -17.21 -17.65
N LYS B 308 63.34 -17.08 -17.82
CA LYS B 308 64.08 -15.90 -17.39
C LYS B 308 64.54 -15.07 -18.58
N ILE B 309 64.83 -13.80 -18.33
CA ILE B 309 65.27 -12.90 -19.38
C ILE B 309 66.79 -12.97 -19.59
N ILE B 310 67.23 -13.72 -20.61
CA ILE B 310 68.67 -13.85 -20.89
C ILE B 310 69.28 -12.46 -21.14
N GLU B 311 68.95 -11.89 -22.30
CA GLU B 311 69.48 -10.60 -22.72
C GLU B 311 68.34 -9.60 -23.04
N LYS B 312 68.61 -8.31 -22.86
CA LYS B 312 67.65 -7.25 -23.16
C LYS B 312 68.21 -6.43 -24.31
N ILE B 313 68.00 -6.90 -25.54
CA ILE B 313 68.53 -6.21 -26.71
C ILE B 313 67.61 -5.15 -27.34
N LYS B 314 68.12 -3.92 -27.43
CA LYS B 314 67.39 -2.79 -28.01
C LYS B 314 67.46 -2.87 -29.54
N ILE B 315 66.33 -2.64 -30.22
CA ILE B 315 66.30 -2.75 -31.68
C ILE B 315 65.69 -1.59 -32.44
N ALA B 316 65.06 -0.66 -31.73
CA ALA B 316 64.45 0.48 -32.41
C ALA B 316 63.92 1.52 -31.45
N GLU B 317 63.67 2.72 -32.00
CA GLU B 317 63.15 3.83 -31.22
C GLU B 317 62.04 4.61 -31.93
N ILE B 318 60.80 4.22 -31.69
CA ILE B 318 59.71 4.93 -32.30
C ILE B 318 59.57 6.24 -31.53
N SER B 319 59.72 7.37 -32.23
CA SER B 319 59.58 8.67 -31.60
C SER B 319 58.10 9.03 -31.69
N HIS B 320 57.45 8.50 -32.72
CA HIS B 320 56.02 8.76 -32.93
C HIS B 320 55.35 7.89 -33.99
N MSE B 321 54.13 7.48 -33.67
CA MSE B 321 53.31 6.70 -34.57
C MSE B 321 51.86 7.00 -34.20
O MSE B 321 51.46 6.87 -33.03
CB MSE B 321 53.58 5.20 -34.44
CG MSE B 321 53.08 4.38 -35.64
SE MSE B 321 53.26 2.44 -35.40
CE MSE B 321 55.10 2.15 -35.91
N ASP B 322 51.08 7.42 -35.19
CA ASP B 322 49.67 7.75 -35.00
C ASP B 322 48.87 6.45 -34.83
N TYR B 323 48.11 6.34 -33.75
CA TYR B 323 47.35 5.12 -33.50
C TYR B 323 46.39 4.76 -34.61
N LEU B 324 46.17 5.68 -35.53
CA LEU B 324 45.30 5.40 -36.68
C LEU B 324 46.10 5.39 -37.97
N ASN B 325 47.41 5.32 -37.85
CA ASN B 325 48.28 5.31 -39.02
C ASN B 325 49.57 4.57 -38.76
N GLU B 326 49.45 3.33 -38.31
CA GLU B 326 50.62 2.51 -38.03
C GLU B 326 51.57 2.47 -39.24
N TYR B 327 52.84 2.15 -38.99
CA TYR B 327 53.83 2.01 -40.05
C TYR B 327 54.79 0.89 -39.69
N PRO B 328 55.30 0.17 -40.69
CA PRO B 328 56.21 -0.93 -40.36
C PRO B 328 57.64 -0.47 -40.05
N ILE B 329 58.23 -1.12 -39.05
CA ILE B 329 59.59 -0.84 -38.59
C ILE B 329 60.58 -1.92 -39.03
N ALA B 330 61.55 -1.53 -39.85
CA ALA B 330 62.57 -2.47 -40.33
C ALA B 330 63.78 -2.47 -39.38
N VAL B 331 64.26 -3.64 -39.02
CA VAL B 331 65.37 -3.71 -38.10
C VAL B 331 66.18 -5.00 -38.18
N ASN B 332 67.51 -4.88 -38.07
CA ASN B 332 68.40 -6.03 -38.10
C ASN B 332 68.75 -6.40 -36.66
N VAL B 333 68.73 -7.69 -36.33
CA VAL B 333 69.02 -8.10 -34.98
C VAL B 333 69.73 -9.44 -34.88
N THR B 334 70.56 -9.58 -33.86
CA THR B 334 71.27 -10.83 -33.62
C THR B 334 70.69 -11.25 -32.29
N LEU B 335 70.17 -12.48 -32.25
CA LEU B 335 69.54 -12.97 -31.04
C LEU B 335 70.32 -14.12 -30.42
N PRO B 336 70.51 -14.09 -29.08
CA PRO B 336 71.24 -15.19 -28.45
C PRO B 336 70.38 -16.46 -28.43
N ASN B 337 70.96 -17.57 -27.95
CA ASN B 337 70.24 -18.84 -27.88
C ASN B 337 69.08 -18.70 -26.90
N ALA B 338 67.89 -19.08 -27.34
CA ALA B 338 66.73 -18.94 -26.46
C ALA B 338 65.61 -19.92 -26.74
N THR B 339 64.64 -19.91 -25.84
CA THR B 339 63.46 -20.76 -25.97
C THR B 339 62.37 -19.91 -26.60
N SER B 340 62.44 -18.60 -26.36
CA SER B 340 61.47 -17.65 -26.91
C SER B 340 61.99 -16.23 -26.87
N TYR B 341 61.29 -15.34 -27.59
CA TYR B 341 61.66 -13.93 -27.64
C TYR B 341 60.41 -13.09 -27.46
N ARG B 342 60.54 -12.01 -26.69
CA ARG B 342 59.44 -11.09 -26.44
C ARG B 342 59.77 -9.76 -27.07
N PHE B 343 58.79 -9.14 -27.71
CA PHE B 343 59.02 -7.85 -28.29
C PHE B 343 58.37 -6.90 -27.32
N VAL B 344 59.18 -6.19 -26.58
CA VAL B 344 58.66 -5.26 -25.59
C VAL B 344 58.80 -3.83 -26.05
N LEU B 345 57.87 -2.98 -25.65
CA LEU B 345 57.92 -1.57 -26.00
C LEU B 345 57.87 -0.81 -24.69
N VAL B 346 58.66 0.25 -24.60
CA VAL B 346 58.69 1.02 -23.36
C VAL B 346 58.47 2.50 -23.53
N GLN B 347 57.49 3.01 -22.81
CA GLN B 347 57.20 4.42 -22.85
C GLN B 347 56.38 4.79 -21.62
N LYS B 348 56.03 6.05 -21.52
CA LYS B 348 55.27 6.51 -20.38
C LYS B 348 53.80 6.08 -20.47
N GLY B 349 53.20 5.81 -19.31
CA GLY B 349 51.81 5.40 -19.25
C GLY B 349 51.35 5.26 -17.81
N PRO B 350 50.04 5.20 -17.58
CA PRO B 350 49.59 5.06 -16.18
C PRO B 350 50.01 3.75 -15.51
N ILE B 351 50.18 3.78 -14.19
CA ILE B 351 50.55 2.61 -13.40
C ILE B 351 50.03 2.67 -11.96
N GLY B 352 50.18 1.55 -11.27
CA GLY B 352 49.75 1.46 -9.89
C GLY B 352 48.26 1.26 -9.74
N VAL B 353 47.86 0.75 -8.57
CA VAL B 353 46.46 0.48 -8.25
C VAL B 353 46.13 1.03 -6.85
N LEU B 354 45.17 1.94 -6.75
CA LEU B 354 44.81 2.46 -5.42
C LEU B 354 44.33 1.28 -4.58
N LEU B 355 45.08 0.96 -3.53
CA LEU B 355 44.74 -0.16 -2.66
C LEU B 355 43.66 0.15 -1.63
N ASP B 356 43.40 1.42 -1.41
CA ASP B 356 42.38 1.80 -0.44
C ASP B 356 41.79 3.17 -0.76
N ALA B 357 40.75 3.54 -0.03
CA ALA B 357 40.10 4.82 -0.27
C ALA B 357 41.06 5.97 -0.06
N PRO B 358 41.32 6.74 -1.12
CA PRO B 358 42.23 7.87 -0.94
C PRO B 358 41.64 8.82 0.11
N LYS B 359 42.50 9.56 0.82
CA LYS B 359 42.03 10.50 1.84
C LYS B 359 42.45 11.92 1.54
N VAL B 360 41.50 12.84 1.67
CA VAL B 360 41.79 14.24 1.41
C VAL B 360 41.52 15.06 2.65
N ASN B 361 42.60 15.64 3.18
CA ASN B 361 42.56 16.45 4.39
C ASN B 361 41.98 15.60 5.49
N GLY B 362 42.46 14.35 5.55
CA GLY B 362 42.01 13.41 6.55
C GLY B 362 40.56 12.99 6.41
N GLU B 363 40.17 12.57 5.22
CA GLU B 363 38.81 12.10 4.96
C GLU B 363 38.76 11.38 3.63
N ILE B 364 38.06 10.24 3.61
CA ILE B 364 37.92 9.42 2.41
C ILE B 364 37.10 10.09 1.31
N ARG B 365 37.56 9.89 0.08
CA ARG B 365 36.94 10.46 -1.11
C ARG B 365 37.01 9.51 -2.30
N SER B 366 36.11 9.73 -3.24
CA SER B 366 36.01 8.93 -4.46
C SER B 366 37.31 8.92 -5.28
N PRO B 367 37.84 7.73 -5.57
CA PRO B 367 39.08 7.59 -6.35
C PRO B 367 38.83 7.93 -7.81
N THR B 368 37.79 8.72 -8.06
CA THR B 368 37.39 9.14 -9.40
C THR B 368 36.70 10.51 -9.29
N ASN B 369 36.83 11.11 -8.11
CA ASN B 369 36.27 12.41 -7.80
C ASN B 369 37.00 12.88 -6.55
N ILE B 370 38.33 12.82 -6.61
CA ILE B 370 39.21 13.16 -5.52
C ILE B 370 39.27 14.63 -5.12
N LEU B 371 38.94 15.55 -6.03
CA LEU B 371 38.95 16.96 -5.70
C LEU B 371 37.89 17.77 -6.41
N ARG B 372 37.17 18.61 -5.66
CA ARG B 372 36.13 19.45 -6.22
C ARG B 372 36.72 20.57 -7.07
N GLU B 373 35.86 21.50 -7.48
CA GLU B 373 36.28 22.61 -8.35
C GLU B 373 37.62 23.25 -7.99
N GLY B 374 37.59 24.31 -7.19
CA GLY B 374 38.84 24.97 -6.83
C GLY B 374 39.50 24.47 -5.56
N GLU B 375 38.86 23.51 -4.90
CA GLU B 375 39.34 22.91 -3.67
C GLU B 375 40.82 22.50 -3.69
N SER B 376 41.46 22.53 -2.52
CA SER B 376 42.88 22.16 -2.36
C SER B 376 42.97 21.29 -1.11
N GLY B 377 44.07 20.58 -0.92
CA GLY B 377 44.21 19.76 0.28
C GLY B 377 45.27 18.69 0.20
N GLU B 378 45.55 18.03 1.33
CA GLU B 378 46.55 16.96 1.31
C GLU B 378 45.87 15.65 1.02
N ILE B 379 46.39 14.96 0.03
CA ILE B 379 45.83 13.69 -0.41
C ILE B 379 46.65 12.48 0.03
N GLU B 380 46.10 11.64 0.90
CA GLU B 380 46.82 10.45 1.31
C GLU B 380 46.27 9.28 0.50
N LEU B 381 47.15 8.52 -0.14
CA LEU B 381 46.69 7.38 -0.93
C LEU B 381 47.73 6.27 -1.10
N LYS B 382 47.40 5.07 -0.63
CA LYS B 382 48.30 3.92 -0.76
C LYS B 382 48.13 3.31 -2.13
N VAL B 383 49.25 2.93 -2.73
CA VAL B 383 49.29 2.37 -4.07
C VAL B 383 50.12 1.08 -4.17
N GLY B 384 49.67 0.16 -5.01
CA GLY B 384 50.40 -1.08 -5.17
C GLY B 384 50.90 -1.24 -6.59
N VAL B 385 52.09 -1.84 -6.75
CA VAL B 385 52.67 -2.09 -8.05
C VAL B 385 53.46 -3.39 -7.98
N ASP B 386 53.77 -3.98 -9.14
CA ASP B 386 54.51 -5.22 -9.15
C ASP B 386 55.93 -5.01 -9.67
N LYS B 387 56.47 -3.83 -9.42
CA LYS B 387 57.83 -3.50 -9.86
C LYS B 387 58.18 -2.15 -9.24
N ASP B 388 59.42 -1.71 -9.44
CA ASP B 388 59.84 -0.44 -8.89
C ASP B 388 59.73 0.67 -9.94
N TYR B 389 59.05 1.75 -9.57
CA TYR B 389 58.86 2.89 -10.48
C TYR B 389 59.23 4.27 -9.95
N THR B 390 59.90 5.04 -10.80
CA THR B 390 60.24 6.42 -10.49
C THR B 390 59.15 7.08 -11.32
N ALA B 391 58.07 7.53 -10.67
CA ALA B 391 56.98 8.12 -11.42
C ALA B 391 56.48 9.48 -10.94
N ASP B 392 55.68 10.12 -11.78
CA ASP B 392 55.10 11.41 -11.44
C ASP B 392 53.62 11.20 -11.11
N LEU B 393 53.04 12.12 -10.34
CA LEU B 393 51.64 12.04 -9.95
C LEU B 393 50.87 13.22 -10.52
N TYR B 394 49.69 12.99 -11.08
CA TYR B 394 48.89 14.08 -11.64
C TYR B 394 47.43 14.02 -11.30
N LEU B 395 46.75 15.10 -11.67
CA LEU B 395 45.31 15.21 -11.53
C LEU B 395 44.81 15.18 -12.97
N ARG B 396 44.16 14.07 -13.35
CA ARG B 396 43.65 13.88 -14.71
C ARG B 396 42.15 13.90 -14.80
N ALA B 397 41.62 14.81 -15.63
CA ALA B 397 40.18 14.90 -15.84
C ALA B 397 39.80 14.08 -17.06
N THR B 398 38.76 13.28 -16.92
CA THR B 398 38.29 12.46 -18.02
C THR B 398 36.83 12.82 -18.17
N PHE B 399 36.50 13.36 -19.34
CA PHE B 399 35.13 13.75 -19.65
C PHE B 399 34.49 12.69 -20.53
N ILE B 400 33.35 12.16 -20.10
CA ILE B 400 32.67 11.17 -20.91
C ILE B 400 31.29 11.68 -21.23
N TYR B 401 31.12 12.08 -22.49
CA TYR B 401 29.85 12.61 -22.95
C TYR B 401 29.37 12.02 -24.29
N LEU B 402 28.13 12.33 -24.65
CA LEU B 402 27.53 11.83 -25.88
C LEU B 402 27.20 12.99 -26.80
N VAL B 403 27.32 12.76 -28.10
CA VAL B 403 26.95 13.78 -29.07
C VAL B 403 25.94 13.19 -30.05
N ARG B 404 24.71 13.69 -30.01
CA ARG B 404 23.65 13.21 -30.88
C ARG B 404 24.06 13.40 -32.32
N LYS B 405 24.01 12.32 -33.10
CA LYS B 405 24.41 12.38 -34.50
C LYS B 405 23.29 12.31 -35.54
N SER B 406 22.05 12.40 -35.08
CA SER B 406 20.89 12.36 -35.97
C SER B 406 19.64 12.66 -35.16
N GLY B 407 18.52 12.83 -35.84
CA GLY B 407 17.30 13.14 -35.14
C GLY B 407 17.22 14.63 -34.99
N LYS B 408 16.03 15.17 -34.75
CA LYS B 408 15.89 16.61 -34.61
C LYS B 408 16.19 17.06 -33.17
N ASP B 409 15.93 16.18 -32.21
CA ASP B 409 16.20 16.50 -30.82
C ASP B 409 16.47 15.19 -30.08
N ASN B 410 16.86 15.26 -28.82
CA ASN B 410 17.16 14.03 -28.10
C ASN B 410 16.05 13.01 -27.94
N GLU B 411 14.80 13.43 -28.11
CA GLU B 411 13.70 12.49 -27.96
C GLU B 411 13.30 11.76 -29.25
N ASP B 412 13.60 12.39 -30.38
CA ASP B 412 13.28 11.81 -31.69
C ASP B 412 13.88 10.42 -31.73
N TYR B 413 13.08 9.40 -32.06
CA TYR B 413 13.59 8.03 -32.11
C TYR B 413 14.62 7.83 -33.19
N ASP B 414 14.70 8.79 -34.10
CA ASP B 414 15.65 8.71 -35.21
C ASP B 414 17.07 8.91 -34.70
N ALA B 415 17.17 9.35 -33.45
CA ALA B 415 18.44 9.66 -32.80
C ALA B 415 19.33 8.49 -32.37
N ALA B 416 20.62 8.66 -32.63
CA ALA B 416 21.67 7.72 -32.26
C ALA B 416 22.65 8.61 -31.49
N PHE B 417 23.35 8.06 -30.51
CA PHE B 417 24.27 8.90 -29.74
C PHE B 417 25.69 8.40 -29.71
N GLU B 418 26.56 9.16 -30.36
CA GLU B 418 27.99 8.87 -30.46
C GLU B 418 28.69 9.19 -29.11
N PRO B 419 29.23 8.18 -28.41
CA PRO B 419 29.89 8.46 -27.13
C PRO B 419 31.33 8.96 -27.26
N GLN B 420 31.72 9.90 -26.41
CA GLN B 420 33.07 10.43 -26.45
C GLN B 420 33.79 10.43 -25.11
N MSE B 421 35.11 10.32 -25.18
CA MSE B 421 35.96 10.32 -23.99
C MSE B 421 37.15 11.26 -24.20
O MSE B 421 38.06 10.96 -24.98
CB MSE B 421 36.46 8.90 -23.69
CG MSE B 421 37.39 8.79 -22.50
SE MSE B 421 38.08 6.98 -22.27
CE MSE B 421 37.08 6.47 -20.67
N ASP B 422 37.11 12.41 -23.52
CA ASP B 422 38.19 13.40 -23.56
C ASP B 422 38.90 13.37 -22.22
N VAL B 423 40.17 12.97 -22.25
CA VAL B 423 40.96 12.87 -21.05
C VAL B 423 42.16 13.80 -21.08
N PHE B 424 42.33 14.61 -20.04
CA PHE B 424 43.47 15.53 -19.97
C PHE B 424 44.02 15.82 -18.56
N PHE B 425 45.34 15.90 -18.46
CA PHE B 425 45.99 16.17 -17.19
C PHE B 425 45.90 17.64 -16.84
N ILE B 426 45.18 17.91 -15.75
CA ILE B 426 44.97 19.26 -15.26
C ILE B 426 46.21 19.80 -14.53
N THR B 427 47.01 18.92 -13.95
CA THR B 427 48.19 19.36 -13.22
C THR B 427 49.06 18.23 -12.68
N LYS B 428 50.32 18.55 -12.43
CA LYS B 428 51.24 17.59 -11.82
C LYS B 428 51.28 18.03 -10.34
N ILE B 429 50.95 17.14 -9.42
CA ILE B 429 50.92 17.49 -8.01
C ILE B 429 52.07 16.87 -7.23
N GLY B 430 52.62 15.80 -7.77
CA GLY B 430 53.73 15.12 -7.13
C GLY B 430 54.71 14.84 -8.24
N GLU B 431 55.94 14.47 -7.89
CA GLU B 431 56.93 14.18 -8.92
C GLU B 431 58.04 13.27 -8.42
N ASN B 432 58.64 12.56 -9.35
CA ASN B 432 59.73 11.65 -9.03
C ASN B 432 59.54 10.73 -7.82
N ILE B 433 58.29 10.46 -7.48
CA ILE B 433 57.98 9.55 -6.39
C ILE B 433 58.44 8.16 -6.86
N GLN B 434 59.30 7.51 -6.09
CA GLN B 434 59.82 6.21 -6.51
C GLN B 434 59.22 5.02 -5.77
N LEU B 435 58.09 4.54 -6.28
CA LEU B 435 57.36 3.42 -5.71
C LEU B 435 58.15 2.13 -5.81
N LYS B 436 57.98 1.28 -4.79
CA LYS B 436 58.68 -0.01 -4.77
C LYS B 436 57.67 -1.15 -4.81
N GLU B 437 58.05 -2.25 -5.45
CA GLU B 437 57.17 -3.41 -5.57
C GLU B 437 56.42 -3.74 -4.29
N GLY B 438 55.10 -3.52 -4.31
CA GLY B 438 54.27 -3.80 -3.16
C GLY B 438 53.44 -2.57 -2.83
N GLU B 439 52.99 -2.45 -1.57
CA GLU B 439 52.21 -1.28 -1.17
C GLU B 439 53.13 -0.07 -1.13
N ASN B 440 52.54 1.12 -1.09
CA ASN B 440 53.28 2.37 -1.06
C ASN B 440 52.29 3.43 -0.61
N THR B 441 52.64 4.24 0.38
CA THR B 441 51.74 5.31 0.79
C THR B 441 52.33 6.61 0.29
N VAL B 442 51.49 7.49 -0.24
CA VAL B 442 51.93 8.75 -0.80
C VAL B 442 51.07 9.93 -0.39
N LYS B 443 51.67 10.90 0.29
CA LYS B 443 50.95 12.10 0.70
C LYS B 443 51.49 13.26 -0.13
N VAL B 444 50.59 14.10 -0.62
CA VAL B 444 50.98 15.24 -1.45
C VAL B 444 49.96 16.35 -1.35
N ARG B 445 50.40 17.60 -1.49
CA ARG B 445 49.49 18.72 -1.46
C ARG B 445 49.00 18.85 -2.89
N ALA B 446 47.74 19.23 -3.05
CA ALA B 446 47.20 19.39 -4.37
C ALA B 446 46.06 20.39 -4.40
N GLU B 447 45.98 21.11 -5.51
CA GLU B 447 44.94 22.10 -5.74
C GLU B 447 44.43 21.94 -7.16
N LEU B 448 43.12 21.85 -7.30
CA LEU B 448 42.53 21.73 -8.61
C LEU B 448 42.13 23.15 -8.99
N PRO B 449 42.86 23.74 -9.94
CA PRO B 449 42.60 25.11 -10.39
C PRO B 449 41.14 25.52 -10.45
N GLU B 450 40.76 26.44 -9.57
CA GLU B 450 39.40 26.95 -9.55
C GLU B 450 39.14 27.53 -10.94
N GLY B 451 38.27 26.87 -11.70
CA GLY B 451 37.97 27.32 -13.04
C GLY B 451 37.85 26.15 -14.02
N VAL B 452 38.85 25.26 -14.03
CA VAL B 452 38.80 24.11 -14.94
C VAL B 452 37.57 23.27 -14.64
N ILE B 453 37.36 22.24 -15.45
CA ILE B 453 36.20 21.35 -15.31
C ILE B 453 34.95 22.08 -15.79
N SER B 454 34.53 23.09 -15.04
CA SER B 454 33.35 23.86 -15.40
C SER B 454 33.65 24.73 -16.64
N SER B 455 34.93 24.89 -16.96
CA SER B 455 35.32 25.69 -18.10
C SER B 455 35.18 24.84 -19.36
N TYR B 456 35.64 23.59 -19.27
CA TYR B 456 35.56 22.65 -20.37
C TYR B 456 34.09 22.38 -20.65
N LYS B 457 33.35 22.13 -19.58
CA LYS B 457 31.94 21.86 -19.68
C LYS B 457 31.29 22.93 -20.57
N ASP B 458 31.58 24.19 -20.28
CA ASP B 458 31.03 25.30 -21.06
C ASP B 458 31.51 25.25 -22.48
N GLU B 459 32.73 24.77 -22.67
CA GLU B 459 33.30 24.67 -23.99
C GLU B 459 32.54 23.64 -24.81
N LEU B 460 32.13 22.54 -24.15
CA LEU B 460 31.38 21.49 -24.81
C LEU B 460 29.98 22.01 -25.14
N GLN B 461 29.32 22.63 -24.16
CA GLN B 461 27.99 23.17 -24.38
C GLN B 461 28.01 24.22 -25.49
N ARG B 462 29.19 24.73 -25.79
CA ARG B 462 29.32 25.74 -26.81
C ARG B 462 29.61 25.07 -28.14
N LYS B 463 30.30 23.94 -28.09
CA LYS B 463 30.63 23.23 -29.31
C LYS B 463 29.46 22.40 -29.81
N TYR B 464 28.75 21.73 -28.91
CA TYR B 464 27.64 20.86 -29.30
C TYR B 464 26.21 21.24 -28.95
N GLY B 465 25.99 22.37 -28.30
CA GLY B 465 24.62 22.73 -27.98
C GLY B 465 23.79 21.59 -27.39
N ASP B 466 22.53 21.47 -27.81
CA ASP B 466 21.64 20.43 -27.29
C ASP B 466 21.95 19.02 -27.77
N LYS B 467 22.94 18.89 -28.64
CA LYS B 467 23.34 17.58 -29.10
C LYS B 467 24.27 16.98 -28.05
N LEU B 468 24.55 17.76 -27.01
CA LEU B 468 25.44 17.32 -25.93
C LEU B 468 24.70 16.75 -24.75
N ILE B 469 25.26 15.67 -24.20
CA ILE B 469 24.73 14.99 -23.01
C ILE B 469 25.93 14.45 -22.27
N ILE B 470 26.24 15.04 -21.11
CA ILE B 470 27.38 14.57 -20.34
C ILE B 470 26.96 13.38 -19.48
N ARG B 471 27.72 12.30 -19.55
CA ARG B 471 27.38 11.11 -18.79
C ARG B 471 28.19 11.03 -17.53
N GLY B 472 29.44 11.48 -17.61
CA GLY B 472 30.27 11.43 -16.43
C GLY B 472 31.59 12.19 -16.54
N ILE B 473 31.94 12.85 -15.44
CA ILE B 473 33.19 13.58 -15.40
C ILE B 473 33.96 12.98 -14.24
N ARG B 474 35.25 12.75 -14.45
CA ARG B 474 36.07 12.16 -13.40
C ARG B 474 37.31 13.02 -13.18
N VAL B 475 37.79 13.04 -11.94
CA VAL B 475 39.00 13.77 -11.58
C VAL B 475 39.73 12.77 -10.72
N GLU B 476 40.80 12.19 -11.26
CA GLU B 476 41.52 11.17 -10.50
C GLU B 476 43.02 11.37 -10.41
N PRO B 477 43.66 10.74 -9.40
CA PRO B 477 45.10 10.82 -9.19
C PRO B 477 45.72 9.76 -10.10
N VAL B 478 46.66 10.15 -10.96
CA VAL B 478 47.25 9.18 -11.88
C VAL B 478 48.77 9.15 -11.85
N PHE B 479 49.33 7.98 -11.56
CA PHE B 479 50.78 7.82 -11.50
C PHE B 479 51.37 7.44 -12.85
N ILE B 480 52.19 8.31 -13.43
CA ILE B 480 52.80 8.01 -14.72
C ILE B 480 54.27 7.64 -14.57
N ALA B 481 54.70 6.59 -15.26
CA ALA B 481 56.08 6.13 -15.21
C ALA B 481 56.44 5.51 -16.55
N GLU B 482 57.68 5.06 -16.69
CA GLU B 482 58.03 4.42 -17.95
C GLU B 482 57.64 2.97 -17.72
N LYS B 483 56.84 2.42 -18.60
CA LYS B 483 56.40 1.04 -18.41
C LYS B 483 56.60 0.13 -19.62
N GLU B 484 56.67 -1.16 -19.34
CA GLU B 484 56.86 -2.16 -20.38
C GLU B 484 55.52 -2.61 -20.96
N TYR B 485 55.52 -2.87 -22.26
CA TYR B 485 54.33 -3.33 -22.94
C TYR B 485 54.73 -4.54 -23.76
N LEU B 486 54.14 -5.68 -23.45
CA LEU B 486 54.43 -6.89 -24.18
C LEU B 486 53.65 -6.86 -25.48
N MSE B 487 54.33 -6.69 -26.61
CA MSE B 487 53.67 -6.62 -27.90
C MSE B 487 53.40 -8.01 -28.47
O MSE B 487 52.35 -8.25 -29.06
CB MSE B 487 54.52 -5.83 -28.89
CG MSE B 487 54.94 -4.46 -28.42
SE MSE B 487 56.00 -3.55 -29.75
CE MSE B 487 54.66 -2.35 -30.46
N LEU B 488 54.37 -8.90 -28.31
CA LEU B 488 54.26 -10.25 -28.84
C LEU B 488 55.44 -11.08 -28.45
N GLU B 489 55.18 -12.32 -28.04
CA GLU B 489 56.27 -13.23 -27.73
C GLU B 489 56.17 -14.35 -28.75
N VAL B 490 57.30 -14.69 -29.38
CA VAL B 490 57.30 -15.75 -30.37
C VAL B 490 58.27 -16.84 -29.97
N SER B 491 58.00 -18.06 -30.42
CA SER B 491 58.86 -19.17 -30.09
C SER B 491 60.13 -19.13 -30.92
N ALA B 492 61.19 -19.71 -30.36
CA ALA B 492 62.48 -19.76 -31.05
C ALA B 492 62.65 -21.17 -31.57
N SER B 493 62.85 -21.30 -32.87
CA SER B 493 63.02 -22.62 -33.47
C SER B 493 64.31 -22.66 -34.29
N ALA B 494 64.50 -23.72 -35.08
CA ALA B 494 65.71 -23.88 -35.89
C ALA B 494 65.54 -23.45 -37.34
N GLU C 17 -17.70 29.58 31.60
CA GLU C 17 -18.10 29.55 30.16
C GLU C 17 -19.56 29.14 30.02
N THR C 18 -19.91 28.56 28.88
CA THR C 18 -21.28 28.11 28.57
C THR C 18 -21.77 27.07 29.59
N SER C 19 -20.82 26.33 30.15
CA SER C 19 -21.09 25.31 31.14
C SER C 19 -21.63 25.96 32.41
N GLY C 20 -21.31 27.24 32.58
CA GLY C 20 -21.75 27.95 33.77
C GLY C 20 -20.76 27.72 34.89
N TRP C 21 -19.55 27.28 34.55
CA TRP C 21 -18.53 27.03 35.55
C TRP C 21 -18.15 28.31 36.29
N GLU C 22 -18.11 29.42 35.54
CA GLU C 22 -17.75 30.71 36.12
C GLU C 22 -18.79 31.21 37.12
N ASP C 23 -20.06 31.18 36.71
CA ASP C 23 -21.17 31.65 37.55
C ASP C 23 -21.18 30.90 38.87
N ALA C 24 -20.57 29.72 38.89
CA ALA C 24 -20.54 28.90 40.08
C ALA C 24 -19.35 29.26 40.96
N LEU C 25 -18.17 29.29 40.36
CA LEU C 25 -16.96 29.63 41.10
C LEU C 25 -17.10 31.02 41.72
N LYS C 26 -17.79 31.91 41.00
CA LYS C 26 -18.01 33.26 41.50
C LYS C 26 -19.04 33.23 42.61
N TRP C 27 -19.86 32.19 42.63
CA TRP C 27 -20.84 32.08 43.68
C TRP C 27 -20.17 31.67 44.96
N LEU C 28 -19.17 30.79 44.85
CA LEU C 28 -18.43 30.31 46.02
C LEU C 28 -17.71 31.44 46.74
N ARG C 29 -16.95 32.23 45.97
CA ARG C 29 -16.20 33.34 46.52
C ARG C 29 -17.08 34.45 47.10
N GLU C 30 -18.38 34.36 46.83
CA GLU C 30 -19.30 35.38 47.32
C GLU C 30 -20.37 34.82 48.25
N ASN C 31 -20.25 33.55 48.60
CA ASN C 31 -21.25 32.92 49.47
C ASN C 31 -20.73 31.80 50.36
N THR C 32 -19.42 31.55 50.31
CA THR C 32 -18.84 30.52 51.15
C THR C 32 -17.65 31.09 51.92
N PRO C 33 -17.31 30.49 53.07
CA PRO C 33 -16.20 30.93 53.90
C PRO C 33 -14.91 31.21 53.15
N GLU C 34 -13.94 31.79 53.84
CA GLU C 34 -12.65 32.14 53.24
C GLU C 34 -11.74 30.93 53.10
N TYR C 35 -11.66 30.13 54.16
CA TYR C 35 -10.78 28.97 54.16
C TYR C 35 -11.55 27.68 53.87
N SER C 36 -12.60 27.81 53.06
CA SER C 36 -13.42 26.68 52.67
C SER C 36 -12.79 26.03 51.45
N THR C 37 -12.73 24.71 51.44
CA THR C 37 -12.16 23.98 50.31
C THR C 37 -13.24 23.30 49.46
N ALA C 38 -13.11 23.45 48.14
CA ALA C 38 -14.04 22.84 47.18
C ALA C 38 -13.33 21.72 46.42
N THR C 39 -14.09 20.90 45.71
CA THR C 39 -13.51 19.81 44.93
C THR C 39 -14.37 19.43 43.73
N SER C 40 -13.68 19.02 42.68
CA SER C 40 -14.35 18.61 41.45
C SER C 40 -13.53 17.50 40.80
N TRP C 41 -14.17 16.70 39.96
CA TRP C 41 -13.44 15.62 39.29
C TRP C 41 -12.43 16.27 38.36
N TRP C 42 -11.20 15.75 38.36
CA TRP C 42 -10.13 16.24 37.50
C TRP C 42 -9.81 17.72 37.76
N ASP C 43 -10.25 18.22 38.90
CA ASP C 43 -9.97 19.57 39.33
C ASP C 43 -10.31 20.66 38.31
N TYR C 44 -11.49 20.58 37.72
CA TYR C 44 -11.91 21.61 36.78
C TYR C 44 -12.08 22.91 37.56
N GLY C 45 -12.63 22.80 38.76
CA GLY C 45 -12.84 23.97 39.60
C GLY C 45 -11.55 24.75 39.80
N TYR C 46 -10.53 24.07 40.31
CA TYR C 46 -9.24 24.71 40.53
C TYR C 46 -8.64 25.27 39.25
N TRP C 47 -8.50 24.41 38.25
CA TRP C 47 -7.92 24.77 36.96
C TRP C 47 -8.55 26.05 36.41
N ILE C 48 -9.87 26.06 36.32
CA ILE C 48 -10.58 27.20 35.78
C ILE C 48 -10.26 28.47 36.53
N GLU C 49 -10.45 28.44 37.85
CA GLU C 49 -10.20 29.61 38.69
C GLU C 49 -8.78 30.14 38.61
N SER C 50 -7.80 29.27 38.70
CA SER C 50 -6.42 29.70 38.64
C SER C 50 -5.83 29.90 37.25
N SER C 51 -6.07 28.97 36.33
CA SER C 51 -5.52 29.08 34.98
C SER C 51 -6.30 29.95 34.00
N LEU C 52 -7.63 29.91 34.08
CA LEU C 52 -8.42 30.71 33.16
C LEU C 52 -8.74 32.08 33.73
N LEU C 53 -9.59 32.10 34.75
CA LEU C 53 -9.97 33.36 35.39
C LEU C 53 -8.77 34.03 36.06
N GLY C 54 -7.70 33.27 36.20
CA GLY C 54 -6.47 33.76 36.81
C GLY C 54 -6.62 34.66 38.02
N GLN C 55 -6.81 34.05 39.19
CA GLN C 55 -6.93 34.82 40.42
C GLN C 55 -6.66 33.89 41.60
N ARG C 56 -5.82 34.37 42.53
CA ARG C 56 -5.38 33.60 43.71
C ARG C 56 -6.37 33.33 44.85
N ARG C 57 -5.92 32.54 45.82
CA ARG C 57 -6.73 32.15 46.98
C ARG C 57 -5.81 31.89 48.20
N ALA C 58 -6.09 30.80 48.93
CA ALA C 58 -5.31 30.41 50.10
C ALA C 58 -4.01 29.76 49.65
N SER C 59 -3.98 28.43 49.67
CA SER C 59 -2.80 27.69 49.23
C SER C 59 -3.11 26.76 48.07
N ALA C 60 -3.84 25.67 48.37
CA ALA C 60 -4.21 24.67 47.38
C ALA C 60 -5.56 24.96 46.73
N ASP C 61 -6.48 25.54 47.51
CA ASP C 61 -7.86 25.88 47.08
C ASP C 61 -8.83 24.69 47.18
N GLY C 62 -8.47 23.58 46.52
CA GLY C 62 -9.28 22.36 46.53
C GLY C 62 -8.45 21.09 46.47
N GLY C 63 -9.09 19.93 46.53
CA GLY C 63 -8.37 18.66 46.48
C GLY C 63 -7.90 18.23 45.09
N HIS C 64 -6.58 18.06 44.92
CA HIS C 64 -5.93 17.63 43.66
C HIS C 64 -5.55 16.15 43.75
N ALA C 65 -4.26 15.87 43.58
CA ALA C 65 -3.71 14.52 43.67
C ALA C 65 -4.27 13.48 42.71
N ARG C 66 -3.44 12.47 42.42
CA ARG C 66 -3.80 11.36 41.52
C ARG C 66 -4.42 10.23 42.33
N ASP C 67 -4.08 10.19 43.62
CA ASP C 67 -4.63 9.19 44.53
C ASP C 67 -6.03 9.67 44.96
N ARG C 68 -6.27 10.97 44.75
CA ARG C 68 -7.56 11.58 45.06
C ARG C 68 -8.41 11.58 43.80
N ASP C 69 -8.39 10.45 43.11
CA ASP C 69 -9.15 10.26 41.91
C ASP C 69 -9.71 8.88 42.14
N HIS C 70 -8.85 7.96 42.53
CA HIS C 70 -9.31 6.62 42.82
C HIS C 70 -10.30 6.72 43.97
N ILE C 71 -10.16 7.76 44.78
CA ILE C 71 -11.07 7.92 45.91
C ILE C 71 -12.19 8.85 45.51
N LEU C 72 -11.90 9.79 44.63
CA LEU C 72 -12.94 10.69 44.16
C LEU C 72 -13.86 9.83 43.29
N ALA C 73 -13.25 8.93 42.53
CA ALA C 73 -13.98 8.04 41.64
C ALA C 73 -14.77 7.01 42.41
N LEU C 74 -14.15 6.39 43.40
CA LEU C 74 -14.83 5.40 44.21
C LEU C 74 -16.18 5.94 44.69
N PHE C 75 -16.30 7.25 44.76
CA PHE C 75 -17.53 7.86 45.22
C PHE C 75 -18.54 8.05 44.11
N LEU C 76 -18.12 8.77 43.07
CA LEU C 76 -18.95 9.08 41.92
C LEU C 76 -19.42 7.86 41.11
N ALA C 77 -18.53 6.87 41.00
CA ALA C 77 -18.80 5.66 40.26
C ALA C 77 -19.47 4.54 41.03
N ARG C 78 -19.61 4.68 42.34
CA ARG C 78 -20.24 3.59 43.06
C ARG C 78 -21.52 3.96 43.78
N ASP C 79 -22.03 2.98 44.51
CA ASP C 79 -23.30 3.12 45.24
C ASP C 79 -23.20 2.29 46.52
N GLY C 80 -23.94 2.70 47.54
CA GLY C 80 -23.97 1.98 48.80
C GLY C 80 -22.77 2.17 49.71
N ASN C 81 -22.61 1.22 50.64
CA ASN C 81 -21.53 1.25 51.60
C ASN C 81 -20.18 1.62 51.03
N ILE C 82 -19.68 0.82 50.11
CA ILE C 82 -18.36 1.08 49.57
C ILE C 82 -18.17 2.47 48.97
N SER C 83 -19.26 3.16 48.67
CA SER C 83 -19.14 4.49 48.07
C SER C 83 -19.04 5.59 49.13
N GLU C 84 -19.13 5.18 50.40
CA GLU C 84 -19.05 6.12 51.50
C GLU C 84 -17.61 6.41 51.87
N VAL C 85 -16.99 7.23 51.03
CA VAL C 85 -15.62 7.66 51.18
C VAL C 85 -15.61 8.70 52.30
N ASP C 86 -14.51 8.81 53.03
CA ASP C 86 -14.46 9.78 54.10
C ASP C 86 -13.98 11.16 53.67
N PHE C 87 -14.86 11.95 53.07
CA PHE C 87 -14.50 13.29 52.62
C PHE C 87 -14.20 14.25 53.75
N GLU C 88 -14.59 13.90 54.98
CA GLU C 88 -14.30 14.81 56.09
C GLU C 88 -12.78 14.84 56.35
N SER C 89 -12.11 13.73 56.15
CA SER C 89 -10.67 13.69 56.32
C SER C 89 -10.02 14.82 55.50
N TRP C 90 -10.52 15.06 54.29
CA TRP C 90 -9.93 16.13 53.46
C TRP C 90 -10.46 17.49 53.87
N GLU C 91 -11.33 17.52 54.88
CA GLU C 91 -11.88 18.79 55.33
C GLU C 91 -12.60 19.40 54.13
N LEU C 92 -13.29 18.54 53.37
CA LEU C 92 -14.03 19.00 52.17
C LEU C 92 -15.30 19.73 52.56
N ASN C 93 -15.53 20.87 51.91
CA ASN C 93 -16.70 21.65 52.23
C ASN C 93 -17.72 21.64 51.10
N TYR C 94 -17.25 21.89 49.89
CA TYR C 94 -18.12 21.93 48.72
C TYR C 94 -17.71 21.01 47.59
N PHE C 95 -18.65 20.19 47.12
CA PHE C 95 -18.38 19.30 45.99
C PHE C 95 -19.03 19.90 44.77
N LEU C 96 -18.28 19.97 43.67
CA LEU C 96 -18.83 20.52 42.42
C LEU C 96 -19.07 19.43 41.36
N VAL C 97 -20.32 19.27 40.95
CA VAL C 97 -20.66 18.26 39.96
C VAL C 97 -20.86 18.89 38.60
N TYR C 98 -20.20 18.32 37.59
CA TYR C 98 -20.27 18.79 36.21
C TYR C 98 -20.97 17.72 35.39
N LEU C 99 -22.18 18.00 34.88
CA LEU C 99 -22.92 17.00 34.10
C LEU C 99 -22.10 16.49 32.93
N ASN C 100 -21.35 17.39 32.30
CA ASN C 100 -20.50 17.04 31.16
C ASN C 100 -19.46 15.97 31.46
N ASP C 101 -19.29 15.60 32.72
CA ASP C 101 -18.30 14.58 33.02
C ASP C 101 -18.79 13.21 32.59
N TRP C 102 -20.04 13.11 32.17
CA TRP C 102 -20.57 11.80 31.75
C TRP C 102 -19.70 11.23 30.64
N ALA C 103 -19.05 12.12 29.90
CA ALA C 103 -18.19 11.70 28.80
C ALA C 103 -16.87 11.11 29.26
N LYS C 104 -16.59 11.21 30.56
CA LYS C 104 -15.33 10.66 31.07
C LYS C 104 -15.68 9.52 32.00
N PHE C 105 -16.97 9.27 32.15
CA PHE C 105 -17.35 8.22 33.07
C PHE C 105 -16.71 6.86 32.89
N ASN C 106 -16.03 6.65 31.78
CA ASN C 106 -15.39 5.36 31.60
C ASN C 106 -14.15 5.34 32.47
N ALA C 107 -13.41 6.44 32.45
CA ALA C 107 -12.21 6.58 33.26
C ALA C 107 -12.66 6.59 34.74
N ILE C 108 -13.63 7.43 35.06
CA ILE C 108 -14.12 7.46 36.43
C ILE C 108 -14.46 6.04 36.88
N SER C 109 -15.32 5.38 36.12
CA SER C 109 -15.75 4.02 36.44
C SER C 109 -14.63 3.03 36.67
N TYR C 110 -13.61 3.10 35.84
CA TYR C 110 -12.49 2.19 35.98
C TYR C 110 -11.62 2.57 37.20
N LEU C 111 -11.35 3.87 37.35
CA LEU C 111 -10.56 4.35 38.47
C LEU C 111 -11.29 4.03 39.77
N GLY C 112 -12.62 4.13 39.74
CA GLY C 112 -13.42 3.84 40.92
C GLY C 112 -13.66 2.35 41.13
N GLY C 113 -13.05 1.53 40.28
CA GLY C 113 -13.20 0.08 40.36
C GLY C 113 -14.53 -0.60 40.04
N ALA C 114 -15.37 0.03 39.21
CA ALA C 114 -16.66 -0.56 38.89
C ALA C 114 -16.62 -1.43 37.64
N ILE C 115 -15.77 -1.07 36.68
CA ILE C 115 -15.64 -1.81 35.45
C ILE C 115 -14.24 -2.42 35.39
N THR C 116 -13.92 -3.14 34.32
CA THR C 116 -12.61 -3.77 34.21
C THR C 116 -11.78 -3.09 33.15
N ARG C 117 -10.52 -3.48 33.01
CA ARG C 117 -9.70 -2.83 32.02
C ARG C 117 -10.32 -2.98 30.63
N ARG C 118 -10.88 -4.16 30.36
CA ARG C 118 -11.52 -4.43 29.08
C ARG C 118 -12.71 -3.52 28.87
N GLU C 119 -13.66 -3.53 29.80
CA GLU C 119 -14.85 -2.70 29.69
C GLU C 119 -14.49 -1.21 29.63
N TYR C 120 -13.29 -0.89 30.09
CA TYR C 120 -12.83 0.49 30.13
C TYR C 120 -12.47 1.00 28.74
N ASN C 121 -11.58 0.30 28.06
CA ASN C 121 -11.20 0.72 26.73
C ASN C 121 -10.77 -0.47 25.87
N GLY C 122 -11.60 -1.52 25.88
CA GLY C 122 -11.35 -2.73 25.11
C GLY C 122 -10.02 -3.43 25.37
N ASP C 123 -9.82 -4.57 24.70
CA ASP C 123 -8.58 -5.32 24.85
C ASP C 123 -7.69 -5.08 23.64
N GLU C 124 -6.57 -5.78 23.60
CA GLU C 124 -5.61 -5.64 22.52
C GLU C 124 -6.22 -6.13 21.21
N SER C 125 -7.28 -6.92 21.31
CA SER C 125 -7.96 -7.45 20.13
C SER C 125 -8.87 -6.34 19.61
N GLY C 126 -8.93 -5.26 20.38
CA GLY C 126 -9.73 -4.09 20.03
C GLY C 126 -11.21 -4.19 20.35
N ARG C 127 -11.59 -5.02 21.32
CA ARG C 127 -13.01 -5.14 21.64
C ARG C 127 -13.23 -5.30 23.14
N GLY C 128 -14.47 -5.15 23.56
CA GLY C 128 -14.80 -5.29 24.96
C GLY C 128 -15.34 -4.02 25.58
N ALA C 129 -14.66 -2.91 25.34
CA ALA C 129 -15.06 -1.62 25.88
C ALA C 129 -16.57 -1.45 25.88
N VAL C 130 -17.10 -0.72 26.87
CA VAL C 130 -18.52 -0.46 26.94
C VAL C 130 -18.73 1.03 27.05
N THR C 131 -19.98 1.47 27.08
CA THR C 131 -20.28 2.89 27.20
C THR C 131 -21.10 3.10 28.46
N THR C 132 -20.37 3.13 29.56
CA THR C 132 -20.88 3.29 30.90
C THR C 132 -22.03 4.27 31.13
N LEU C 133 -21.88 5.50 30.65
CA LEU C 133 -22.91 6.51 30.87
C LEU C 133 -23.26 7.25 29.59
N LEU C 134 -24.55 7.42 29.33
CA LEU C 134 -24.99 8.13 28.13
C LEU C 134 -26.27 8.88 28.39
N PRO C 135 -26.19 10.22 28.40
CA PRO C 135 -27.39 11.02 28.65
C PRO C 135 -28.29 11.13 27.42
N LEU C 136 -29.59 10.95 27.61
CA LEU C 136 -30.52 11.05 26.50
C LEU C 136 -31.48 12.19 26.79
N PRO C 137 -31.17 13.39 26.27
CA PRO C 137 -32.06 14.53 26.52
C PRO C 137 -33.44 14.19 25.96
N ARG C 138 -34.45 14.94 26.40
CA ARG C 138 -35.80 14.74 25.94
C ARG C 138 -35.98 15.57 24.68
N TYR C 139 -36.48 14.95 23.61
CA TYR C 139 -36.73 15.65 22.34
C TYR C 139 -38.23 15.94 22.29
N GLY C 140 -39.01 14.95 21.88
CA GLY C 140 -40.46 15.11 21.83
C GLY C 140 -41.02 14.17 22.88
N GLU C 141 -41.47 13.02 22.41
CA GLU C 141 -42.01 11.98 23.28
C GLU C 141 -40.96 10.89 23.18
N LYS C 142 -39.78 11.33 22.74
CA LYS C 142 -38.62 10.46 22.57
C LYS C 142 -37.45 11.03 23.35
N TYR C 143 -36.47 10.17 23.60
CA TYR C 143 -35.26 10.59 24.28
C TYR C 143 -34.17 10.34 23.26
N VAL C 144 -33.43 11.38 22.91
CA VAL C 144 -32.38 11.18 21.92
C VAL C 144 -31.05 11.89 22.17
N ASN C 145 -29.99 11.11 22.07
CA ASN C 145 -28.64 11.62 22.18
C ASN C 145 -28.16 11.49 20.73
N LEU C 146 -28.13 12.61 20.03
CA LEU C 146 -27.72 12.63 18.64
C LEU C 146 -26.33 12.03 18.41
N TYR C 147 -25.36 12.58 19.12
CA TYR C 147 -23.98 12.14 19.03
C TYR C 147 -23.83 10.61 19.05
N ALA C 148 -24.59 9.95 19.90
CA ALA C 148 -24.49 8.49 20.01
C ALA C 148 -25.47 7.74 19.11
N LYS C 149 -26.34 8.49 18.44
CA LYS C 149 -27.35 7.90 17.57
C LYS C 149 -28.28 7.03 18.38
N VAL C 150 -28.73 7.52 19.53
CA VAL C 150 -29.63 6.72 20.34
C VAL C 150 -31.00 7.38 20.47
N ILE C 151 -32.05 6.58 20.31
CA ILE C 151 -33.42 7.06 20.42
C ILE C 151 -34.22 6.11 21.31
N VAL C 152 -34.87 6.67 22.33
CA VAL C 152 -35.72 5.87 23.20
C VAL C 152 -37.11 6.31 22.85
N ASP C 153 -37.98 5.35 22.59
CA ASP C 153 -39.35 5.65 22.21
C ASP C 153 -40.40 5.03 23.11
N VAL C 154 -41.26 5.87 23.68
CA VAL C 154 -42.33 5.39 24.54
C VAL C 154 -43.66 5.90 23.99
N SER C 155 -44.28 5.08 23.14
CA SER C 155 -45.56 5.44 22.54
C SER C 155 -46.66 4.47 22.98
N ASN C 156 -46.57 4.04 24.24
CA ASN C 156 -47.52 3.12 24.85
C ASN C 156 -47.15 2.93 26.32
N SER C 157 -46.65 1.75 26.66
CA SER C 157 -46.24 1.47 28.03
C SER C 157 -44.88 0.78 27.97
N SER C 158 -44.36 0.62 26.75
CA SER C 158 -43.07 -0.04 26.52
C SER C 158 -42.12 0.87 25.73
N VAL C 159 -40.83 0.58 25.83
CA VAL C 159 -39.80 1.38 25.16
C VAL C 159 -39.18 0.75 23.93
N LYS C 160 -38.99 1.58 22.90
CA LYS C 160 -38.37 1.15 21.66
C LYS C 160 -37.00 1.81 21.70
N VAL C 161 -35.97 1.04 22.00
CA VAL C 161 -34.63 1.60 22.09
C VAL C 161 -33.78 1.29 20.87
N THR C 162 -33.51 2.32 20.09
CA THR C 162 -32.70 2.15 18.89
C THR C 162 -31.33 2.80 19.06
N VAL C 163 -30.30 1.98 18.91
CA VAL C 163 -28.93 2.43 19.03
C VAL C 163 -28.29 2.29 17.67
N GLY C 164 -28.31 3.37 16.90
CA GLY C 164 -27.75 3.33 15.56
C GLY C 164 -28.76 2.61 14.69
N ASP C 165 -28.34 1.55 14.03
CA ASP C 165 -29.27 0.79 13.20
C ASP C 165 -29.42 -0.59 13.78
N ARG C 166 -29.72 -0.60 15.08
CA ARG C 166 -29.94 -1.82 15.85
C ARG C 166 -31.11 -1.52 16.76
N GLU C 167 -31.82 -2.56 17.17
CA GLU C 167 -32.94 -2.37 18.07
C GLU C 167 -32.52 -3.16 19.30
N CYS C 168 -32.32 -2.46 20.41
CA CYS C 168 -31.87 -3.14 21.61
C CYS C 168 -32.86 -3.10 22.76
N ASP C 169 -32.78 -4.13 23.58
CA ASP C 169 -33.63 -4.29 24.74
C ASP C 169 -32.82 -4.20 26.03
N PRO C 170 -32.96 -3.11 26.79
CA PRO C 170 -32.21 -2.97 28.03
C PRO C 170 -32.61 -4.00 29.06
N LEU C 171 -31.67 -4.31 29.96
CA LEU C 171 -31.88 -5.26 31.03
C LEU C 171 -33.01 -4.81 31.94
N MSE C 172 -33.17 -3.50 32.04
CA MSE C 172 -34.22 -2.95 32.89
C MSE C 172 -34.42 -1.50 32.57
O MSE C 172 -33.50 -0.81 32.14
CB MSE C 172 -33.84 -3.12 34.35
CG MSE C 172 -34.98 -2.90 35.31
SE MSE C 172 -34.42 -3.18 37.14
CE MSE C 172 -34.94 -1.47 37.91
N VAL C 173 -35.64 -1.02 32.79
CA VAL C 173 -35.98 0.36 32.54
C VAL C 173 -36.68 0.84 33.79
N THR C 174 -36.27 1.99 34.31
CA THR C 174 -36.89 2.54 35.52
C THR C 174 -37.45 3.91 35.20
N PHE C 175 -38.73 4.12 35.52
CA PHE C 175 -39.35 5.43 35.29
C PHE C 175 -39.34 6.25 36.57
N THR C 176 -38.83 7.47 36.49
CA THR C 176 -38.75 8.35 37.65
C THR C 176 -39.53 9.62 37.35
N PRO C 177 -40.50 10.00 38.21
CA PRO C 177 -40.91 9.31 39.43
C PRO C 177 -42.20 8.51 39.24
N SER C 178 -42.20 7.30 39.79
CA SER C 178 -43.32 6.39 39.70
C SER C 178 -42.80 5.04 40.19
N GLY C 179 -41.58 4.71 39.74
CA GLY C 179 -40.95 3.46 40.15
C GLY C 179 -41.16 2.38 39.12
N LYS C 180 -42.00 2.66 38.14
CA LYS C 180 -42.31 1.72 37.07
C LYS C 180 -41.05 1.01 36.59
N THR C 181 -41.01 -0.31 36.75
CA THR C 181 -39.84 -1.08 36.35
C THR C 181 -40.13 -2.20 35.34
N ILE C 182 -39.53 -2.10 34.16
CA ILE C 182 -39.71 -3.09 33.10
C ILE C 182 -38.45 -3.93 32.89
N LYS C 183 -38.57 -5.25 32.97
CA LYS C 183 -37.41 -6.12 32.76
C LYS C 183 -37.21 -6.45 31.28
N GLY C 184 -35.96 -6.64 30.87
CA GLY C 184 -35.68 -6.95 29.49
C GLY C 184 -34.67 -8.06 29.25
N THR C 185 -34.31 -8.28 28.00
CA THR C 185 -33.37 -9.33 27.64
C THR C 185 -31.91 -8.91 27.64
N GLY C 186 -31.66 -7.61 27.68
CA GLY C 186 -30.29 -7.12 27.67
C GLY C 186 -29.56 -7.61 26.44
N THR C 187 -30.21 -7.52 25.29
CA THR C 187 -29.64 -7.97 24.03
C THR C 187 -30.10 -7.08 22.88
N CYS C 188 -29.46 -7.25 21.73
CA CYS C 188 -29.86 -6.45 20.56
C CYS C 188 -30.30 -7.32 19.40
N SER C 189 -31.07 -6.70 18.51
CA SER C 189 -31.58 -7.35 17.32
C SER C 189 -30.47 -8.11 16.58
N ASP C 190 -29.27 -7.56 16.58
CA ASP C 190 -28.16 -8.24 15.91
C ASP C 190 -27.50 -9.26 16.82
N GLY C 191 -28.28 -9.80 17.76
CA GLY C 191 -27.77 -10.83 18.65
C GLY C 191 -26.77 -10.51 19.74
N ASN C 192 -26.21 -9.30 19.72
CA ASN C 192 -25.24 -8.87 20.72
C ASN C 192 -25.87 -8.69 22.10
N ALA C 193 -25.00 -8.62 23.11
CA ALA C 193 -25.46 -8.41 24.48
C ALA C 193 -25.62 -6.90 24.63
N PHE C 194 -26.56 -6.49 25.47
CA PHE C 194 -26.84 -5.08 25.73
C PHE C 194 -26.94 -4.98 27.26
N PRO C 195 -25.79 -5.03 27.96
CA PRO C 195 -25.77 -4.95 29.42
C PRO C 195 -26.05 -3.54 29.93
N TYR C 196 -27.18 -2.99 29.53
CA TYR C 196 -27.51 -1.64 29.92
C TYR C 196 -28.84 -1.54 30.64
N VAL C 197 -29.00 -0.45 31.39
CA VAL C 197 -30.20 -0.18 32.15
C VAL C 197 -30.59 1.23 31.76
N LEU C 198 -31.88 1.49 31.66
CA LEU C 198 -32.32 2.83 31.29
C LEU C 198 -33.10 3.46 32.42
N HIS C 199 -32.84 4.75 32.67
CA HIS C 199 -33.53 5.50 33.71
C HIS C 199 -34.18 6.63 32.99
N LEU C 200 -35.48 6.83 33.20
CA LEU C 200 -36.17 7.90 32.52
C LEU C 200 -36.75 8.91 33.48
N THR C 201 -36.43 10.18 33.22
CA THR C 201 -36.89 11.32 34.00
C THR C 201 -37.76 12.17 33.08
N PRO C 202 -38.69 12.94 33.65
CA PRO C 202 -39.52 13.76 32.77
C PRO C 202 -38.74 14.73 31.89
N THR C 203 -37.44 14.86 32.12
CA THR C 203 -36.66 15.81 31.32
C THR C 203 -35.42 15.22 30.70
N ILE C 204 -34.89 14.18 31.31
CA ILE C 204 -33.68 13.54 30.83
C ILE C 204 -33.76 12.05 31.06
N GLY C 205 -33.06 11.32 30.21
CA GLY C 205 -33.03 9.87 30.34
C GLY C 205 -31.57 9.53 30.33
N VAL C 206 -31.20 8.43 30.98
CA VAL C 206 -29.80 8.05 31.01
C VAL C 206 -29.65 6.55 30.80
N LEU C 207 -28.81 6.20 29.83
CA LEU C 207 -28.55 4.82 29.51
C LEU C 207 -27.29 4.49 30.29
N ALA C 208 -27.34 3.46 31.13
CA ALA C 208 -26.18 3.12 31.94
C ALA C 208 -25.76 1.67 31.91
N TYR C 209 -24.47 1.42 31.79
CA TYR C 209 -23.96 0.06 31.78
C TYR C 209 -24.38 -0.50 33.13
N TYR C 210 -24.86 -1.74 33.17
CA TYR C 210 -25.35 -2.33 34.41
C TYR C 210 -24.50 -2.18 35.68
N LYS C 211 -23.17 -2.27 35.53
CA LYS C 211 -22.26 -2.16 36.68
C LYS C 211 -22.20 -0.77 37.31
N VAL C 212 -22.81 0.22 36.66
CA VAL C 212 -22.84 1.57 37.19
C VAL C 212 -24.27 2.10 37.15
N ALA C 213 -25.22 1.16 37.13
CA ALA C 213 -26.64 1.48 37.09
C ALA C 213 -27.07 2.45 38.17
N THR C 214 -26.43 2.39 39.33
CA THR C 214 -26.79 3.26 40.44
C THR C 214 -25.69 4.21 40.93
N ALA C 215 -24.69 4.43 40.09
CA ALA C 215 -23.58 5.31 40.42
C ALA C 215 -24.10 6.62 41.07
N ASN C 216 -23.38 7.11 42.08
CA ASN C 216 -23.78 8.34 42.76
C ASN C 216 -23.74 9.55 41.84
N PHE C 217 -22.83 9.52 40.87
CA PHE C 217 -22.76 10.62 39.93
C PHE C 217 -24.09 10.77 39.19
N ILE C 218 -24.76 9.64 38.92
CA ILE C 218 -26.04 9.65 38.21
C ILE C 218 -27.11 10.32 39.04
N LYS C 219 -27.20 9.95 40.31
CA LYS C 219 -28.18 10.54 41.21
C LYS C 219 -27.82 11.99 41.58
N LEU C 220 -26.56 12.34 41.41
CA LEU C 220 -26.07 13.68 41.75
C LEU C 220 -26.12 14.66 40.58
N ALA C 221 -25.90 14.14 39.38
CA ALA C 221 -25.90 14.98 38.18
C ALA C 221 -27.25 14.99 37.45
N PHE C 222 -27.92 13.83 37.39
CA PHE C 222 -29.19 13.72 36.68
C PHE C 222 -30.43 13.50 37.52
N GLY C 223 -30.27 13.41 38.82
CA GLY C 223 -31.43 13.22 39.68
C GLY C 223 -32.15 11.91 39.51
N VAL C 224 -31.41 10.82 39.44
CA VAL C 224 -32.01 9.50 39.32
C VAL C 224 -31.79 8.81 40.66
N PRO C 225 -32.72 9.03 41.59
CA PRO C 225 -32.64 8.46 42.95
C PRO C 225 -32.13 7.04 43.02
N ALA C 226 -32.94 6.10 42.55
CA ALA C 226 -32.64 4.67 42.55
C ALA C 226 -31.29 4.22 43.13
N SER C 227 -31.37 3.34 44.12
CA SER C 227 -30.19 2.79 44.78
C SER C 227 -30.47 1.39 45.29
N THR C 228 -29.41 0.65 45.56
CA THR C 228 -29.53 -0.71 46.09
C THR C 228 -30.00 -0.57 47.53
N ILE C 229 -29.06 -0.17 48.39
CA ILE C 229 -29.31 0.03 49.81
C ILE C 229 -30.55 0.90 50.02
N PRO C 230 -31.60 0.36 50.68
CA PRO C 230 -32.82 1.14 50.93
C PRO C 230 -32.48 2.43 51.67
N GLY C 231 -33.13 3.51 51.28
CA GLY C 231 -32.89 4.80 51.92
C GLY C 231 -31.79 5.58 51.23
N PHE C 232 -30.56 5.06 51.34
CA PHE C 232 -29.35 5.66 50.77
C PHE C 232 -29.47 6.96 50.01
N SER C 233 -30.33 7.02 48.99
CA SER C 233 -30.49 8.28 48.24
C SER C 233 -31.02 9.35 49.19
N ASP C 234 -32.05 9.01 49.93
CA ASP C 234 -32.64 9.92 50.90
C ASP C 234 -31.54 10.48 51.81
N LYS C 235 -30.79 9.57 52.42
CA LYS C 235 -29.69 9.92 53.31
C LYS C 235 -28.64 10.79 52.63
N LEU C 236 -28.12 10.29 51.51
CA LEU C 236 -27.09 10.96 50.72
C LEU C 236 -27.30 12.44 50.47
N PHE C 237 -28.52 12.85 50.13
CA PHE C 237 -28.75 14.26 49.86
C PHE C 237 -28.81 15.14 51.08
N SER C 238 -28.57 14.53 52.24
CA SER C 238 -28.54 15.28 53.50
C SER C 238 -27.07 15.50 53.85
N ASN C 239 -26.19 14.79 53.16
CA ASN C 239 -24.74 14.92 53.34
C ASN C 239 -24.18 15.77 52.20
N PHE C 240 -24.98 15.90 51.15
CA PHE C 240 -24.66 16.71 49.99
C PHE C 240 -25.86 17.57 49.63
N GLU C 241 -25.90 18.81 50.10
CA GLU C 241 -27.03 19.65 49.77
C GLU C 241 -26.78 20.51 48.57
N PRO C 242 -27.68 20.43 47.57
CA PRO C 242 -27.45 21.30 46.41
C PRO C 242 -27.66 22.72 46.93
N VAL C 243 -26.73 23.63 46.67
CA VAL C 243 -26.88 24.99 47.14
C VAL C 243 -26.81 26.01 46.02
N TYR C 244 -26.51 25.55 44.82
CA TYR C 244 -26.46 26.43 43.67
C TYR C 244 -26.32 25.62 42.40
N GLU C 245 -27.02 26.07 41.36
CA GLU C 245 -26.98 25.39 40.08
C GLU C 245 -26.84 26.44 38.99
N SER C 246 -25.99 26.15 38.01
CA SER C 246 -25.77 27.05 36.91
C SER C 246 -25.20 26.27 35.74
N GLY C 247 -25.81 26.46 34.58
CA GLY C 247 -25.35 25.75 33.39
C GLY C 247 -25.36 24.27 33.68
N ASN C 248 -24.23 23.63 33.47
CA ASN C 248 -24.13 22.21 33.71
C ASN C 248 -23.38 21.90 35.01
N VAL C 249 -23.33 22.86 35.92
CA VAL C 249 -22.65 22.63 37.17
C VAL C 249 -23.57 22.83 38.36
N ILE C 250 -23.50 21.89 39.29
CA ILE C 250 -24.30 21.93 40.51
C ILE C 250 -23.31 21.90 41.68
N VAL C 251 -23.34 22.92 42.54
CA VAL C 251 -22.43 22.90 43.67
C VAL C 251 -23.15 22.33 44.89
N TYR C 252 -22.53 21.31 45.47
CA TYR C 252 -23.09 20.64 46.64
C TYR C 252 -22.30 20.96 47.91
N ARG C 253 -23.03 21.22 48.99
CA ARG C 253 -22.44 21.54 50.28
C ARG C 253 -22.26 20.25 51.07
N PHE C 254 -21.02 19.84 51.28
CA PHE C 254 -20.81 18.59 52.00
C PHE C 254 -20.87 18.72 53.51
N THR C 255 -21.22 17.61 54.15
CA THR C 255 -21.29 17.52 55.59
C THR C 255 -21.41 16.06 55.97
N PRO C 256 -20.42 15.55 56.70
CA PRO C 256 -20.36 14.16 57.16
C PRO C 256 -21.63 13.75 57.91
N PHE C 257 -22.28 14.70 58.55
CA PHE C 257 -23.47 14.37 59.30
C PHE C 257 -24.59 15.30 58.87
N GLY C 258 -25.77 14.74 58.70
CA GLY C 258 -26.89 15.55 58.29
C GLY C 258 -28.16 14.81 58.64
N ILE C 259 -29.25 15.56 58.75
CA ILE C 259 -30.53 14.95 59.07
C ILE C 259 -31.29 14.81 57.76
N TYR C 260 -31.79 13.60 57.48
CA TYR C 260 -32.52 13.37 56.25
C TYR C 260 -34.03 13.23 56.44
N LYS C 261 -34.48 13.14 57.69
CA LYS C 261 -35.89 12.99 57.99
C LYS C 261 -36.27 13.44 59.42
N ILE C 262 -37.16 14.41 59.52
CA ILE C 262 -37.63 14.88 60.82
C ILE C 262 -39.04 14.35 60.99
N GLU C 263 -39.24 13.48 61.97
CA GLU C 263 -40.54 12.90 62.21
C GLU C 263 -41.23 13.50 63.42
N GLU C 264 -42.33 14.21 63.18
CA GLU C 264 -43.13 14.85 64.22
C GLU C 264 -44.14 13.85 64.78
N ASN C 265 -44.51 14.03 66.05
CA ASN C 265 -45.49 13.16 66.69
C ASN C 265 -46.85 13.83 66.79
N ILE C 266 -47.58 13.82 65.68
CA ILE C 266 -48.89 14.46 65.63
C ILE C 266 -49.97 13.56 66.23
N ASN C 267 -49.94 13.41 67.55
CA ASN C 267 -50.92 12.62 68.30
C ASN C 267 -50.78 11.10 68.13
N GLY C 268 -49.74 10.53 68.74
CA GLY C 268 -49.52 9.09 68.67
C GLY C 268 -48.99 8.56 67.35
N THR C 269 -49.46 9.14 66.25
CA THR C 269 -49.02 8.72 64.92
C THR C 269 -47.88 9.61 64.45
N TRP C 270 -46.69 9.02 64.24
CA TRP C 270 -45.56 9.79 63.77
C TRP C 270 -45.74 10.19 62.31
N LYS C 271 -45.68 11.49 62.04
CA LYS C 271 -45.84 11.99 60.67
C LYS C 271 -44.54 12.73 60.34
N GLN C 272 -44.10 12.64 59.10
CA GLN C 272 -42.88 13.34 58.73
C GLN C 272 -43.19 14.82 58.56
N VAL C 273 -42.37 15.68 59.15
CA VAL C 273 -42.59 17.11 59.03
C VAL C 273 -41.44 17.76 58.27
N TYR C 274 -41.70 18.94 57.71
CA TYR C 274 -40.70 19.65 56.93
C TYR C 274 -40.23 20.97 57.53
N ASN C 275 -41.05 21.55 58.40
CA ASN C 275 -40.66 22.80 59.07
C ASN C 275 -41.14 22.67 60.50
N LEU C 276 -40.72 23.60 61.36
CA LEU C 276 -41.12 23.54 62.75
C LEU C 276 -41.60 24.89 63.28
N THR C 277 -42.67 24.84 64.06
CA THR C 277 -43.25 26.03 64.67
C THR C 277 -42.59 26.23 66.02
N PRO C 278 -42.53 27.47 66.50
CA PRO C 278 -41.89 27.65 67.80
C PRO C 278 -42.70 26.93 68.89
N GLY C 279 -42.01 26.43 69.91
CA GLY C 279 -42.71 25.76 70.98
C GLY C 279 -42.22 24.37 71.33
N LYS C 280 -43.08 23.62 72.02
CA LYS C 280 -42.79 22.27 72.45
C LYS C 280 -42.99 21.32 71.27
N HIS C 281 -41.95 20.53 70.98
CA HIS C 281 -42.02 19.58 69.89
C HIS C 281 -41.64 18.17 70.30
N GLU C 282 -42.41 17.22 69.79
CA GLU C 282 -42.24 15.78 70.05
C GLU C 282 -41.76 15.17 68.72
N LEU C 283 -40.45 15.06 68.52
CA LEU C 283 -39.99 14.51 67.25
C LEU C 283 -38.70 13.68 67.22
N LYS C 284 -38.59 12.86 66.17
CA LYS C 284 -37.44 11.98 65.98
C LYS C 284 -36.44 12.59 64.99
N LEU C 285 -35.25 12.00 64.94
CA LEU C 285 -34.19 12.49 64.05
C LEU C 285 -33.49 11.35 63.34
N TYR C 286 -33.60 11.32 62.02
CA TYR C 286 -32.94 10.29 61.23
C TYR C 286 -31.66 10.89 60.69
N ILE C 287 -30.56 10.43 61.28
CA ILE C 287 -29.23 10.92 60.94
C ILE C 287 -28.52 10.11 59.89
N SER C 288 -27.75 10.79 59.04
CA SER C 288 -26.97 10.14 58.01
C SER C 288 -25.51 10.49 58.23
N ALA C 289 -24.70 9.46 58.49
CA ALA C 289 -23.28 9.67 58.71
C ALA C 289 -22.50 9.18 57.49
N PHE C 290 -21.95 10.12 56.72
CA PHE C 290 -21.21 9.77 55.51
C PHE C 290 -19.69 9.66 55.72
N GLY C 291 -19.16 8.45 55.64
CA GLY C 291 -17.73 8.27 55.77
C GLY C 291 -17.18 7.92 57.13
N ARG C 292 -17.50 8.73 58.14
CA ARG C 292 -17.00 8.51 59.50
C ARG C 292 -18.12 8.39 60.53
N ASP C 293 -17.79 7.87 61.72
CA ASP C 293 -18.77 7.71 62.78
C ASP C 293 -18.96 9.03 63.53
N ILE C 294 -19.97 9.06 64.39
CA ILE C 294 -20.17 10.25 65.22
C ILE C 294 -19.51 9.78 66.51
N GLU C 295 -18.51 10.53 66.96
CA GLU C 295 -17.79 10.15 68.17
C GLU C 295 -17.68 11.28 69.19
N ASN C 296 -18.39 11.10 70.31
CA ASN C 296 -18.41 12.08 71.40
C ASN C 296 -18.80 13.45 70.87
N ALA C 297 -20.05 13.54 70.42
CA ALA C 297 -20.60 14.76 69.86
C ALA C 297 -21.90 15.16 70.54
N THR C 298 -22.31 16.40 70.29
CA THR C 298 -23.53 16.93 70.87
C THR C 298 -24.28 17.71 69.81
N LEU C 299 -25.61 17.58 69.83
CA LEU C 299 -26.46 18.28 68.87
C LEU C 299 -27.16 19.44 69.53
N TYR C 300 -27.24 20.55 68.80
CA TYR C 300 -27.91 21.74 69.28
C TYR C 300 -28.84 22.19 68.18
N ILE C 301 -29.84 22.98 68.53
CA ILE C 301 -30.77 23.52 67.53
C ILE C 301 -30.64 25.02 67.61
N TYR C 302 -29.88 25.59 66.69
CA TYR C 302 -29.66 27.02 66.63
C TYR C 302 -30.90 27.71 66.10
N ALA C 303 -31.56 28.49 66.93
CA ALA C 303 -32.73 29.21 66.48
C ALA C 303 -32.19 30.39 65.70
N ILE C 304 -32.63 30.54 64.46
CA ILE C 304 -32.15 31.63 63.64
C ILE C 304 -33.25 32.65 63.43
N ASN C 305 -32.95 33.90 63.75
CA ASN C 305 -33.91 34.97 63.56
C ASN C 305 -33.25 36.02 62.70
N ASN C 306 -33.69 36.08 61.44
CA ASN C 306 -33.16 37.04 60.48
C ASN C 306 -31.62 37.00 60.41
N GLU C 307 -31.09 35.90 59.88
CA GLU C 307 -29.65 35.72 59.71
C GLU C 307 -28.81 35.55 60.97
N LYS C 308 -29.26 36.12 62.09
CA LYS C 308 -28.50 36.02 63.33
C LYS C 308 -29.06 34.99 64.28
N ILE C 309 -28.16 34.31 64.99
CA ILE C 309 -28.53 33.26 65.94
C ILE C 309 -29.16 33.81 67.23
N ILE C 310 -30.15 33.08 67.75
CA ILE C 310 -30.85 33.45 68.99
C ILE C 310 -30.83 32.23 69.92
N GLU C 311 -29.79 32.11 70.75
CA GLU C 311 -29.63 30.99 71.68
C GLU C 311 -29.35 29.66 70.94
N LYS C 312 -28.30 28.98 71.39
CA LYS C 312 -27.89 27.71 70.83
C LYS C 312 -28.25 26.63 71.85
N ILE C 313 -29.50 26.17 71.84
CA ILE C 313 -29.92 25.17 72.79
C ILE C 313 -29.53 23.73 72.45
N LYS C 314 -28.98 23.03 73.44
CA LYS C 314 -28.54 21.64 73.31
C LYS C 314 -29.77 20.71 73.24
N ILE C 315 -29.72 19.71 72.36
CA ILE C 315 -30.86 18.78 72.23
C ILE C 315 -30.55 17.33 72.56
N ALA C 316 -29.27 16.96 72.52
CA ALA C 316 -28.88 15.58 72.82
C ALA C 316 -27.37 15.38 72.76
N GLU C 317 -26.94 14.18 73.14
CA GLU C 317 -25.53 13.85 73.10
C GLU C 317 -25.37 12.43 72.55
N ILE C 318 -24.31 12.21 71.78
CA ILE C 318 -24.05 10.91 71.18
C ILE C 318 -22.56 10.63 71.23
N SER C 319 -22.21 9.41 71.66
CA SER C 319 -20.81 9.02 71.76
C SER C 319 -20.39 8.14 70.58
N HIS C 320 -21.37 7.46 69.97
CA HIS C 320 -21.08 6.60 68.83
C HIS C 320 -22.33 6.35 67.98
N MSE C 321 -22.15 6.47 66.66
CA MSE C 321 -23.25 6.29 65.69
C MSE C 321 -22.96 5.20 64.65
O MSE C 321 -23.79 4.32 64.42
CB MSE C 321 -23.53 7.62 64.99
CG MSE C 321 -24.43 7.58 63.74
SE MSE C 321 -26.37 7.53 63.97
CE MSE C 321 -26.67 9.30 64.68
N ASP C 322 -21.79 5.29 64.02
CA ASP C 322 -21.35 4.34 62.98
C ASP C 322 -21.98 4.64 61.62
N TYR C 323 -21.15 5.15 60.71
CA TYR C 323 -21.55 5.57 59.38
C TYR C 323 -22.18 4.54 58.44
N LEU C 324 -22.30 3.31 58.90
CA LEU C 324 -22.90 2.27 58.06
C LEU C 324 -24.16 1.69 58.70
N ASN C 325 -24.45 2.09 59.92
CA ASN C 325 -25.64 1.60 60.64
C ASN C 325 -26.32 2.68 61.47
N GLU C 326 -26.74 3.76 60.82
CA GLU C 326 -27.40 4.85 61.51
C GLU C 326 -28.70 4.40 62.17
N TYR C 327 -29.08 5.11 63.23
CA TYR C 327 -30.30 4.84 63.95
C TYR C 327 -30.85 6.19 64.36
N PRO C 328 -32.18 6.34 64.31
CA PRO C 328 -32.73 7.64 64.68
C PRO C 328 -32.60 7.80 66.17
N ILE C 329 -32.49 9.05 66.61
CA ILE C 329 -32.38 9.33 68.02
C ILE C 329 -33.47 10.37 68.28
N ALA C 330 -34.49 9.96 69.04
CA ALA C 330 -35.64 10.81 69.37
C ALA C 330 -35.31 11.86 70.44
N VAL C 331 -35.96 13.01 70.33
CA VAL C 331 -35.69 14.07 71.27
C VAL C 331 -36.91 14.99 71.42
N ASN C 332 -37.06 15.57 72.61
CA ASN C 332 -38.16 16.47 72.91
C ASN C 332 -37.58 17.82 73.27
N VAL C 333 -37.96 18.85 72.52
CA VAL C 333 -37.44 20.18 72.77
C VAL C 333 -38.48 21.29 72.77
N THR C 334 -37.98 22.50 72.99
CA THR C 334 -38.78 23.71 73.04
C THR C 334 -38.03 24.73 72.20
N LEU C 335 -38.65 25.15 71.10
CA LEU C 335 -38.02 26.11 70.21
C LEU C 335 -38.56 27.53 70.31
N PRO C 336 -37.71 28.49 70.66
CA PRO C 336 -38.17 29.86 70.76
C PRO C 336 -38.44 30.38 69.36
N ASN C 337 -39.23 31.44 69.25
CA ASN C 337 -39.55 32.02 67.95
C ASN C 337 -38.29 32.40 67.19
N ALA C 338 -38.30 32.09 65.90
CA ALA C 338 -37.18 32.39 65.00
C ALA C 338 -37.65 32.08 63.59
N THR C 339 -36.99 32.67 62.59
CA THR C 339 -37.37 32.43 61.19
C THR C 339 -37.03 31.00 60.78
N SER C 340 -35.87 30.52 61.21
CA SER C 340 -35.43 29.17 60.87
C SER C 340 -34.73 28.46 62.05
N TYR C 341 -34.42 27.19 61.86
CA TYR C 341 -33.76 26.40 62.89
C TYR C 341 -32.64 25.57 62.29
N ARG C 342 -31.46 25.59 62.91
CA ARG C 342 -30.29 24.84 62.44
C ARG C 342 -29.91 23.71 63.38
N PHE C 343 -29.85 22.49 62.86
CA PHE C 343 -29.42 21.37 63.69
C PHE C 343 -27.94 21.25 63.42
N VAL C 344 -27.15 21.33 64.48
CA VAL C 344 -25.72 21.25 64.34
C VAL C 344 -25.21 20.07 65.13
N LEU C 345 -24.03 19.58 64.77
CA LEU C 345 -23.42 18.49 65.50
C LEU C 345 -21.99 18.92 65.73
N VAL C 346 -21.56 18.85 66.98
CA VAL C 346 -20.21 19.26 67.31
C VAL C 346 -19.40 18.09 67.80
N GLN C 347 -18.21 17.93 67.23
CA GLN C 347 -17.31 16.86 67.62
C GLN C 347 -15.95 17.16 67.03
N LYS C 348 -14.97 16.37 67.43
CA LYS C 348 -13.58 16.53 67.01
C LYS C 348 -13.34 16.21 65.53
N GLY C 349 -13.02 17.23 64.74
CA GLY C 349 -12.74 17.03 63.33
C GLY C 349 -11.65 17.99 62.88
N PRO C 350 -11.04 17.74 61.71
CA PRO C 350 -9.98 18.62 61.19
C PRO C 350 -10.45 20.04 60.88
N ILE C 351 -9.53 20.99 60.93
CA ILE C 351 -9.80 22.40 60.61
C ILE C 351 -8.50 23.08 60.28
N GLY C 352 -8.58 24.28 59.72
CA GLY C 352 -7.38 25.01 59.40
C GLY C 352 -6.73 24.61 58.10
N VAL C 353 -6.56 25.61 57.25
CA VAL C 353 -5.97 25.42 55.94
C VAL C 353 -4.58 26.06 55.85
N LEU C 354 -3.58 25.26 55.46
CA LEU C 354 -2.20 25.75 55.29
C LEU C 354 -2.28 26.92 54.31
N LEU C 355 -1.77 28.09 54.68
CA LEU C 355 -1.83 29.22 53.76
C LEU C 355 -0.50 29.43 53.05
N ASP C 356 0.45 28.56 53.36
CA ASP C 356 1.75 28.70 52.75
C ASP C 356 2.49 27.38 52.81
N ALA C 357 3.53 27.25 52.00
CA ALA C 357 4.30 26.03 51.99
C ALA C 357 4.84 25.82 53.38
N PRO C 358 4.58 24.65 53.97
CA PRO C 358 5.11 24.43 55.31
C PRO C 358 6.64 24.40 55.25
N LYS C 359 7.29 24.58 56.40
CA LYS C 359 8.75 24.55 56.48
C LYS C 359 9.26 23.60 57.55
N VAL C 360 10.36 22.93 57.26
CA VAL C 360 10.96 22.01 58.21
C VAL C 360 12.44 22.36 58.37
N ASN C 361 12.83 22.60 59.62
CA ASN C 361 14.21 22.98 59.94
C ASN C 361 14.63 24.19 59.10
N GLY C 362 13.65 25.04 58.79
CA GLY C 362 13.93 26.24 58.02
C GLY C 362 13.90 26.08 56.50
N GLU C 363 13.63 24.87 56.02
CA GLU C 363 13.57 24.62 54.58
C GLU C 363 12.12 24.37 54.17
N ILE C 364 11.80 24.64 52.91
CA ILE C 364 10.45 24.43 52.40
C ILE C 364 10.18 22.94 52.14
N ARG C 365 8.99 22.47 52.50
CA ARG C 365 8.62 21.07 52.30
C ARG C 365 7.17 20.97 51.81
N SER C 366 6.77 19.82 51.29
CA SER C 366 5.40 19.67 50.79
C SER C 366 4.43 19.35 51.91
N PRO C 367 3.19 19.87 51.81
CA PRO C 367 2.19 19.59 52.84
C PRO C 367 1.84 18.11 52.84
N THR C 368 1.90 17.52 51.65
CA THR C 368 1.58 16.12 51.42
C THR C 368 2.49 15.17 52.20
N ASN C 369 3.76 15.54 52.26
CA ASN C 369 4.77 14.78 52.99
C ASN C 369 5.75 15.77 53.62
N ILE C 370 5.45 16.09 54.88
CA ILE C 370 6.22 17.06 55.64
C ILE C 370 7.45 16.44 56.33
N LEU C 371 7.37 15.17 56.68
CA LEU C 371 8.48 14.49 57.33
C LEU C 371 8.83 13.17 56.65
N ARG C 372 10.03 12.66 56.93
CA ARG C 372 10.48 11.40 56.35
C ARG C 372 10.11 10.22 57.24
N GLU C 373 10.56 9.03 56.84
CA GLU C 373 10.29 7.79 57.56
C GLU C 373 10.54 7.90 59.06
N GLY C 374 11.62 8.57 59.44
CA GLY C 374 11.92 8.72 60.86
C GLY C 374 12.59 10.04 61.18
N GLU C 375 12.33 11.05 60.35
CA GLU C 375 12.92 12.38 60.53
C GLU C 375 12.58 12.97 61.91
N SER C 376 13.15 14.14 62.21
CA SER C 376 12.94 14.80 63.50
C SER C 376 12.43 16.24 63.41
N GLY C 377 13.21 17.06 62.72
CA GLY C 377 12.90 18.48 62.49
C GLY C 377 11.85 19.31 63.23
N GLU C 378 11.96 20.62 63.00
CA GLU C 378 11.08 21.64 63.55
C GLU C 378 10.10 22.10 62.47
N ILE C 379 8.82 21.85 62.69
CA ILE C 379 7.77 22.19 61.74
C ILE C 379 7.21 23.61 61.89
N GLU C 380 7.37 24.44 60.86
CA GLU C 380 6.82 25.79 60.91
C GLU C 380 5.82 25.94 59.78
N LEU C 381 4.53 26.00 60.14
CA LEU C 381 3.48 26.10 59.14
C LEU C 381 2.42 27.17 59.39
N LYS C 382 2.20 28.05 58.41
CA LYS C 382 1.19 29.11 58.52
C LYS C 382 -0.21 28.48 58.43
N VAL C 383 -1.20 29.08 59.08
CA VAL C 383 -2.54 28.52 59.05
C VAL C 383 -3.66 29.57 58.96
N GLY C 384 -4.85 29.11 58.59
CA GLY C 384 -6.00 29.99 58.47
C GLY C 384 -7.23 29.31 59.02
N VAL C 385 -8.10 30.08 59.67
CA VAL C 385 -9.33 29.54 60.26
C VAL C 385 -10.42 30.59 60.15
N ASP C 386 -11.68 30.15 60.26
CA ASP C 386 -12.79 31.09 60.14
C ASP C 386 -13.37 31.58 61.46
N LYS C 387 -12.81 31.10 62.57
CA LYS C 387 -13.21 31.51 63.91
C LYS C 387 -12.12 31.04 64.85
N ASP C 388 -12.29 31.31 66.15
CA ASP C 388 -11.28 30.90 67.11
C ASP C 388 -11.39 29.41 67.45
N TYR C 389 -10.23 28.77 67.60
CA TYR C 389 -10.16 27.35 67.94
C TYR C 389 -8.97 27.06 68.86
N THR C 390 -9.11 26.01 69.64
CA THR C 390 -8.07 25.53 70.54
C THR C 390 -7.98 24.07 70.16
N ALA C 391 -6.86 23.66 69.57
CA ALA C 391 -6.77 22.28 69.16
C ALA C 391 -5.45 21.59 69.35
N ASP C 392 -5.50 20.27 69.17
CA ASP C 392 -4.33 19.43 69.24
C ASP C 392 -3.74 19.49 67.83
N LEU C 393 -2.67 18.74 67.61
CA LEU C 393 -2.02 18.73 66.31
C LEU C 393 -1.34 17.39 66.22
N TYR C 394 -1.67 16.64 65.18
CA TYR C 394 -1.06 15.34 65.00
C TYR C 394 -0.32 15.23 63.69
N LEU C 395 0.22 14.05 63.45
CA LEU C 395 0.90 13.73 62.21
C LEU C 395 0.05 12.60 61.68
N ARG C 396 -0.76 12.92 60.67
CA ARG C 396 -1.64 11.92 60.06
C ARG C 396 -1.11 11.42 58.74
N ALA C 397 -1.20 10.10 58.59
CA ALA C 397 -0.76 9.47 57.37
C ALA C 397 -2.01 8.90 56.70
N THR C 398 -2.16 9.17 55.40
CA THR C 398 -3.30 8.62 54.66
C THR C 398 -2.71 7.68 53.61
N PHE C 399 -3.26 6.47 53.52
CA PHE C 399 -2.79 5.48 52.57
C PHE C 399 -3.75 5.14 51.43
N ILE C 400 -3.38 5.52 50.21
CA ILE C 400 -4.20 5.26 49.04
C ILE C 400 -3.58 4.11 48.24
N TYR C 401 -4.29 3.00 48.14
CA TYR C 401 -3.79 1.86 47.39
C TYR C 401 -4.93 1.13 46.70
N LEU C 402 -4.58 0.27 45.73
CA LEU C 402 -5.56 -0.50 44.97
C LEU C 402 -5.45 -1.99 45.21
N VAL C 403 -6.59 -2.66 45.34
CA VAL C 403 -6.62 -4.12 45.54
C VAL C 403 -7.34 -4.79 44.35
N ARG C 404 -6.56 -5.46 43.50
CA ARG C 404 -7.11 -6.15 42.35
C ARG C 404 -8.13 -7.20 42.77
N LYS C 405 -9.40 -6.94 42.47
CA LYS C 405 -10.46 -7.87 42.85
C LYS C 405 -10.87 -8.85 41.76
N SER C 406 -10.02 -9.04 40.75
CA SER C 406 -10.34 -9.97 39.67
C SER C 406 -9.13 -10.10 38.73
N GLY C 407 -9.09 -11.22 38.01
CA GLY C 407 -7.99 -11.44 37.07
C GLY C 407 -6.82 -12.26 37.60
N LYS C 408 -6.03 -12.81 36.69
CA LYS C 408 -4.88 -13.62 37.06
C LYS C 408 -3.77 -12.72 37.59
N ASP C 409 -3.53 -11.62 36.89
CA ASP C 409 -2.51 -10.66 37.26
C ASP C 409 -3.06 -9.25 37.03
N ASN C 410 -2.18 -8.26 37.06
CA ASN C 410 -2.61 -6.86 36.90
C ASN C 410 -2.67 -6.34 35.47
N GLU C 411 -2.21 -7.14 34.51
CA GLU C 411 -2.25 -6.72 33.11
C GLU C 411 -3.42 -7.42 32.44
N ASP C 412 -4.04 -8.34 33.17
CA ASP C 412 -5.19 -9.07 32.69
C ASP C 412 -6.34 -8.09 32.43
N TYR C 413 -6.93 -8.13 31.23
CA TYR C 413 -8.04 -7.24 30.90
C TYR C 413 -9.32 -7.55 31.68
N ASP C 414 -9.30 -8.69 32.39
CA ASP C 414 -10.42 -9.12 33.20
C ASP C 414 -10.34 -8.43 34.55
N ALA C 415 -9.19 -7.80 34.77
CA ALA C 415 -8.90 -7.10 36.01
C ALA C 415 -9.74 -5.85 36.28
N ALA C 416 -10.09 -5.68 37.55
CA ALA C 416 -10.84 -4.55 38.07
C ALA C 416 -10.05 -4.18 39.33
N PHE C 417 -9.88 -2.90 39.61
CA PHE C 417 -9.11 -2.51 40.79
C PHE C 417 -9.91 -1.69 41.80
N GLU C 418 -10.07 -2.28 42.98
CA GLU C 418 -10.82 -1.69 44.10
C GLU C 418 -10.03 -0.62 44.87
N PRO C 419 -10.50 0.64 44.86
CA PRO C 419 -9.80 1.72 45.56
C PRO C 419 -9.87 1.56 47.08
N GLN C 420 -8.81 2.02 47.76
CA GLN C 420 -8.70 1.94 49.21
C GLN C 420 -8.07 3.18 49.85
N MSE C 421 -8.60 3.55 51.02
CA MSE C 421 -8.10 4.70 51.76
C MSE C 421 -8.08 4.34 53.24
O MSE C 421 -9.12 4.08 53.84
CB MSE C 421 -8.96 5.94 51.55
CG MSE C 421 -8.45 7.16 52.32
SE MSE C 421 -9.43 8.80 52.05
CE MSE C 421 -8.12 9.73 50.98
N ASP C 422 -6.87 4.33 53.80
CA ASP C 422 -6.65 4.00 55.19
C ASP C 422 -5.86 5.11 55.90
N VAL C 423 -6.54 5.79 56.83
CA VAL C 423 -5.90 6.86 57.58
C VAL C 423 -5.86 6.54 59.06
N PHE C 424 -4.78 6.97 59.71
CA PHE C 424 -4.57 6.80 61.14
C PHE C 424 -3.51 7.79 61.61
N PHE C 425 -3.72 8.32 62.81
CA PHE C 425 -2.78 9.29 63.39
C PHE C 425 -1.60 8.56 63.99
N ILE C 426 -0.41 9.10 63.73
CA ILE C 426 0.82 8.51 64.23
C ILE C 426 1.20 8.99 65.62
N THR C 427 1.60 10.27 65.70
CA THR C 427 2.02 10.86 66.96
C THR C 427 1.49 12.27 67.20
N LYS C 428 0.83 12.47 68.34
CA LYS C 428 0.32 13.79 68.69
C LYS C 428 1.54 14.65 69.01
N ILE C 429 1.56 15.89 68.55
CA ILE C 429 2.69 16.77 68.80
C ILE C 429 2.39 18.28 68.83
N GLY C 430 1.29 18.64 69.52
CA GLY C 430 0.91 20.05 69.61
C GLY C 430 0.25 20.45 70.93
N GLU C 431 -1.00 20.06 71.10
CA GLU C 431 -1.76 20.36 72.32
C GLU C 431 -1.98 21.84 72.61
N ASN C 432 -3.26 22.18 72.80
CA ASN C 432 -3.67 23.53 73.14
C ASN C 432 -3.18 24.66 72.25
N ILE C 433 -3.35 24.53 70.94
CA ILE C 433 -2.92 25.61 70.07
C ILE C 433 -4.06 26.62 69.95
N GLN C 434 -3.74 27.87 70.27
CA GLN C 434 -4.72 28.96 70.23
C GLN C 434 -4.75 29.55 68.82
N LEU C 435 -5.77 29.19 68.06
CA LEU C 435 -5.90 29.67 66.70
C LEU C 435 -6.93 30.79 66.57
N LYS C 436 -6.46 32.02 66.59
CA LYS C 436 -7.37 33.15 66.46
C LYS C 436 -7.85 33.17 65.02
N GLU C 437 -9.04 33.70 64.81
CA GLU C 437 -9.59 33.79 63.48
C GLU C 437 -8.60 34.57 62.60
N GLY C 438 -8.55 34.23 61.33
CA GLY C 438 -7.63 34.90 60.42
C GLY C 438 -6.36 34.08 60.28
N GLU C 439 -5.26 34.74 59.94
CA GLU C 439 -3.99 34.03 59.77
C GLU C 439 -3.36 33.67 61.11
N ASN C 440 -2.48 32.67 61.09
CA ASN C 440 -1.79 32.23 62.28
C ASN C 440 -0.41 31.75 61.88
N THR C 441 0.29 31.09 62.81
CA THR C 441 1.62 30.58 62.54
C THR C 441 1.95 29.59 63.64
N VAL C 442 2.53 28.45 63.28
CA VAL C 442 2.86 27.46 64.28
C VAL C 442 4.28 26.92 64.12
N LYS C 443 4.91 26.64 65.26
CA LYS C 443 6.27 26.10 65.33
C LYS C 443 6.31 25.04 66.43
N VAL C 444 6.76 23.83 66.10
CA VAL C 444 6.84 22.76 67.08
C VAL C 444 7.97 21.80 66.74
N ARG C 445 8.13 20.76 67.55
CA ARG C 445 9.15 19.75 67.27
C ARG C 445 8.33 18.65 66.57
N ALA C 446 8.95 17.96 65.62
CA ALA C 446 8.23 16.92 64.89
C ALA C 446 8.47 15.48 65.36
N GLU C 447 9.51 14.85 64.80
CA GLU C 447 9.86 13.48 65.13
C GLU C 447 8.80 12.42 64.84
N LEU C 448 8.95 11.73 63.72
CA LEU C 448 8.05 10.67 63.28
C LEU C 448 8.79 9.35 63.48
N PRO C 449 8.25 8.45 64.32
CA PRO C 449 8.88 7.14 64.58
C PRO C 449 9.31 6.31 63.37
N GLU C 450 10.61 6.33 63.08
CA GLU C 450 11.16 5.57 61.96
C GLU C 450 10.60 4.14 61.98
N GLY C 451 9.85 3.80 60.94
CA GLY C 451 9.25 2.48 60.83
C GLY C 451 7.80 2.52 60.36
N VAL C 452 7.01 3.41 60.95
CA VAL C 452 5.58 3.57 60.63
C VAL C 452 5.18 3.31 59.17
N ILE C 453 5.61 4.20 58.27
CA ILE C 453 5.29 4.05 56.86
C ILE C 453 5.78 2.70 56.34
N SER C 454 7.09 2.52 56.39
CA SER C 454 7.74 1.29 55.94
C SER C 454 7.48 0.09 56.84
N SER C 455 6.24 -0.05 57.31
CA SER C 455 5.87 -1.18 58.16
C SER C 455 4.38 -1.45 58.02
N TYR C 456 3.67 -0.48 57.46
CA TYR C 456 2.24 -0.64 57.23
C TYR C 456 2.13 -1.27 55.85
N LYS C 457 2.83 -0.68 54.88
CA LYS C 457 2.81 -1.20 53.52
C LYS C 457 3.36 -2.62 53.50
N ASP C 458 4.33 -2.89 54.38
CA ASP C 458 4.92 -4.22 54.46
C ASP C 458 3.94 -5.14 55.17
N GLU C 459 2.98 -4.52 55.83
CA GLU C 459 1.94 -5.26 56.54
C GLU C 459 0.83 -5.48 55.52
N LEU C 460 0.74 -4.57 54.55
CA LEU C 460 -0.26 -4.64 53.48
C LEU C 460 0.13 -5.81 52.60
N GLN C 461 1.42 -5.86 52.24
CA GLN C 461 1.95 -6.94 51.43
C GLN C 461 1.48 -8.26 52.01
N ARG C 462 1.53 -8.36 53.34
CA ARG C 462 1.10 -9.57 54.03
C ARG C 462 -0.34 -9.90 53.66
N LYS C 463 -1.21 -8.91 53.79
CA LYS C 463 -2.63 -9.09 53.49
C LYS C 463 -2.96 -9.24 52.01
N TYR C 464 -2.48 -8.32 51.19
CA TYR C 464 -2.75 -8.34 49.77
C TYR C 464 -1.51 -8.74 48.97
N GLY C 465 -1.64 -9.77 48.13
CA GLY C 465 -0.50 -10.22 47.36
C GLY C 465 -0.08 -9.20 46.31
N ASP C 466 -0.05 -9.63 45.05
CA ASP C 466 0.31 -8.74 43.94
C ASP C 466 -0.93 -7.92 43.61
N LYS C 467 -2.04 -8.26 44.27
CA LYS C 467 -3.30 -7.56 44.09
C LYS C 467 -3.14 -6.12 44.55
N LEU C 468 -2.10 -5.87 45.34
CA LEU C 468 -1.84 -4.55 45.89
C LEU C 468 -1.06 -3.56 45.01
N ILE C 469 -1.50 -2.30 45.04
CA ILE C 469 -0.88 -1.22 44.29
C ILE C 469 -0.97 0.07 45.11
N ILE C 470 0.15 0.52 45.66
CA ILE C 470 0.17 1.75 46.43
C ILE C 470 0.16 2.91 45.45
N ARG C 471 -0.89 3.73 45.51
CA ARG C 471 -1.03 4.87 44.62
C ARG C 471 -0.42 6.11 45.26
N GLY C 472 -0.41 6.09 46.59
CA GLY C 472 0.14 7.21 47.34
C GLY C 472 0.17 6.98 48.84
N ILE C 473 0.98 7.79 49.49
CA ILE C 473 1.12 7.74 50.94
C ILE C 473 1.38 9.18 51.34
N ARG C 474 0.68 9.63 52.37
CA ARG C 474 0.84 11.00 52.83
C ARG C 474 1.22 11.13 54.29
N VAL C 475 2.15 12.06 54.54
CA VAL C 475 2.62 12.37 55.89
C VAL C 475 2.36 13.86 56.02
N GLU C 476 1.24 14.20 56.66
CA GLU C 476 0.89 15.61 56.80
C GLU C 476 0.38 16.03 58.18
N PRO C 477 0.48 17.32 58.48
CA PRO C 477 0.05 17.90 59.74
C PRO C 477 -1.45 18.17 59.76
N VAL C 478 -2.11 17.78 60.85
CA VAL C 478 -3.55 17.98 60.99
C VAL C 478 -3.95 18.60 62.33
N PHE C 479 -4.73 19.68 62.27
CA PHE C 479 -5.20 20.37 63.47
C PHE C 479 -6.57 19.90 63.88
N ILE C 480 -6.63 18.99 64.86
CA ILE C 480 -7.91 18.47 65.32
C ILE C 480 -8.50 19.23 66.50
N ALA C 481 -9.49 20.06 66.22
CA ALA C 481 -10.16 20.84 67.27
C ALA C 481 -11.50 20.22 67.54
N GLU C 482 -12.48 21.07 67.83
CA GLU C 482 -13.85 20.63 68.08
C GLU C 482 -14.64 21.38 67.03
N LYS C 483 -14.99 20.67 65.97
CA LYS C 483 -15.69 21.24 64.83
C LYS C 483 -17.21 21.28 64.94
N GLU C 484 -17.77 22.29 64.27
CA GLU C 484 -19.21 22.52 64.22
C GLU C 484 -19.67 22.03 62.83
N TYR C 485 -20.56 21.04 62.80
CA TYR C 485 -21.04 20.50 61.53
C TYR C 485 -22.52 20.78 61.30
N LEU C 486 -22.85 21.58 60.31
CA LEU C 486 -24.25 21.87 60.02
C LEU C 486 -24.96 20.66 59.43
N MSE C 487 -25.96 20.13 60.16
CA MSE C 487 -26.71 18.96 59.70
C MSE C 487 -27.90 19.33 58.81
O MSE C 487 -28.15 18.71 57.77
CB MSE C 487 -27.25 18.18 60.91
CG MSE C 487 -26.17 17.56 61.79
SE MSE C 487 -26.91 16.52 63.27
CE MSE C 487 -26.86 14.75 62.46
N LEU C 488 -28.64 20.36 59.21
CA LEU C 488 -29.81 20.79 58.46
C LEU C 488 -30.38 22.07 59.06
N GLU C 489 -31.07 22.84 58.24
CA GLU C 489 -31.69 24.08 58.68
C GLU C 489 -33.13 24.08 58.13
N VAL C 490 -34.12 24.06 59.03
CA VAL C 490 -35.54 24.05 58.63
C VAL C 490 -36.20 25.40 58.90
N SER C 491 -37.22 25.72 58.12
CA SER C 491 -37.92 26.99 58.29
C SER C 491 -38.87 26.98 59.49
N ALA C 492 -39.73 27.98 59.60
CA ALA C 492 -40.66 28.07 60.72
C ALA C 492 -42.05 28.54 60.28
N SER C 493 -43.07 27.79 60.70
CA SER C 493 -44.46 28.09 60.37
C SER C 493 -45.41 27.40 61.37
N ALA C 494 -46.62 27.94 61.55
CA ALA C 494 -47.59 27.36 62.48
C ALA C 494 -48.89 26.89 61.82
N GLU D 17 -29.51 18.37 20.82
CA GLU D 17 -30.79 19.07 20.48
C GLU D 17 -30.67 19.69 19.09
N THR D 18 -31.28 20.87 18.91
CA THR D 18 -31.21 21.57 17.63
C THR D 18 -29.78 22.04 17.34
N SER D 19 -29.11 21.25 16.49
CA SER D 19 -27.73 21.48 16.11
C SER D 19 -27.65 22.07 14.71
N GLY D 20 -28.80 22.22 14.07
CA GLY D 20 -28.83 22.74 12.73
C GLY D 20 -29.19 21.66 11.72
N TRP D 21 -29.16 20.40 12.16
CA TRP D 21 -29.52 19.29 11.27
C TRP D 21 -30.95 19.46 10.79
N GLU D 22 -31.85 19.79 11.70
CA GLU D 22 -33.25 19.98 11.33
C GLU D 22 -33.35 21.06 10.24
N ASP D 23 -32.84 22.26 10.52
CA ASP D 23 -32.89 23.36 9.55
C ASP D 23 -32.17 23.02 8.25
N ALA D 24 -31.02 22.35 8.37
CA ALA D 24 -30.24 21.97 7.20
C ALA D 24 -31.02 20.99 6.35
N LEU D 25 -31.28 19.82 6.91
CA LEU D 25 -32.05 18.80 6.23
C LEU D 25 -33.25 19.41 5.50
N LYS D 26 -34.06 20.18 6.24
CA LYS D 26 -35.23 20.84 5.69
C LYS D 26 -34.86 21.67 4.46
N TRP D 27 -33.93 22.59 4.65
CA TRP D 27 -33.47 23.45 3.56
C TRP D 27 -33.28 22.66 2.27
N LEU D 28 -32.47 21.58 2.34
CA LEU D 28 -32.18 20.73 1.18
C LEU D 28 -33.45 20.22 0.53
N ARG D 29 -34.25 19.55 1.37
CA ARG D 29 -35.53 18.96 1.02
C ARG D 29 -36.45 19.97 0.35
N GLU D 30 -36.08 21.23 0.40
CA GLU D 30 -36.92 22.26 -0.17
C GLU D 30 -36.20 23.19 -1.12
N ASN D 31 -34.90 22.99 -1.29
CA ASN D 31 -34.10 23.85 -2.16
C ASN D 31 -33.25 23.09 -3.17
N THR D 32 -33.26 21.76 -3.08
CA THR D 32 -32.48 20.93 -3.99
C THR D 32 -33.34 19.90 -4.72
N PRO D 33 -32.98 19.56 -5.96
CA PRO D 33 -33.66 18.59 -6.84
C PRO D 33 -34.17 17.36 -6.10
N GLU D 34 -35.41 16.97 -6.41
CA GLU D 34 -36.06 15.82 -5.79
C GLU D 34 -35.26 14.51 -5.88
N TYR D 35 -34.39 14.42 -6.88
CA TYR D 35 -33.63 13.20 -7.06
C TYR D 35 -32.12 13.37 -6.88
N SER D 36 -31.72 14.38 -6.10
CA SER D 36 -30.30 14.61 -5.84
C SER D 36 -29.88 13.89 -4.55
N THR D 37 -28.63 13.47 -4.49
CA THR D 37 -28.14 12.77 -3.30
C THR D 37 -27.16 13.60 -2.45
N ALA D 38 -27.24 13.41 -1.14
CA ALA D 38 -26.38 14.11 -0.18
C ALA D 38 -25.72 13.14 0.80
N THR D 39 -24.47 13.39 1.18
CA THR D 39 -23.80 12.54 2.17
C THR D 39 -23.41 13.31 3.43
N SER D 40 -23.14 12.56 4.48
CA SER D 40 -22.72 13.11 5.75
C SER D 40 -21.86 12.05 6.40
N TRP D 41 -20.90 12.45 7.23
CA TRP D 41 -20.09 11.44 7.89
C TRP D 41 -20.96 10.60 8.82
N TRP D 42 -20.89 9.28 8.65
CA TRP D 42 -21.64 8.33 9.47
C TRP D 42 -23.15 8.43 9.20
N ASP D 43 -23.47 9.00 8.05
CA ASP D 43 -24.84 9.15 7.58
C ASP D 43 -25.82 9.75 8.58
N TYR D 44 -25.38 10.80 9.28
CA TYR D 44 -26.24 11.46 10.22
C TYR D 44 -27.47 11.98 9.48
N GLY D 45 -27.23 12.66 8.37
CA GLY D 45 -28.34 13.20 7.59
C GLY D 45 -29.42 12.15 7.42
N TYR D 46 -29.04 11.05 6.82
CA TYR D 46 -29.98 9.98 6.60
C TYR D 46 -30.67 9.58 7.91
N TRP D 47 -29.90 9.13 8.89
CA TRP D 47 -30.42 8.70 10.18
C TRP D 47 -31.41 9.69 10.80
N ILE D 48 -31.10 10.98 10.77
CA ILE D 48 -32.00 11.94 11.37
C ILE D 48 -33.30 12.09 10.58
N GLU D 49 -33.20 12.41 9.29
CA GLU D 49 -34.38 12.58 8.45
C GLU D 49 -35.23 11.32 8.48
N SER D 50 -34.59 10.17 8.63
CA SER D 50 -35.26 8.89 8.66
C SER D 50 -35.73 8.47 10.06
N SER D 51 -34.81 7.92 10.84
CA SER D 51 -35.10 7.41 12.18
C SER D 51 -35.56 8.42 13.23
N LEU D 52 -35.30 9.71 13.02
CA LEU D 52 -35.72 10.70 14.00
C LEU D 52 -36.91 11.54 13.56
N LEU D 53 -36.78 12.22 12.43
CA LEU D 53 -37.87 13.05 11.90
C LEU D 53 -38.93 12.23 11.15
N GLY D 54 -38.56 11.00 10.74
CA GLY D 54 -39.47 10.11 10.03
C GLY D 54 -40.04 10.64 8.72
N GLN D 55 -39.31 10.49 7.62
CA GLN D 55 -39.81 10.98 6.34
C GLN D 55 -38.98 10.55 5.12
N ARG D 56 -39.25 9.33 4.64
CA ARG D 56 -38.54 8.74 3.49
C ARG D 56 -38.63 9.54 2.17
N ARG D 57 -37.89 9.08 1.15
CA ARG D 57 -37.87 9.71 -0.17
C ARG D 57 -37.68 8.66 -1.29
N ALA D 58 -36.42 8.38 -1.66
CA ALA D 58 -36.08 7.36 -2.67
C ALA D 58 -35.83 6.07 -1.89
N SER D 59 -34.97 5.19 -2.39
CA SER D 59 -34.67 3.93 -1.68
C SER D 59 -33.33 4.01 -0.94
N ALA D 60 -32.65 5.14 -1.11
CA ALA D 60 -31.35 5.44 -0.50
C ALA D 60 -31.06 6.89 -0.90
N ASP D 61 -31.15 7.80 0.08
CA ASP D 61 -30.92 9.24 -0.13
C ASP D 61 -29.53 9.70 0.32
N GLY D 62 -28.99 9.06 1.37
CA GLY D 62 -27.68 9.38 1.90
C GLY D 62 -26.53 8.59 1.29
N GLY D 63 -25.87 7.74 2.09
CA GLY D 63 -24.75 6.96 1.59
C GLY D 63 -24.52 5.62 2.28
N HIS D 64 -25.03 5.47 3.50
CA HIS D 64 -24.88 4.22 4.25
C HIS D 64 -23.51 3.58 3.96
N ALA D 65 -23.48 2.24 3.93
CA ALA D 65 -22.26 1.48 3.61
C ALA D 65 -21.05 1.63 4.53
N ARG D 66 -20.56 0.50 5.03
CA ARG D 66 -19.37 0.45 5.89
C ARG D 66 -18.14 0.83 5.08
N ASP D 67 -18.15 0.46 3.81
CA ASP D 67 -17.05 0.79 2.91
C ASP D 67 -17.11 2.28 2.57
N ARG D 68 -18.30 2.86 2.69
CA ARG D 68 -18.52 4.28 2.40
C ARG D 68 -17.81 5.19 3.39
N ASP D 69 -17.89 4.84 4.67
CA ASP D 69 -17.24 5.65 5.69
C ASP D 69 -15.71 5.66 5.54
N HIS D 70 -15.12 4.64 4.91
CA HIS D 70 -13.68 4.64 4.72
C HIS D 70 -13.30 5.61 3.61
N ILE D 71 -14.16 5.78 2.62
CA ILE D 71 -13.81 6.69 1.56
C ILE D 71 -14.08 8.09 2.06
N LEU D 72 -15.18 8.24 2.79
CA LEU D 72 -15.52 9.53 3.36
C LEU D 72 -14.39 10.04 4.26
N ALA D 73 -13.85 9.15 5.10
CA ALA D 73 -12.75 9.47 6.00
C ALA D 73 -11.56 9.93 5.16
N LEU D 74 -11.05 9.04 4.33
CA LEU D 74 -9.93 9.37 3.46
C LEU D 74 -10.02 10.78 2.91
N PHE D 75 -11.23 11.29 2.76
CA PHE D 75 -11.41 12.63 2.22
C PHE D 75 -11.32 13.68 3.32
N LEU D 76 -12.04 13.41 4.41
CA LEU D 76 -12.09 14.34 5.54
C LEU D 76 -10.77 14.38 6.31
N ALA D 77 -10.23 13.21 6.64
CA ALA D 77 -9.00 13.14 7.39
C ALA D 77 -7.74 13.56 6.64
N ARG D 78 -7.64 13.25 5.36
CA ARG D 78 -6.42 13.61 4.64
C ARG D 78 -6.48 14.93 3.91
N ASP D 79 -5.48 15.17 3.10
CA ASP D 79 -5.37 16.41 2.36
C ASP D 79 -4.49 16.10 1.14
N GLY D 80 -4.63 16.91 0.09
CA GLY D 80 -3.84 16.71 -1.11
C GLY D 80 -4.37 15.61 -1.99
N ASN D 81 -3.58 15.21 -2.99
CA ASN D 81 -3.95 14.15 -3.93
C ASN D 81 -4.80 13.02 -3.37
N ILE D 82 -4.17 12.18 -2.57
CA ILE D 82 -4.86 11.03 -2.02
C ILE D 82 -6.21 11.35 -1.35
N SER D 83 -6.54 12.63 -1.18
CA SER D 83 -7.81 12.96 -0.55
C SER D 83 -8.81 13.24 -1.67
N GLU D 84 -8.32 13.23 -2.89
CA GLU D 84 -9.21 13.49 -4.01
C GLU D 84 -10.06 12.25 -4.36
N VAL D 85 -10.90 11.88 -3.40
CA VAL D 85 -11.80 10.77 -3.55
C VAL D 85 -12.72 11.22 -4.69
N ASP D 86 -13.10 10.29 -5.57
CA ASP D 86 -13.97 10.63 -6.70
C ASP D 86 -15.47 10.48 -6.37
N PHE D 87 -16.01 11.48 -5.70
CA PHE D 87 -17.41 11.49 -5.30
C PHE D 87 -18.41 11.44 -6.46
N GLU D 88 -18.01 11.92 -7.62
CA GLU D 88 -18.94 11.92 -8.76
C GLU D 88 -19.45 10.53 -9.07
N SER D 89 -18.59 9.53 -8.88
CA SER D 89 -18.99 8.17 -9.11
C SER D 89 -20.23 7.82 -8.29
N TRP D 90 -20.45 8.53 -7.19
CA TRP D 90 -21.62 8.30 -6.36
C TRP D 90 -22.70 9.28 -6.78
N GLU D 91 -22.36 10.11 -7.76
CA GLU D 91 -23.28 11.12 -8.27
C GLU D 91 -23.75 11.96 -7.07
N LEU D 92 -22.79 12.36 -6.25
CA LEU D 92 -23.05 13.16 -5.06
C LEU D 92 -23.35 14.58 -5.47
N ASN D 93 -24.35 15.18 -4.85
CA ASN D 93 -24.71 16.55 -5.18
C ASN D 93 -24.44 17.48 -3.99
N TYR D 94 -24.64 16.97 -2.78
CA TYR D 94 -24.44 17.78 -1.58
C TYR D 94 -23.76 17.02 -0.46
N PHE D 95 -22.80 17.70 0.17
CA PHE D 95 -22.03 17.16 1.29
C PHE D 95 -22.36 17.99 2.52
N LEU D 96 -22.80 17.33 3.58
CA LEU D 96 -23.13 18.00 4.84
C LEU D 96 -21.99 17.81 5.83
N VAL D 97 -21.32 18.91 6.18
CA VAL D 97 -20.21 18.89 7.12
C VAL D 97 -20.74 19.29 8.49
N TYR D 98 -20.55 18.43 9.48
CA TYR D 98 -21.03 18.69 10.84
C TYR D 98 -19.82 19.01 11.73
N LEU D 99 -19.73 20.27 12.18
CA LEU D 99 -18.61 20.71 13.00
C LEU D 99 -18.31 19.79 14.18
N ASN D 100 -19.33 19.46 14.95
CA ASN D 100 -19.15 18.60 16.10
C ASN D 100 -18.52 17.24 15.83
N ASP D 101 -18.26 16.92 14.56
CA ASP D 101 -17.67 15.63 14.26
C ASP D 101 -16.23 15.58 14.71
N TRP D 102 -15.71 16.72 15.19
CA TRP D 102 -14.34 16.80 15.66
C TRP D 102 -14.15 15.88 16.85
N ALA D 103 -15.25 15.60 17.54
CA ALA D 103 -15.22 14.73 18.70
C ALA D 103 -15.01 13.28 18.26
N LYS D 104 -15.19 13.00 16.97
CA LYS D 104 -15.04 11.64 16.46
C LYS D 104 -13.89 11.56 15.48
N PHE D 105 -13.29 12.70 15.17
CA PHE D 105 -12.19 12.74 14.21
C PHE D 105 -11.06 11.73 14.47
N ASN D 106 -10.98 11.23 15.69
CA ASN D 106 -9.95 10.27 15.97
C ASN D 106 -10.24 8.99 15.20
N ALA D 107 -11.54 8.69 15.05
CA ALA D 107 -12.02 7.52 14.29
C ALA D 107 -11.93 7.87 12.79
N ILE D 108 -12.40 9.05 12.45
CA ILE D 108 -12.34 9.50 11.07
C ILE D 108 -10.89 9.40 10.60
N SER D 109 -9.96 9.87 11.43
CA SER D 109 -8.54 9.86 11.11
C SER D 109 -7.96 8.47 10.93
N TYR D 110 -8.42 7.56 11.77
CA TYR D 110 -7.93 6.19 11.70
C TYR D 110 -8.53 5.47 10.48
N LEU D 111 -9.84 5.64 10.27
CA LEU D 111 -10.52 5.02 9.14
C LEU D 111 -9.98 5.57 7.82
N GLY D 112 -9.61 6.85 7.82
CA GLY D 112 -9.07 7.49 6.64
C GLY D 112 -7.60 7.20 6.41
N GLY D 113 -7.03 6.33 7.23
CA GLY D 113 -5.63 5.96 7.11
C GLY D 113 -4.61 7.06 7.43
N ALA D 114 -5.00 8.03 8.27
CA ALA D 114 -4.11 9.12 8.63
C ALA D 114 -3.30 8.84 9.91
N ILE D 115 -3.82 8.00 10.79
CA ILE D 115 -3.11 7.72 12.02
C ILE D 115 -3.07 6.23 12.27
N THR D 116 -2.13 5.80 13.09
CA THR D 116 -2.02 4.38 13.37
C THR D 116 -3.03 3.98 14.42
N ARG D 117 -3.12 2.70 14.70
CA ARG D 117 -4.09 2.22 15.67
C ARG D 117 -3.75 2.71 17.09
N ARG D 118 -2.47 2.80 17.36
CA ARG D 118 -1.99 3.27 18.65
C ARG D 118 -2.40 4.73 18.84
N GLU D 119 -2.10 5.56 17.86
CA GLU D 119 -2.45 6.97 17.91
C GLU D 119 -3.95 7.18 17.97
N TYR D 120 -4.69 6.12 17.64
CA TYR D 120 -6.15 6.18 17.63
C TYR D 120 -6.75 5.94 19.02
N ASN D 121 -6.25 4.93 19.73
CA ASN D 121 -6.77 4.68 21.07
C ASN D 121 -5.80 3.98 22.01
N GLY D 122 -4.51 4.03 21.67
CA GLY D 122 -3.47 3.45 22.50
C GLY D 122 -3.17 1.97 22.43
N ASP D 123 -1.89 1.62 22.60
CA ASP D 123 -1.43 0.24 22.57
C ASP D 123 -1.89 -0.54 23.78
N GLU D 124 -1.48 -1.80 23.87
CA GLU D 124 -1.89 -2.69 24.96
C GLU D 124 -1.55 -2.26 26.37
N SER D 125 -0.94 -1.10 26.51
CA SER D 125 -0.57 -0.60 27.83
C SER D 125 -1.14 0.80 28.06
N GLY D 126 -2.24 1.08 27.36
CA GLY D 126 -2.90 2.36 27.50
C GLY D 126 -2.18 3.60 27.01
N ARG D 127 -0.94 3.48 26.53
CA ARG D 127 -0.27 4.68 26.07
C ARG D 127 -0.19 4.78 24.58
N GLY D 128 0.01 5.99 24.08
CA GLY D 128 0.12 6.21 22.66
C GLY D 128 -1.04 6.99 22.10
N ALA D 129 -2.24 6.72 22.60
CA ALA D 129 -3.45 7.40 22.15
C ALA D 129 -3.17 8.88 21.94
N VAL D 130 -3.91 9.50 21.04
CA VAL D 130 -3.70 10.90 20.72
C VAL D 130 -5.03 11.60 20.64
N THR D 131 -5.03 12.93 20.53
CA THR D 131 -6.25 13.66 20.38
C THR D 131 -6.00 14.53 19.14
N THR D 132 -6.56 14.06 18.03
CA THR D 132 -6.39 14.66 16.72
C THR D 132 -6.94 16.05 16.47
N LEU D 133 -8.12 16.34 16.99
CA LEU D 133 -8.66 17.67 16.77
C LEU D 133 -9.31 18.22 18.00
N LEU D 134 -8.94 19.46 18.30
CA LEU D 134 -9.46 20.16 19.45
C LEU D 134 -9.81 21.57 18.97
N PRO D 135 -11.09 21.92 19.00
CA PRO D 135 -11.44 23.27 18.55
C PRO D 135 -11.32 24.23 19.72
N LEU D 136 -10.91 25.45 19.44
CA LEU D 136 -10.72 26.42 20.51
C LEU D 136 -11.46 27.69 20.18
N PRO D 137 -12.64 27.84 20.75
CA PRO D 137 -13.47 29.02 20.54
C PRO D 137 -12.80 30.29 21.08
N ARG D 138 -13.08 31.42 20.48
CA ARG D 138 -12.49 32.67 20.95
C ARG D 138 -13.09 32.94 22.32
N TYR D 139 -12.32 33.58 23.20
CA TYR D 139 -12.78 33.90 24.55
C TYR D 139 -12.09 35.21 24.93
N GLY D 140 -12.38 36.25 24.15
CA GLY D 140 -11.79 37.55 24.38
C GLY D 140 -10.27 37.49 24.42
N GLU D 141 -9.63 37.75 23.29
CA GLU D 141 -8.18 37.73 23.23
C GLU D 141 -7.58 36.34 23.50
N LYS D 142 -8.41 35.44 24.02
CA LYS D 142 -7.96 34.09 24.30
C LYS D 142 -8.74 33.07 23.47
N TYR D 143 -8.19 31.86 23.41
CA TYR D 143 -8.82 30.75 22.71
C TYR D 143 -8.77 29.61 23.71
N VAL D 144 -9.92 29.17 24.16
CA VAL D 144 -9.99 28.10 25.15
C VAL D 144 -11.05 27.04 24.91
N ASN D 145 -10.72 25.80 25.27
CA ASN D 145 -11.62 24.68 25.16
C ASN D 145 -11.75 24.10 26.57
N LEU D 146 -12.73 24.61 27.29
CA LEU D 146 -13.02 24.23 28.67
C LEU D 146 -12.87 22.76 29.02
N TYR D 147 -13.29 21.90 28.10
CA TYR D 147 -13.27 20.47 28.34
C TYR D 147 -11.88 19.84 28.30
N ALA D 148 -11.00 20.37 27.48
CA ALA D 148 -9.65 19.83 27.39
C ALA D 148 -8.63 20.62 28.22
N LYS D 149 -9.12 21.61 28.99
CA LYS D 149 -8.25 22.41 29.82
C LYS D 149 -7.17 23.06 28.94
N VAL D 150 -7.56 23.54 27.78
CA VAL D 150 -6.60 24.16 26.88
C VAL D 150 -6.84 25.64 26.72
N ILE D 151 -5.76 26.43 26.84
CA ILE D 151 -5.85 27.87 26.67
C ILE D 151 -4.74 28.35 25.77
N VAL D 152 -5.10 29.14 24.77
CA VAL D 152 -4.10 29.67 23.86
C VAL D 152 -4.14 31.14 24.12
N ASP D 153 -2.97 31.72 24.36
CA ASP D 153 -2.85 33.13 24.69
C ASP D 153 -1.91 33.91 23.78
N VAL D 154 -2.20 35.20 23.59
CA VAL D 154 -1.36 36.05 22.76
C VAL D 154 -1.16 37.46 23.32
N SER D 155 0.03 38.01 23.09
CA SER D 155 0.36 39.37 23.56
C SER D 155 1.26 40.13 22.56
N ASN D 156 2.58 40.05 22.77
CA ASN D 156 3.51 40.73 21.87
C ASN D 156 3.81 39.80 20.70
N SER D 157 2.76 39.46 19.96
CA SER D 157 2.88 38.56 18.82
C SER D 157 3.38 37.17 19.27
N SER D 158 3.38 36.96 20.58
CA SER D 158 3.79 35.69 21.18
C SER D 158 2.56 34.86 21.55
N VAL D 159 2.65 33.55 21.31
CA VAL D 159 1.56 32.61 21.56
C VAL D 159 1.88 31.62 22.66
N LYS D 160 1.09 31.65 23.73
CA LYS D 160 1.29 30.76 24.86
C LYS D 160 0.18 29.71 24.94
N VAL D 161 0.54 28.45 24.76
CA VAL D 161 -0.44 27.38 24.82
C VAL D 161 -0.33 26.56 26.11
N THR D 162 -1.41 26.51 26.87
CA THR D 162 -1.41 25.73 28.08
C THR D 162 -2.41 24.58 28.02
N VAL D 163 -1.88 23.36 28.14
CA VAL D 163 -2.71 22.16 28.11
C VAL D 163 -2.72 21.56 29.51
N GLY D 164 -3.82 21.73 30.22
CA GLY D 164 -3.90 21.22 31.57
C GLY D 164 -3.03 22.08 32.46
N ASP D 165 -2.08 21.46 33.15
CA ASP D 165 -1.16 22.17 34.04
C ASP D 165 0.22 22.19 33.36
N ARG D 166 0.19 22.25 32.04
CA ARG D 166 1.41 22.24 31.25
C ARG D 166 1.44 23.45 30.36
N GLU D 167 2.58 23.66 29.74
CA GLU D 167 2.81 24.75 28.83
C GLU D 167 3.46 24.05 27.66
N CYS D 168 2.75 24.06 26.52
CA CYS D 168 3.23 23.38 25.33
C CYS D 168 3.49 24.30 24.17
N ASP D 169 4.54 23.96 23.44
CA ASP D 169 4.95 24.72 22.28
C ASP D 169 4.66 23.89 21.03
N PRO D 170 3.61 24.27 20.28
CA PRO D 170 3.24 23.55 19.06
C PRO D 170 4.36 23.56 18.05
N LEU D 171 4.41 22.52 17.22
CA LEU D 171 5.42 22.39 16.16
C LEU D 171 5.26 23.59 15.27
N MSE D 172 4.07 24.16 15.27
CA MSE D 172 3.83 25.31 14.44
C MSE D 172 2.52 25.96 14.78
O MSE D 172 1.59 25.31 15.25
CB MSE D 172 3.85 24.88 12.99
CG MSE D 172 3.63 26.00 11.99
SE MSE D 172 4.30 25.44 10.27
CE MSE D 172 3.38 23.72 10.13
N VAL D 173 2.46 27.26 14.56
CA VAL D 173 1.24 28.01 14.78
C VAL D 173 1.01 28.73 13.48
N THR D 174 -0.23 28.76 13.04
CA THR D 174 -0.58 29.39 11.78
C THR D 174 -1.63 30.48 12.04
N PHE D 175 -1.61 31.53 11.23
CA PHE D 175 -2.56 32.63 11.36
C PHE D 175 -3.37 32.84 10.10
N THR D 176 -4.67 33.10 10.27
CA THR D 176 -5.57 33.34 9.15
C THR D 176 -6.42 34.55 9.52
N PRO D 177 -6.52 35.54 8.63
CA PRO D 177 -5.97 35.78 7.30
C PRO D 177 -4.46 36.00 7.22
N SER D 178 -3.90 36.57 8.28
CA SER D 178 -2.46 36.86 8.34
C SER D 178 -1.55 35.96 7.50
N GLY D 179 -1.68 34.65 7.62
CA GLY D 179 -0.81 33.76 6.85
C GLY D 179 0.52 33.52 7.54
N LYS D 180 0.81 34.30 8.59
CA LYS D 180 2.06 34.15 9.33
C LYS D 180 2.13 32.80 10.03
N THR D 181 3.34 32.31 10.25
CA THR D 181 3.54 31.00 10.90
C THR D 181 4.79 30.98 11.79
N ILE D 182 4.63 30.51 13.01
CA ILE D 182 5.73 30.47 13.98
C ILE D 182 6.19 29.06 14.28
N LYS D 183 7.38 28.68 13.83
CA LYS D 183 7.85 27.34 14.11
C LYS D 183 8.03 27.17 15.62
N GLY D 184 7.67 26.00 16.11
CA GLY D 184 7.80 25.71 17.53
C GLY D 184 8.64 24.47 17.71
N THR D 185 8.61 23.88 18.88
CA THR D 185 9.44 22.71 19.16
C THR D 185 8.67 21.40 19.38
N GLY D 186 7.36 21.48 19.48
CA GLY D 186 6.62 20.25 19.69
C GLY D 186 6.93 19.55 20.99
N THR D 187 7.07 20.34 22.05
CA THR D 187 7.38 19.80 23.38
C THR D 187 6.56 20.53 24.41
N CYS D 188 6.44 19.94 25.60
CA CYS D 188 5.73 20.63 26.68
C CYS D 188 6.70 20.86 27.84
N SER D 189 6.30 21.72 28.77
CA SER D 189 7.15 22.00 29.92
C SER D 189 7.55 20.71 30.63
N ASP D 190 6.65 19.75 30.69
CA ASP D 190 6.96 18.49 31.34
C ASP D 190 7.83 17.57 30.47
N GLY D 191 8.55 18.17 29.52
CA GLY D 191 9.46 17.40 28.68
C GLY D 191 9.02 16.39 27.63
N ASN D 192 7.84 15.79 27.76
CA ASN D 192 7.46 14.85 26.72
C ASN D 192 7.16 15.64 25.45
N ALA D 193 6.90 14.92 24.36
CA ALA D 193 6.62 15.58 23.08
C ALA D 193 5.20 16.12 22.96
N PHE D 194 5.05 17.09 22.07
CA PHE D 194 3.77 17.75 21.80
C PHE D 194 3.73 17.94 20.27
N PRO D 195 3.55 16.83 19.52
CA PRO D 195 3.50 16.87 18.06
C PRO D 195 2.18 17.46 17.57
N TYR D 196 1.96 18.74 17.87
CA TYR D 196 0.72 19.38 17.49
C TYR D 196 0.89 20.65 16.71
N VAL D 197 -0.17 20.98 15.99
CA VAL D 197 -0.19 22.18 15.19
C VAL D 197 -1.35 23.00 15.66
N LEU D 198 -1.16 24.31 15.69
CA LEU D 198 -2.20 25.22 16.13
C LEU D 198 -2.52 26.18 15.01
N HIS D 199 -3.81 26.30 14.67
CA HIS D 199 -4.28 27.20 13.62
C HIS D 199 -5.21 28.21 14.29
N LEU D 200 -4.90 29.49 14.13
CA LEU D 200 -5.72 30.51 14.74
C LEU D 200 -6.43 31.35 13.72
N THR D 201 -7.74 31.42 13.92
CA THR D 201 -8.66 32.15 13.06
C THR D 201 -9.34 33.15 13.98
N PRO D 202 -9.56 34.39 13.49
CA PRO D 202 -10.20 35.41 14.31
C PRO D 202 -11.38 34.98 15.17
N THR D 203 -12.00 33.84 14.88
CA THR D 203 -13.13 33.44 15.71
C THR D 203 -12.96 32.07 16.32
N ILE D 204 -11.97 31.33 15.85
CA ILE D 204 -11.76 30.02 16.40
C ILE D 204 -10.36 29.54 16.11
N GLY D 205 -9.89 28.65 16.96
CA GLY D 205 -8.56 28.10 16.78
C GLY D 205 -8.73 26.61 16.81
N VAL D 206 -7.79 25.89 16.22
CA VAL D 206 -7.90 24.45 16.20
C VAL D 206 -6.53 23.84 16.45
N LEU D 207 -6.47 22.95 17.44
CA LEU D 207 -5.23 22.29 17.78
C LEU D 207 -5.34 20.92 17.18
N ALA D 208 -4.49 20.66 16.19
CA ALA D 208 -4.49 19.37 15.48
C ALA D 208 -3.20 18.56 15.60
N TYR D 209 -3.35 17.24 15.68
CA TYR D 209 -2.21 16.34 15.73
C TYR D 209 -1.55 16.54 14.37
N TYR D 210 -0.23 16.57 14.32
CA TYR D 210 0.45 16.88 13.06
C TYR D 210 0.05 16.09 11.82
N LYS D 211 -0.22 14.79 11.98
CA LYS D 211 -0.61 13.93 10.87
C LYS D 211 -1.95 14.29 10.23
N VAL D 212 -2.75 15.13 10.88
CA VAL D 212 -4.01 15.56 10.28
C VAL D 212 -4.03 17.08 10.32
N ALA D 213 -2.83 17.65 10.22
CA ALA D 213 -2.64 19.09 10.31
C ALA D 213 -3.40 19.88 9.29
N THR D 214 -3.36 19.39 8.05
CA THR D 214 -4.03 20.02 6.93
C THR D 214 -5.30 19.27 6.53
N ALA D 215 -5.85 18.47 7.45
CA ALA D 215 -7.06 17.70 7.17
C ALA D 215 -8.13 18.56 6.46
N ASN D 216 -8.73 18.00 5.41
CA ASN D 216 -9.77 18.73 4.67
C ASN D 216 -10.92 19.09 5.59
N PHE D 217 -11.16 18.26 6.58
CA PHE D 217 -12.25 18.56 7.48
C PHE D 217 -12.05 19.95 8.10
N ILE D 218 -10.80 20.27 8.46
CA ILE D 218 -10.48 21.56 9.05
C ILE D 218 -10.86 22.63 8.04
N LYS D 219 -10.47 22.41 6.79
CA LYS D 219 -10.78 23.36 5.73
C LYS D 219 -12.27 23.62 5.61
N LEU D 220 -13.08 22.58 5.65
CA LEU D 220 -14.53 22.73 5.50
C LEU D 220 -15.28 23.14 6.76
N ALA D 221 -14.83 22.70 7.90
CA ALA D 221 -15.54 23.03 9.14
C ALA D 221 -15.08 24.31 9.84
N PHE D 222 -13.80 24.64 9.73
CA PHE D 222 -13.29 25.79 10.44
C PHE D 222 -12.74 26.98 9.66
N GLY D 223 -12.70 26.87 8.34
CA GLY D 223 -12.21 28.00 7.57
C GLY D 223 -10.70 28.11 7.51
N VAL D 224 -10.00 27.08 7.99
CA VAL D 224 -8.56 27.10 7.95
C VAL D 224 -8.10 26.35 6.72
N PRO D 225 -7.60 27.06 5.70
CA PRO D 225 -7.13 26.39 4.49
C PRO D 225 -5.86 25.60 4.79
N ALA D 226 -4.75 26.05 4.20
CA ALA D 226 -3.46 25.42 4.44
C ALA D 226 -3.36 23.96 4.01
N SER D 227 -2.65 23.74 2.91
CA SER D 227 -2.44 22.41 2.37
C SER D 227 -0.98 22.23 1.97
N THR D 228 -0.48 21.02 2.17
CA THR D 228 0.90 20.70 1.82
C THR D 228 1.12 20.91 0.32
N ILE D 229 0.04 21.01 -0.45
CA ILE D 229 0.13 21.22 -1.89
C ILE D 229 -0.42 22.58 -2.30
N PRO D 230 0.44 23.44 -2.86
CA PRO D 230 0.05 24.78 -3.31
C PRO D 230 -1.09 24.80 -4.33
N GLY D 231 -2.10 25.63 -4.07
CA GLY D 231 -3.22 25.72 -4.99
C GLY D 231 -4.42 24.91 -4.54
N PHE D 232 -4.17 23.68 -4.10
CA PHE D 232 -5.20 22.76 -3.64
C PHE D 232 -6.38 23.40 -2.88
N SER D 233 -6.08 24.10 -1.79
CA SER D 233 -7.13 24.71 -0.98
C SER D 233 -8.09 25.55 -1.76
N ASP D 234 -7.54 26.38 -2.63
CA ASP D 234 -8.34 27.28 -3.45
C ASP D 234 -9.20 26.53 -4.42
N LYS D 235 -8.65 25.44 -4.94
CA LYS D 235 -9.38 24.60 -5.88
C LYS D 235 -10.52 23.90 -5.16
N LEU D 236 -10.20 23.29 -4.03
CA LEU D 236 -11.19 22.57 -3.25
C LEU D 236 -12.49 23.31 -3.00
N PHE D 237 -12.44 24.64 -2.88
CA PHE D 237 -13.69 25.36 -2.61
C PHE D 237 -14.53 25.68 -3.82
N SER D 238 -14.00 25.36 -5.00
CA SER D 238 -14.70 25.56 -6.25
C SER D 238 -15.38 24.22 -6.57
N ASN D 239 -15.07 23.22 -5.75
CA ASN D 239 -15.66 21.89 -5.89
C ASN D 239 -16.67 21.67 -4.78
N PHE D 240 -16.54 22.44 -3.70
CA PHE D 240 -17.46 22.35 -2.59
C PHE D 240 -17.95 23.75 -2.22
N GLU D 241 -19.06 24.16 -2.83
CA GLU D 241 -19.62 25.48 -2.57
C GLU D 241 -20.56 25.47 -1.36
N PRO D 242 -20.30 26.35 -0.38
CA PRO D 242 -21.18 26.40 0.79
C PRO D 242 -22.44 27.12 0.33
N VAL D 243 -23.58 26.43 0.39
CA VAL D 243 -24.83 27.03 -0.05
C VAL D 243 -25.75 27.38 1.11
N TYR D 244 -25.63 26.63 2.20
CA TYR D 244 -26.45 26.92 3.36
C TYR D 244 -25.68 26.61 4.64
N GLU D 245 -25.98 27.39 5.66
CA GLU D 245 -25.33 27.27 6.96
C GLU D 245 -26.40 27.28 8.06
N SER D 246 -26.29 26.40 9.04
CA SER D 246 -27.26 26.44 10.13
C SER D 246 -26.57 26.34 11.48
N GLY D 247 -26.86 25.29 12.23
CA GLY D 247 -26.22 25.16 13.53
C GLY D 247 -24.74 24.93 13.34
N ASN D 248 -24.35 23.68 13.50
CA ASN D 248 -22.96 23.28 13.33
C ASN D 248 -22.88 22.48 12.06
N VAL D 249 -23.92 22.65 11.23
CA VAL D 249 -24.00 21.95 9.97
C VAL D 249 -23.82 22.95 8.85
N ILE D 250 -22.98 22.60 7.89
CA ILE D 250 -22.74 23.46 6.74
C ILE D 250 -22.97 22.57 5.52
N VAL D 251 -23.95 22.90 4.70
CA VAL D 251 -24.20 22.10 3.52
C VAL D 251 -23.46 22.63 2.30
N TYR D 252 -22.61 21.79 1.74
CA TYR D 252 -21.84 22.17 0.56
C TYR D 252 -22.43 21.53 -0.68
N ARG D 253 -22.38 22.26 -1.78
CA ARG D 253 -22.86 21.79 -3.06
C ARG D 253 -21.64 21.21 -3.75
N PHE D 254 -21.63 19.91 -4.05
CA PHE D 254 -20.48 19.31 -4.70
C PHE D 254 -20.51 19.35 -6.23
N THR D 255 -19.32 19.46 -6.84
CA THR D 255 -19.15 19.49 -8.29
C THR D 255 -17.73 19.02 -8.62
N PRO D 256 -17.60 17.92 -9.35
CA PRO D 256 -16.26 17.43 -9.68
C PRO D 256 -15.50 18.38 -10.56
N PHE D 257 -16.18 19.40 -11.08
CA PHE D 257 -15.50 20.37 -11.92
C PHE D 257 -15.94 21.78 -11.58
N GLY D 258 -14.96 22.63 -11.28
CA GLY D 258 -15.28 23.99 -10.94
C GLY D 258 -14.19 24.93 -11.34
N ILE D 259 -14.49 26.22 -11.28
CA ILE D 259 -13.50 27.22 -11.59
C ILE D 259 -13.19 27.95 -10.30
N TYR D 260 -11.90 27.99 -9.97
CA TYR D 260 -11.46 28.64 -8.74
C TYR D 260 -10.81 30.00 -8.99
N LYS D 261 -10.53 30.32 -10.26
CA LYS D 261 -9.91 31.59 -10.61
C LYS D 261 -10.17 32.02 -12.05
N ILE D 262 -10.65 33.24 -12.22
CA ILE D 262 -10.90 33.78 -13.54
C ILE D 262 -10.15 35.10 -13.68
N GLU D 263 -9.22 35.14 -14.61
CA GLU D 263 -8.44 36.33 -14.87
C GLU D 263 -8.89 36.88 -16.21
N GLU D 264 -8.95 38.20 -16.34
CA GLU D 264 -9.36 38.80 -17.60
C GLU D 264 -8.18 39.51 -18.24
N ASN D 265 -8.29 39.76 -19.54
CA ASN D 265 -7.22 40.43 -20.29
C ASN D 265 -7.32 41.96 -20.25
N ILE D 266 -6.48 42.56 -19.39
CA ILE D 266 -6.41 44.01 -19.26
C ILE D 266 -5.22 44.37 -20.18
N ASN D 267 -5.16 43.64 -21.29
CA ASN D 267 -4.13 43.78 -22.32
C ASN D 267 -2.70 43.64 -21.79
N GLY D 268 -2.14 42.43 -21.92
CA GLY D 268 -0.80 42.18 -21.44
C GLY D 268 -0.77 42.25 -19.93
N THR D 269 -1.96 42.21 -19.33
CA THR D 269 -2.12 42.26 -17.89
C THR D 269 -3.33 41.44 -17.49
N TRP D 270 -3.09 40.27 -16.92
CA TRP D 270 -4.18 39.42 -16.48
C TRP D 270 -4.53 39.78 -15.07
N LYS D 271 -5.70 40.39 -14.87
CA LYS D 271 -6.15 40.76 -13.54
C LYS D 271 -7.26 39.78 -13.17
N GLN D 272 -7.32 39.42 -11.89
CA GLN D 272 -8.33 38.47 -11.43
C GLN D 272 -9.68 39.14 -11.26
N VAL D 273 -10.62 38.84 -12.16
CA VAL D 273 -11.95 39.42 -12.09
C VAL D 273 -12.88 38.54 -11.30
N TYR D 274 -13.97 39.11 -10.81
CA TYR D 274 -14.95 38.39 -10.01
C TYR D 274 -16.38 38.40 -10.56
N ASN D 275 -16.60 39.01 -11.72
CA ASN D 275 -17.96 39.04 -12.26
C ASN D 275 -18.21 39.20 -13.78
N LEU D 276 -17.30 39.85 -14.50
CA LEU D 276 -17.52 40.00 -15.94
C LEU D 276 -18.73 40.85 -16.27
N THR D 277 -18.51 41.87 -17.08
CA THR D 277 -19.57 42.78 -17.51
C THR D 277 -20.01 42.32 -18.90
N PRO D 278 -21.24 42.67 -19.31
CA PRO D 278 -21.70 42.26 -20.65
C PRO D 278 -20.70 42.67 -21.72
N GLY D 279 -20.83 42.10 -22.91
CA GLY D 279 -19.92 42.47 -23.97
C GLY D 279 -19.10 41.33 -24.56
N LYS D 280 -17.78 41.38 -24.36
CA LYS D 280 -16.91 40.34 -24.88
C LYS D 280 -15.48 40.53 -24.34
N HIS D 281 -14.86 39.45 -23.88
CA HIS D 281 -13.52 39.54 -23.32
C HIS D 281 -12.61 38.37 -23.72
N GLU D 282 -11.37 38.46 -23.26
CA GLU D 282 -10.37 37.41 -23.47
C GLU D 282 -10.10 36.95 -22.05
N LEU D 283 -10.59 35.75 -21.73
CA LEU D 283 -10.45 35.18 -20.39
C LEU D 283 -9.54 33.97 -20.27
N LYS D 284 -9.09 33.74 -19.03
CA LYS D 284 -8.24 32.60 -18.68
C LYS D 284 -9.00 31.91 -17.55
N LEU D 285 -9.40 30.66 -17.80
CA LEU D 285 -10.17 29.91 -16.82
C LEU D 285 -9.32 28.86 -16.09
N TYR D 286 -9.37 28.90 -14.77
CA TYR D 286 -8.63 27.96 -13.94
C TYR D 286 -9.61 26.96 -13.35
N ILE D 287 -9.70 25.79 -13.98
CA ILE D 287 -10.63 24.77 -13.50
C ILE D 287 -10.00 23.78 -12.55
N SER D 288 -10.84 23.26 -11.65
CA SER D 288 -10.46 22.30 -10.63
C SER D 288 -11.20 20.98 -10.84
N ALA D 289 -10.42 19.94 -11.17
CA ALA D 289 -10.98 18.63 -11.38
C ALA D 289 -10.82 17.83 -10.10
N PHE D 290 -11.92 17.63 -9.38
CA PHE D 290 -11.85 16.92 -8.12
C PHE D 290 -12.28 15.47 -8.12
N GLY D 291 -11.32 14.56 -8.19
CA GLY D 291 -11.68 13.17 -8.14
C GLY D 291 -11.58 12.42 -9.43
N ARG D 292 -11.95 13.06 -10.54
CA ARG D 292 -11.89 12.41 -11.83
C ARG D 292 -11.46 13.35 -12.95
N ASP D 293 -10.97 12.78 -14.04
CA ASP D 293 -10.52 13.53 -15.22
C ASP D 293 -11.68 14.10 -16.01
N ILE D 294 -11.34 15.01 -16.91
CA ILE D 294 -12.32 15.60 -17.82
C ILE D 294 -12.13 14.78 -19.11
N GLU D 295 -13.24 14.30 -19.69
CA GLU D 295 -13.18 13.49 -20.92
C GLU D 295 -14.17 13.92 -21.98
N ASN D 296 -13.65 14.35 -23.13
CA ASN D 296 -14.49 14.76 -24.26
C ASN D 296 -15.58 15.68 -23.78
N ALA D 297 -15.20 16.78 -23.17
CA ALA D 297 -16.19 17.70 -22.68
C ALA D 297 -16.27 18.93 -23.56
N THR D 298 -17.22 19.79 -23.22
CA THR D 298 -17.46 21.05 -23.90
C THR D 298 -18.05 21.94 -22.83
N LEU D 299 -17.57 23.16 -22.73
CA LEU D 299 -18.08 24.07 -21.72
C LEU D 299 -18.68 25.32 -22.34
N TYR D 300 -19.89 25.64 -21.91
CA TYR D 300 -20.58 26.80 -22.43
C TYR D 300 -20.78 27.79 -21.29
N ILE D 301 -21.39 28.92 -21.61
CA ILE D 301 -21.70 29.94 -20.62
C ILE D 301 -23.20 30.14 -20.74
N TYR D 302 -23.88 30.29 -19.61
CA TYR D 302 -25.33 30.47 -19.62
C TYR D 302 -25.72 31.82 -19.04
N ALA D 303 -26.02 32.79 -19.89
CA ALA D 303 -26.42 34.11 -19.41
C ALA D 303 -27.77 33.93 -18.71
N ILE D 304 -27.79 34.16 -17.40
CA ILE D 304 -29.02 34.01 -16.63
C ILE D 304 -29.69 35.36 -16.45
N ASN D 305 -30.97 35.44 -16.80
CA ASN D 305 -31.67 36.70 -16.66
C ASN D 305 -32.40 36.81 -15.32
N ASN D 306 -32.97 35.70 -14.88
CA ASN D 306 -33.72 35.66 -13.61
C ASN D 306 -34.10 34.20 -13.35
N GLU D 307 -33.13 33.32 -13.57
CA GLU D 307 -33.28 31.88 -13.42
C GLU D 307 -33.85 31.31 -14.72
N LYS D 308 -33.59 32.02 -15.81
CA LYS D 308 -34.04 31.58 -17.13
C LYS D 308 -32.88 31.64 -18.10
N ILE D 309 -32.55 30.49 -18.69
CA ILE D 309 -31.44 30.39 -19.64
C ILE D 309 -31.63 31.13 -20.96
N ILE D 310 -31.04 32.33 -21.03
CA ILE D 310 -31.12 33.16 -22.23
C ILE D 310 -29.79 33.10 -22.97
N GLU D 311 -29.71 32.27 -24.00
CA GLU D 311 -28.49 32.12 -24.79
C GLU D 311 -27.39 31.31 -24.03
N LYS D 312 -26.82 30.34 -24.72
CA LYS D 312 -25.76 29.51 -24.15
C LYS D 312 -24.69 29.28 -25.21
N ILE D 313 -23.60 30.04 -25.10
CA ILE D 313 -22.50 29.99 -26.04
C ILE D 313 -21.35 29.01 -25.71
N LYS D 314 -21.09 28.10 -26.66
CA LYS D 314 -20.06 27.09 -26.55
C LYS D 314 -18.65 27.69 -26.58
N ILE D 315 -18.17 28.13 -25.43
CA ILE D 315 -16.85 28.77 -25.31
C ILE D 315 -15.61 27.88 -25.40
N ALA D 316 -15.75 26.58 -25.14
CA ALA D 316 -14.58 25.73 -25.20
C ALA D 316 -14.89 24.24 -25.31
N GLU D 317 -13.85 23.47 -25.59
CA GLU D 317 -14.05 22.05 -25.74
C GLU D 317 -12.80 21.28 -25.32
N ILE D 318 -12.76 20.86 -24.07
CA ILE D 318 -11.61 20.12 -23.54
C ILE D 318 -11.73 18.62 -23.85
N SER D 319 -10.59 17.99 -24.14
CA SER D 319 -10.54 16.58 -24.47
C SER D 319 -10.15 15.71 -23.30
N HIS D 320 -9.12 16.17 -22.57
CA HIS D 320 -8.58 15.49 -21.39
C HIS D 320 -7.81 16.46 -20.50
N MSE D 321 -8.04 16.39 -19.19
CA MSE D 321 -7.29 17.27 -18.29
C MSE D 321 -6.50 16.57 -17.21
O MSE D 321 -5.34 16.91 -16.97
CB MSE D 321 -8.18 18.32 -17.63
CG MSE D 321 -7.34 19.24 -16.73
SE MSE D 321 -8.13 20.94 -16.36
CE MSE D 321 -7.66 21.87 -17.98
N ASP D 322 -7.12 15.60 -16.53
CA ASP D 322 -6.46 14.88 -15.44
C ASP D 322 -6.67 15.67 -14.16
N TYR D 323 -7.37 15.04 -13.22
CA TYR D 323 -7.72 15.66 -11.96
C TYR D 323 -6.56 15.85 -10.99
N LEU D 324 -5.33 15.63 -11.46
CA LEU D 324 -4.19 15.81 -10.60
C LEU D 324 -3.23 16.85 -11.16
N ASN D 325 -3.55 17.38 -12.34
CA ASN D 325 -2.71 18.39 -13.01
C ASN D 325 -3.53 19.32 -13.91
N GLU D 326 -4.29 20.20 -13.29
CA GLU D 326 -5.08 21.14 -14.08
C GLU D 326 -4.17 22.12 -14.83
N TYR D 327 -4.70 22.71 -15.90
CA TYR D 327 -3.99 23.71 -16.67
C TYR D 327 -5.05 24.71 -17.04
N PRO D 328 -4.75 26.02 -16.94
CA PRO D 328 -5.73 27.05 -17.28
C PRO D 328 -6.15 26.96 -18.75
N ILE D 329 -7.42 27.25 -19.01
CA ILE D 329 -7.95 27.20 -20.38
C ILE D 329 -8.12 28.62 -20.92
N ALA D 330 -7.61 28.86 -22.14
CA ALA D 330 -7.72 30.18 -22.77
C ALA D 330 -9.03 30.26 -23.53
N VAL D 331 -9.87 31.23 -23.17
CA VAL D 331 -11.16 31.37 -23.81
C VAL D 331 -11.50 32.77 -24.33
N ASN D 332 -12.19 32.82 -25.47
CA ASN D 332 -12.63 34.06 -26.12
C ASN D 332 -14.16 34.03 -26.12
N VAL D 333 -14.78 35.09 -25.64
CA VAL D 333 -16.24 35.10 -25.60
C VAL D 333 -16.86 36.45 -25.93
N THR D 334 -18.19 36.45 -26.00
CA THR D 334 -18.95 37.65 -26.28
C THR D 334 -20.23 37.43 -25.48
N LEU D 335 -20.27 38.00 -24.28
CA LEU D 335 -21.41 37.85 -23.39
C LEU D 335 -22.56 38.82 -23.67
N PRO D 336 -23.78 38.29 -23.82
CA PRO D 336 -24.93 39.14 -24.09
C PRO D 336 -25.27 39.84 -22.78
N ASN D 337 -26.24 40.73 -22.80
CA ASN D 337 -26.59 41.41 -21.57
C ASN D 337 -27.18 40.33 -20.67
N ALA D 338 -26.97 40.45 -19.38
CA ALA D 338 -27.49 39.46 -18.44
C ALA D 338 -27.38 39.99 -17.02
N THR D 339 -27.66 39.10 -16.06
CA THR D 339 -27.58 39.46 -14.66
C THR D 339 -26.53 38.58 -13.97
N SER D 340 -26.34 37.38 -14.53
CA SER D 340 -25.37 36.41 -14.00
C SER D 340 -24.97 35.45 -15.11
N TYR D 341 -23.79 34.85 -14.97
CA TYR D 341 -23.31 33.91 -15.98
C TYR D 341 -22.93 32.58 -15.36
N ARG D 342 -23.25 31.49 -16.06
CA ARG D 342 -22.93 30.15 -15.57
C ARG D 342 -21.96 29.42 -16.48
N PHE D 343 -20.87 28.94 -15.89
CA PHE D 343 -19.92 28.16 -16.65
C PHE D 343 -20.34 26.73 -16.41
N VAL D 344 -20.81 26.09 -17.47
CA VAL D 344 -21.27 24.72 -17.37
C VAL D 344 -20.34 23.81 -18.18
N LEU D 345 -19.92 22.72 -17.54
CA LEU D 345 -19.05 21.74 -18.18
C LEU D 345 -19.97 20.56 -18.48
N VAL D 346 -19.82 19.95 -19.66
CA VAL D 346 -20.67 18.82 -20.04
C VAL D 346 -19.85 17.65 -20.58
N GLN D 347 -20.10 16.47 -20.02
CA GLN D 347 -19.42 15.24 -20.42
C GLN D 347 -20.20 14.09 -19.83
N LYS D 348 -19.92 12.88 -20.28
CA LYS D 348 -20.65 11.73 -19.76
C LYS D 348 -20.39 11.58 -18.26
N GLY D 349 -21.41 11.10 -17.54
CA GLY D 349 -21.30 10.90 -16.11
C GLY D 349 -22.50 10.15 -15.60
N PRO D 350 -22.42 9.49 -14.44
CA PRO D 350 -23.59 8.77 -13.95
C PRO D 350 -24.76 9.66 -13.56
N ILE D 351 -25.98 9.18 -13.82
CA ILE D 351 -27.21 9.91 -13.50
C ILE D 351 -28.29 8.91 -13.14
N GLY D 352 -29.34 9.39 -12.49
CA GLY D 352 -30.43 8.51 -12.11
C GLY D 352 -30.31 7.91 -10.74
N VAL D 353 -31.46 7.75 -10.08
CA VAL D 353 -31.51 7.19 -8.73
C VAL D 353 -32.52 6.04 -8.65
N LEU D 354 -32.07 4.86 -8.21
CA LEU D 354 -33.00 3.74 -8.11
C LEU D 354 -34.09 4.07 -7.09
N LEU D 355 -35.33 4.04 -7.53
CA LEU D 355 -36.46 4.34 -6.67
C LEU D 355 -37.00 3.07 -6.04
N ASP D 356 -36.35 1.95 -6.26
CA ASP D 356 -36.80 0.68 -5.70
C ASP D 356 -35.77 -0.41 -5.82
N ALA D 357 -35.97 -1.51 -5.09
CA ALA D 357 -35.02 -2.60 -5.18
C ALA D 357 -35.14 -3.20 -6.56
N PRO D 358 -34.00 -3.41 -7.23
CA PRO D 358 -34.08 -3.99 -8.57
C PRO D 358 -34.47 -5.48 -8.54
N LYS D 359 -34.73 -6.04 -9.72
CA LYS D 359 -35.10 -7.45 -9.83
C LYS D 359 -34.26 -8.16 -10.87
N VAL D 360 -33.98 -9.42 -10.61
CA VAL D 360 -33.21 -10.22 -11.54
C VAL D 360 -33.97 -11.51 -11.67
N ASN D 361 -34.76 -11.59 -12.73
CA ASN D 361 -35.61 -12.74 -13.01
C ASN D 361 -36.75 -12.68 -12.01
N GLY D 362 -37.35 -11.51 -11.87
CA GLY D 362 -38.46 -11.36 -10.95
C GLY D 362 -38.08 -11.20 -9.49
N GLU D 363 -37.17 -12.03 -9.00
CA GLU D 363 -36.73 -11.95 -7.60
C GLU D 363 -35.91 -10.67 -7.33
N ILE D 364 -36.02 -10.16 -6.10
CA ILE D 364 -35.33 -8.93 -5.70
C ILE D 364 -33.84 -9.16 -5.47
N ARG D 365 -33.04 -8.16 -5.81
CA ARG D 365 -31.60 -8.23 -5.66
C ARG D 365 -31.01 -6.88 -5.21
N SER D 366 -29.77 -6.92 -4.71
CA SER D 366 -29.10 -5.70 -4.23
C SER D 366 -28.62 -4.77 -5.31
N PRO D 367 -28.95 -3.49 -5.16
CA PRO D 367 -28.52 -2.52 -6.16
C PRO D 367 -27.01 -2.38 -6.16
N THR D 368 -26.37 -3.18 -5.34
CA THR D 368 -24.92 -3.13 -5.18
C THR D 368 -24.24 -4.42 -5.63
N ASN D 369 -25.03 -5.47 -5.81
CA ASN D 369 -24.54 -6.76 -6.28
C ASN D 369 -25.66 -7.42 -7.04
N ILE D 370 -26.07 -6.70 -8.08
CA ILE D 370 -27.16 -7.08 -8.97
C ILE D 370 -26.98 -8.41 -9.70
N LEU D 371 -25.73 -8.80 -9.96
CA LEU D 371 -25.50 -10.07 -10.62
C LEU D 371 -24.26 -10.79 -10.10
N ARG D 372 -24.39 -12.08 -9.82
CA ARG D 372 -23.25 -12.85 -9.38
C ARG D 372 -22.31 -12.91 -10.59
N GLU D 373 -21.10 -13.38 -10.38
CA GLU D 373 -20.15 -13.44 -11.48
C GLU D 373 -20.38 -14.69 -12.29
N GLY D 374 -20.83 -14.49 -13.53
CA GLY D 374 -21.13 -15.62 -14.40
C GLY D 374 -22.62 -15.87 -14.54
N GLU D 375 -23.42 -14.92 -14.06
CA GLU D 375 -24.87 -15.03 -14.11
C GLU D 375 -25.47 -14.15 -15.20
N SER D 376 -26.53 -14.65 -15.82
CA SER D 376 -27.23 -13.92 -16.86
C SER D 376 -28.63 -13.72 -16.32
N GLY D 377 -29.36 -12.73 -16.82
CA GLY D 377 -30.70 -12.52 -16.33
C GLY D 377 -31.33 -11.23 -16.79
N GLU D 378 -32.62 -11.09 -16.46
CA GLU D 378 -33.34 -9.89 -16.83
C GLU D 378 -33.32 -8.95 -15.63
N ILE D 379 -32.85 -7.73 -15.86
CA ILE D 379 -32.77 -6.75 -14.80
C ILE D 379 -33.86 -5.70 -15.00
N GLU D 380 -34.71 -5.53 -14.01
CA GLU D 380 -35.75 -4.50 -14.07
C GLU D 380 -35.50 -3.52 -12.91
N LEU D 381 -35.46 -2.23 -13.23
CA LEU D 381 -35.23 -1.22 -12.21
C LEU D 381 -35.95 0.10 -12.44
N LYS D 382 -36.46 0.70 -11.37
CA LYS D 382 -37.15 1.98 -11.45
C LYS D 382 -36.11 3.07 -11.22
N VAL D 383 -36.17 4.13 -12.02
CA VAL D 383 -35.19 5.18 -11.90
C VAL D 383 -35.74 6.56 -12.13
N GLY D 384 -35.71 7.39 -11.09
CA GLY D 384 -36.18 8.75 -11.26
C GLY D 384 -35.01 9.62 -11.68
N VAL D 385 -35.28 10.66 -12.48
CA VAL D 385 -34.24 11.59 -12.93
C VAL D 385 -34.86 12.98 -12.88
N ASP D 386 -34.02 14.00 -12.78
CA ASP D 386 -34.53 15.38 -12.67
C ASP D 386 -34.78 16.08 -13.99
N LYS D 387 -34.40 15.46 -15.09
CA LYS D 387 -34.62 16.05 -16.41
C LYS D 387 -34.53 14.93 -17.45
N ASP D 388 -34.91 15.23 -18.69
CA ASP D 388 -34.87 14.21 -19.73
C ASP D 388 -33.43 13.87 -20.08
N TYR D 389 -33.17 12.58 -20.26
CA TYR D 389 -31.85 12.07 -20.61
C TYR D 389 -31.90 10.90 -21.60
N THR D 390 -30.93 10.87 -22.51
CA THR D 390 -30.80 9.76 -23.45
C THR D 390 -29.58 9.13 -22.78
N ALA D 391 -29.73 7.91 -22.29
CA ALA D 391 -28.65 7.29 -21.57
C ALA D 391 -28.28 5.85 -21.86
N ASP D 392 -26.99 5.56 -21.72
CA ASP D 392 -26.49 4.22 -21.91
C ASP D 392 -26.51 3.61 -20.50
N LEU D 393 -26.54 2.29 -20.42
CA LEU D 393 -26.58 1.61 -19.13
C LEU D 393 -25.55 0.50 -19.02
N TYR D 394 -24.59 0.68 -18.09
CA TYR D 394 -23.55 -0.33 -17.88
C TYR D 394 -23.65 -1.01 -16.53
N LEU D 395 -22.88 -2.08 -16.43
CA LEU D 395 -22.70 -2.81 -15.19
C LEU D 395 -21.33 -2.25 -14.77
N ARG D 396 -21.23 -1.67 -13.57
CA ARG D 396 -19.95 -1.10 -13.15
C ARG D 396 -19.41 -1.67 -11.84
N ALA D 397 -18.14 -2.09 -11.85
CA ALA D 397 -17.51 -2.65 -10.65
C ALA D 397 -16.82 -1.61 -9.73
N THR D 398 -16.89 -1.85 -8.43
CA THR D 398 -16.25 -0.95 -7.50
C THR D 398 -15.62 -1.71 -6.37
N PHE D 399 -14.29 -1.70 -6.33
CA PHE D 399 -13.58 -2.38 -5.27
C PHE D 399 -13.19 -1.35 -4.24
N ILE D 400 -13.61 -1.55 -2.99
CA ILE D 400 -13.20 -0.65 -1.92
C ILE D 400 -12.46 -1.49 -0.92
N TYR D 401 -11.17 -1.23 -0.78
CA TYR D 401 -10.38 -2.01 0.16
C TYR D 401 -9.31 -1.16 0.90
N LEU D 402 -8.67 -1.79 1.89
CA LEU D 402 -7.63 -1.16 2.71
C LEU D 402 -6.33 -1.89 2.60
N VAL D 403 -5.25 -1.13 2.49
CA VAL D 403 -3.92 -1.73 2.46
C VAL D 403 -3.17 -1.23 3.70
N ARG D 404 -2.62 -2.15 4.47
CA ARG D 404 -1.86 -1.80 5.66
C ARG D 404 -0.56 -1.17 5.17
N LYS D 405 -0.31 0.10 5.53
CA LYS D 405 0.91 0.75 5.06
C LYS D 405 2.03 0.90 6.10
N SER D 406 1.89 0.21 7.23
CA SER D 406 2.88 0.24 8.30
C SER D 406 2.54 -0.89 9.30
N GLY D 407 3.55 -1.41 9.98
CA GLY D 407 3.28 -2.48 10.91
C GLY D 407 3.90 -3.77 10.40
N LYS D 408 3.88 -4.81 11.22
CA LYS D 408 4.46 -6.09 10.80
C LYS D 408 3.27 -6.94 10.41
N ASP D 409 2.11 -6.51 10.87
CA ASP D 409 0.88 -7.18 10.54
C ASP D 409 -0.32 -6.43 11.08
N ASN D 410 -1.51 -6.88 10.72
CA ASN D 410 -2.76 -6.22 11.09
C ASN D 410 -3.06 -6.01 12.57
N GLU D 411 -2.40 -6.76 13.43
CA GLU D 411 -2.60 -6.59 14.87
C GLU D 411 -1.63 -5.53 15.40
N ASP D 412 -0.44 -5.47 14.79
CA ASP D 412 0.58 -4.51 15.19
C ASP D 412 -0.05 -3.13 15.36
N TYR D 413 0.21 -2.48 16.50
CA TYR D 413 -0.32 -1.15 16.78
C TYR D 413 0.41 -0.10 15.99
N ASP D 414 1.48 -0.51 15.32
CA ASP D 414 2.25 0.42 14.49
C ASP D 414 1.45 0.68 13.23
N ALA D 415 0.64 -0.32 12.87
CA ALA D 415 -0.18 -0.32 11.68
C ALA D 415 -1.18 0.80 11.45
N ALA D 416 -1.15 1.31 10.22
CA ALA D 416 -2.08 2.34 9.74
C ALA D 416 -2.64 1.74 8.41
N PHE D 417 -3.96 1.85 8.20
CA PHE D 417 -4.60 1.29 7.01
C PHE D 417 -5.14 2.30 6.01
N GLU D 418 -4.57 2.30 4.81
CA GLU D 418 -4.99 3.23 3.77
C GLU D 418 -6.12 2.75 2.85
N PRO D 419 -7.25 3.48 2.81
CA PRO D 419 -8.41 3.17 1.99
C PRO D 419 -8.15 3.32 0.47
N GLN D 420 -8.78 2.45 -0.31
CA GLN D 420 -8.67 2.48 -1.76
C GLN D 420 -10.03 2.24 -2.42
N MSE D 421 -10.27 2.96 -3.51
CA MSE D 421 -11.50 2.82 -4.30
C MSE D 421 -11.19 2.70 -5.79
O MSE D 421 -10.93 3.69 -6.46
CB MSE D 421 -12.41 4.04 -4.07
CG MSE D 421 -13.72 3.98 -4.83
SE MSE D 421 -14.87 5.51 -4.48
CE MSE D 421 -16.15 4.62 -3.33
N ASP D 422 -11.18 1.47 -6.31
CA ASP D 422 -10.95 1.22 -7.75
C ASP D 422 -12.26 0.93 -8.45
N VAL D 423 -12.52 1.70 -9.50
CA VAL D 423 -13.75 1.54 -10.24
C VAL D 423 -13.54 1.30 -11.73
N PHE D 424 -14.32 0.39 -12.29
CA PHE D 424 -14.27 0.11 -13.73
C PHE D 424 -15.59 -0.39 -14.29
N PHE D 425 -15.89 0.10 -15.50
CA PHE D 425 -17.12 -0.32 -16.18
C PHE D 425 -16.83 -1.65 -16.83
N ILE D 426 -17.76 -2.59 -16.67
CA ILE D 426 -17.62 -3.93 -17.22
C ILE D 426 -18.09 -4.07 -18.68
N THR D 427 -19.38 -3.89 -18.92
CA THR D 427 -19.99 -3.98 -20.26
C THR D 427 -21.17 -3.04 -20.34
N LYS D 428 -21.48 -2.58 -21.54
CA LYS D 428 -22.65 -1.72 -21.69
C LYS D 428 -23.80 -2.72 -21.97
N ILE D 429 -24.91 -2.58 -21.24
CA ILE D 429 -26.01 -3.51 -21.45
C ILE D 429 -27.27 -2.79 -21.91
N GLY D 430 -27.17 -1.48 -22.08
CA GLY D 430 -28.32 -0.70 -22.50
C GLY D 430 -27.87 0.45 -23.38
N GLU D 431 -28.46 0.55 -24.56
CA GLU D 431 -28.10 1.64 -25.45
C GLU D 431 -29.26 2.62 -25.63
N ASN D 432 -28.92 3.87 -25.87
CA ASN D 432 -29.88 4.95 -26.07
C ASN D 432 -31.20 4.87 -25.31
N ILE D 433 -31.18 4.52 -24.04
CA ILE D 433 -32.41 4.44 -23.26
C ILE D 433 -32.99 5.85 -23.08
N GLN D 434 -34.29 6.01 -23.33
CA GLN D 434 -34.93 7.33 -23.19
C GLN D 434 -35.42 7.54 -21.77
N LEU D 435 -34.87 8.54 -21.09
CA LEU D 435 -35.28 8.82 -19.72
C LEU D 435 -36.03 10.14 -19.61
N LYS D 436 -37.30 10.06 -19.22
CA LYS D 436 -38.15 11.24 -19.06
C LYS D 436 -38.13 11.59 -17.58
N GLU D 437 -38.34 12.86 -17.24
CA GLU D 437 -38.35 13.26 -15.83
C GLU D 437 -39.23 12.30 -15.04
N GLY D 438 -38.96 12.16 -13.76
CA GLY D 438 -39.77 11.28 -12.93
C GLY D 438 -39.39 9.82 -13.03
N GLU D 439 -40.25 8.97 -12.50
CA GLU D 439 -40.03 7.52 -12.50
C GLU D 439 -39.93 6.96 -13.90
N ASN D 440 -39.01 6.03 -14.07
CA ASN D 440 -38.78 5.39 -15.34
C ASN D 440 -38.53 3.94 -15.03
N THR D 441 -39.06 3.06 -15.86
CA THR D 441 -38.84 1.64 -15.64
C THR D 441 -38.01 1.14 -16.82
N VAL D 442 -37.10 0.22 -16.52
CA VAL D 442 -36.24 -0.32 -17.55
C VAL D 442 -36.01 -1.81 -17.33
N LYS D 443 -36.36 -2.61 -18.32
CA LYS D 443 -36.11 -4.05 -18.25
C LYS D 443 -35.05 -4.27 -19.31
N VAL D 444 -33.99 -4.99 -18.95
CA VAL D 444 -32.92 -5.24 -19.88
C VAL D 444 -32.26 -6.55 -19.52
N ARG D 445 -31.66 -7.21 -20.49
CA ARG D 445 -31.00 -8.47 -20.21
C ARG D 445 -29.55 -8.13 -20.01
N ALA D 446 -28.91 -8.85 -19.08
CA ALA D 446 -27.49 -8.60 -18.81
C ALA D 446 -26.77 -9.83 -18.31
N GLU D 447 -25.46 -9.79 -18.43
CA GLU D 447 -24.63 -10.89 -17.97
C GLU D 447 -23.33 -10.33 -17.42
N LEU D 448 -22.91 -10.87 -16.30
CA LEU D 448 -21.67 -10.47 -15.66
C LEU D 448 -20.68 -11.55 -16.03
N PRO D 449 -19.87 -11.31 -17.07
CA PRO D 449 -18.86 -12.25 -17.57
C PRO D 449 -18.00 -12.85 -16.46
N GLU D 450 -17.87 -14.17 -16.47
CA GLU D 450 -17.08 -14.84 -15.47
C GLU D 450 -15.64 -14.33 -15.59
N GLY D 451 -14.89 -14.46 -14.49
CA GLY D 451 -13.49 -14.04 -14.47
C GLY D 451 -13.25 -12.56 -14.66
N VAL D 452 -14.12 -11.72 -14.14
CA VAL D 452 -13.93 -10.28 -14.29
C VAL D 452 -13.73 -9.67 -12.93
N ILE D 453 -14.67 -9.91 -12.02
CA ILE D 453 -14.54 -9.40 -10.68
C ILE D 453 -13.45 -10.23 -9.99
N SER D 454 -13.57 -11.54 -10.03
CA SER D 454 -12.60 -12.41 -9.39
C SER D 454 -11.20 -12.14 -9.93
N SER D 455 -11.12 -11.80 -11.20
CA SER D 455 -9.81 -11.56 -11.79
C SER D 455 -9.05 -10.47 -11.04
N TYR D 456 -9.70 -9.33 -10.81
CA TYR D 456 -9.10 -8.22 -10.09
C TYR D 456 -8.81 -8.61 -8.64
N LYS D 457 -9.80 -9.18 -7.96
CA LYS D 457 -9.65 -9.60 -6.57
C LYS D 457 -8.40 -10.42 -6.42
N ASP D 458 -8.28 -11.42 -7.28
CA ASP D 458 -7.13 -12.30 -7.27
C ASP D 458 -5.82 -11.52 -7.36
N GLU D 459 -5.80 -10.52 -8.22
CA GLU D 459 -4.62 -9.70 -8.43
C GLU D 459 -4.31 -8.81 -7.21
N LEU D 460 -5.35 -8.26 -6.58
CA LEU D 460 -5.13 -7.43 -5.41
C LEU D 460 -4.54 -8.35 -4.34
N GLN D 461 -5.15 -9.52 -4.20
CA GLN D 461 -4.68 -10.49 -3.24
C GLN D 461 -3.21 -10.85 -3.44
N ARG D 462 -2.77 -10.78 -4.68
CA ARG D 462 -1.40 -11.14 -5.03
C ARG D 462 -0.45 -9.98 -4.84
N LYS D 463 -0.99 -8.78 -4.97
CA LYS D 463 -0.21 -7.56 -4.85
C LYS D 463 -0.02 -7.12 -3.39
N TYR D 464 -0.91 -7.58 -2.51
CA TYR D 464 -0.86 -7.15 -1.13
C TYR D 464 -0.79 -8.19 -0.03
N GLY D 465 -1.16 -9.44 -0.32
CA GLY D 465 -1.10 -10.45 0.72
C GLY D 465 -1.86 -10.03 1.96
N ASP D 466 -1.39 -10.43 3.14
CA ASP D 466 -2.07 -10.10 4.40
C ASP D 466 -2.38 -8.61 4.60
N LYS D 467 -1.69 -7.73 3.87
CA LYS D 467 -1.90 -6.28 4.01
C LYS D 467 -3.22 -5.81 3.44
N LEU D 468 -3.88 -6.69 2.69
CA LEU D 468 -5.15 -6.36 2.04
C LEU D 468 -6.36 -6.72 2.87
N ILE D 469 -7.30 -5.79 2.97
CA ILE D 469 -8.56 -6.04 3.70
C ILE D 469 -9.68 -5.47 2.85
N ILE D 470 -10.47 -6.35 2.23
CA ILE D 470 -11.54 -5.88 1.38
C ILE D 470 -12.73 -5.42 2.21
N ARG D 471 -13.20 -4.23 1.91
CA ARG D 471 -14.31 -3.69 2.66
C ARG D 471 -15.59 -3.75 1.84
N GLY D 472 -15.46 -4.13 0.57
CA GLY D 472 -16.62 -4.22 -0.29
C GLY D 472 -16.36 -4.25 -1.78
N ILE D 473 -17.04 -5.14 -2.48
CA ILE D 473 -16.94 -5.26 -3.95
C ILE D 473 -18.35 -5.09 -4.54
N ARG D 474 -18.58 -3.96 -5.21
CA ARG D 474 -19.88 -3.67 -5.80
C ARG D 474 -19.94 -3.96 -7.30
N VAL D 475 -21.10 -4.45 -7.72
CA VAL D 475 -21.39 -4.73 -9.13
C VAL D 475 -22.74 -4.08 -9.23
N GLU D 476 -22.78 -2.88 -9.80
CA GLU D 476 -24.05 -2.18 -9.89
C GLU D 476 -24.43 -1.72 -11.30
N PRO D 477 -25.72 -1.40 -11.49
CA PRO D 477 -26.25 -0.94 -12.77
C PRO D 477 -26.12 0.56 -12.70
N VAL D 478 -25.46 1.17 -13.68
CA VAL D 478 -25.25 2.62 -13.66
C VAL D 478 -25.64 3.24 -15.00
N PHE D 479 -26.42 4.32 -14.94
CA PHE D 479 -26.81 5.02 -16.16
C PHE D 479 -25.86 6.15 -16.52
N ILE D 480 -25.26 6.11 -17.70
CA ILE D 480 -24.36 7.17 -18.14
C ILE D 480 -25.02 8.00 -19.23
N ALA D 481 -25.03 9.32 -19.05
CA ALA D 481 -25.62 10.24 -20.02
C ALA D 481 -24.82 11.53 -19.99
N GLU D 482 -24.77 12.26 -21.10
CA GLU D 482 -24.03 13.52 -21.09
C GLU D 482 -24.79 14.40 -20.07
N LYS D 483 -24.07 14.87 -19.05
CA LYS D 483 -24.70 15.68 -18.02
C LYS D 483 -24.02 17.03 -17.81
N GLU D 484 -24.82 17.98 -17.31
CA GLU D 484 -24.36 19.34 -17.07
C GLU D 484 -23.79 19.51 -15.67
N TYR D 485 -22.62 20.11 -15.58
CA TYR D 485 -22.02 20.35 -14.28
C TYR D 485 -21.82 21.86 -14.15
N LEU D 486 -22.30 22.43 -13.06
CA LEU D 486 -22.17 23.87 -12.78
C LEU D 486 -20.80 24.22 -12.19
N MSE D 487 -19.86 24.64 -13.02
CA MSE D 487 -18.53 24.96 -12.54
C MSE D 487 -18.51 26.21 -11.69
O MSE D 487 -17.84 26.27 -10.65
CB MSE D 487 -17.57 25.19 -13.70
CG MSE D 487 -17.41 24.03 -14.62
SE MSE D 487 -15.84 24.27 -15.71
CE MSE D 487 -16.61 25.27 -17.17
N LEU D 488 -19.25 27.22 -12.14
CA LEU D 488 -19.27 28.49 -11.46
C LEU D 488 -20.32 29.41 -12.05
N GLU D 489 -20.77 30.37 -11.25
CA GLU D 489 -21.76 31.34 -11.69
C GLU D 489 -21.43 32.69 -11.09
N VAL D 490 -21.04 33.61 -11.96
CA VAL D 490 -20.68 34.97 -11.57
C VAL D 490 -21.67 36.02 -12.04
N SER D 491 -21.99 36.95 -11.15
CA SER D 491 -22.93 38.05 -11.43
C SER D 491 -22.38 38.99 -12.49
N ALA D 492 -23.24 39.77 -13.14
CA ALA D 492 -22.83 40.72 -14.19
C ALA D 492 -22.58 42.11 -13.63
N SER D 493 -21.58 42.80 -14.19
CA SER D 493 -21.24 44.15 -13.73
C SER D 493 -21.55 45.26 -14.74
N ALA D 494 -21.04 46.47 -14.48
CA ALA D 494 -21.30 47.64 -15.33
C ALA D 494 -20.28 48.07 -16.40
N PRO D 495 -18.99 48.24 -16.06
CA PRO D 495 -18.29 48.07 -14.78
C PRO D 495 -18.11 49.41 -14.06
N HIS D 496 -18.87 50.42 -14.49
CA HIS D 496 -18.77 51.75 -13.88
C HIS D 496 -19.41 51.75 -12.49
CA CA E . -12.74 -25.89 -12.97
CL CL F . -17.04 -26.78 -29.53
CA CA G . 45.32 1.18 -34.76
CL CL H . 46.38 8.31 -19.20
CA CA I . -24.31 6.45 55.97
CL CL J . -8.96 12.92 59.94
CA CA K . -7.45 18.42 -8.67
CL CL L . -18.68 6.21 -12.56
#